data_6F5X
# 
_entry.id   6F5X 
# 
_audit_conform.dict_name       mmcif_pdbx.dic 
_audit_conform.dict_version    5.391 
_audit_conform.dict_location   http://mmcif.pdb.org/dictionaries/ascii/mmcif_pdbx.dic 
# 
loop_
_database_2.database_id 
_database_2.database_code 
_database_2.pdbx_database_accession 
_database_2.pdbx_DOI 
PDB   6F5X         pdb_00006f5x 10.2210/pdb6f5x/pdb 
WWPDB D_1200007795 ?            ?                   
# 
loop_
_pdbx_audit_revision_history.ordinal 
_pdbx_audit_revision_history.data_content_type 
_pdbx_audit_revision_history.major_revision 
_pdbx_audit_revision_history.minor_revision 
_pdbx_audit_revision_history.revision_date 
1 'Structure model' 1 0 2018-06-06 
2 'Structure model' 1 1 2018-07-04 
3 'Structure model' 1 2 2018-08-01 
4 'Structure model' 1 3 2024-05-08 
# 
_pdbx_audit_revision_details.ordinal             1 
_pdbx_audit_revision_details.revision_ordinal    1 
_pdbx_audit_revision_details.data_content_type   'Structure model' 
_pdbx_audit_revision_details.provider            repository 
_pdbx_audit_revision_details.type                'Initial release' 
_pdbx_audit_revision_details.description         ? 
_pdbx_audit_revision_details.details             ? 
# 
loop_
_pdbx_audit_revision_group.ordinal 
_pdbx_audit_revision_group.revision_ordinal 
_pdbx_audit_revision_group.data_content_type 
_pdbx_audit_revision_group.group 
1 2 'Structure model' 'Data collection'     
2 2 'Structure model' 'Database references' 
3 3 'Structure model' 'Data collection'     
4 3 'Structure model' 'Database references' 
5 4 'Structure model' 'Data collection'     
6 4 'Structure model' 'Database references' 
# 
loop_
_pdbx_audit_revision_category.ordinal 
_pdbx_audit_revision_category.revision_ordinal 
_pdbx_audit_revision_category.data_content_type 
_pdbx_audit_revision_category.category 
1 2 'Structure model' citation       
2 3 'Structure model' citation       
3 4 'Structure model' chem_comp_atom 
4 4 'Structure model' chem_comp_bond 
5 4 'Structure model' database_2     
# 
loop_
_pdbx_audit_revision_item.ordinal 
_pdbx_audit_revision_item.revision_ordinal 
_pdbx_audit_revision_item.data_content_type 
_pdbx_audit_revision_item.item 
1 2 'Structure model' '_citation.journal_abbrev'            
2 2 'Structure model' '_citation.pdbx_database_id_DOI'      
3 2 'Structure model' '_citation.pdbx_database_id_PubMed'   
4 2 'Structure model' '_citation.title'                     
5 3 'Structure model' '_citation.journal_volume'            
6 3 'Structure model' '_citation.page_first'                
7 3 'Structure model' '_citation.page_last'                 
8 4 'Structure model' '_database_2.pdbx_DOI'                
9 4 'Structure model' '_database_2.pdbx_database_accession' 
# 
_pdbx_database_status.status_code                     REL 
_pdbx_database_status.status_code_sf                  REL 
_pdbx_database_status.status_code_mr                  ? 
_pdbx_database_status.entry_id                        6F5X 
_pdbx_database_status.recvd_initial_deposition_date   2017-12-04 
_pdbx_database_status.SG_entry                        N 
_pdbx_database_status.deposit_site                    PDBE 
_pdbx_database_status.process_site                    PDBE 
_pdbx_database_status.status_code_cs                  ? 
_pdbx_database_status.methods_development_category    ? 
_pdbx_database_status.pdb_format_compatible           Y 
_pdbx_database_status.status_code_nmr_data            ? 
# 
loop_
_audit_author.name 
_audit_author.pdbx_ordinal 
_audit_author.identifier_ORCID 
'Ratcliff, M.' 1 ?                   
'Dunce, J.M.'  2 ?                   
'Davies, O.R.' 3 0000-0002-3806-5403 
# 
_citation.abstract                  ? 
_citation.abstract_id_CAS           ? 
_citation.book_id_ISBN              ? 
_citation.book_publisher            ? 
_citation.book_publisher_city       ? 
_citation.book_title                ? 
_citation.coordinate_linkage        ? 
_citation.country                   US 
_citation.database_id_Medline       ? 
_citation.details                   ? 
_citation.id                        primary 
_citation.journal_abbrev            'Nat. Struct. Mol. Biol.' 
_citation.journal_id_ASTM           ? 
_citation.journal_id_CSD            ? 
_citation.journal_id_ISSN           1545-9985 
_citation.journal_full              ? 
_citation.journal_issue             ? 
_citation.journal_volume            25 
_citation.language                  ? 
_citation.page_first                557 
_citation.page_last                 569 
_citation.title                     'Structural basis of meiotic chromosome synapsis through SYCP1 self-assembly.' 
_citation.year                      2018 
_citation.database_id_CSD           ? 
_citation.pdbx_database_id_DOI      10.1038/s41594-018-0078-9 
_citation.pdbx_database_id_PubMed   29915389 
_citation.unpublished_flag          ? 
# 
loop_
_citation_author.citation_id 
_citation_author.name 
_citation_author.ordinal 
_citation_author.identifier_ORCID 
primary 'Dunce, J.M.'  1 ? 
primary 'Dunne, O.M.'  2 ? 
primary 'Ratcliff, M.' 3 ? 
primary 'Millan, C.'   4 ? 
primary 'Madgwick, S.' 5 ? 
primary 'Uson, I.'     6 ? 
primary 'Davies, O.R.' 7 ? 
# 
loop_
_entity.id 
_entity.type 
_entity.src_method 
_entity.pdbx_description 
_entity.formula_weight 
_entity.pdbx_number_of_molecules 
_entity.pdbx_ec 
_entity.pdbx_mutation 
_entity.pdbx_fragment 
_entity.details 
1 polymer     man 'Synaptonemal complex protein 1' 9168.571 1  ? ? ? ? 
2 non-polymer syn 'IODIDE ION'                     126.904  2  ? ? ? ? 
3 non-polymer syn 'TRIETHYLENE GLYCOL'             150.173  1  ? ? ? ? 
4 water       nat water                            18.015   32 ? ? ? ? 
# 
_entity_name_com.entity_id   1 
_entity_name_com.name        'SCP-1,Cancer/testis antigen 8,CT8' 
# 
_entity_poly.entity_id                      1 
_entity_poly.type                           'polypeptide(L)' 
_entity_poly.nstd_linkage                   no 
_entity_poly.nstd_monomer                   no 
_entity_poly.pdbx_seq_one_letter_code       GSMGLSRVYSKLYKEAEKIKKWKVSTEAELRQKESKLQENRKIIEAQRKAIQELQFGNEKVSLKLEEGIQENKDLIKE 
_entity_poly.pdbx_seq_one_letter_code_can   GSMGLSRVYSKLYKEAEKIKKWKVSTEAELRQKESKLQENRKIIEAQRKAIQELQFGNEKVSLKLEEGIQENKDLIKE 
_entity_poly.pdbx_strand_id                 A 
_entity_poly.pdbx_target_identifier         ? 
# 
loop_
_pdbx_entity_nonpoly.entity_id 
_pdbx_entity_nonpoly.name 
_pdbx_entity_nonpoly.comp_id 
2 'IODIDE ION'         IOD 
3 'TRIETHYLENE GLYCOL' PGE 
4 water                HOH 
# 
loop_
_entity_poly_seq.entity_id 
_entity_poly_seq.num 
_entity_poly_seq.mon_id 
_entity_poly_seq.hetero 
1 1  GLY n 
1 2  SER n 
1 3  MET n 
1 4  GLY n 
1 5  LEU n 
1 6  SER n 
1 7  ARG n 
1 8  VAL n 
1 9  TYR n 
1 10 SER n 
1 11 LYS n 
1 12 LEU n 
1 13 TYR n 
1 14 LYS n 
1 15 GLU n 
1 16 ALA n 
1 17 GLU n 
1 18 LYS n 
1 19 ILE n 
1 20 LYS n 
1 21 LYS n 
1 22 TRP n 
1 23 LYS n 
1 24 VAL n 
1 25 SER n 
1 26 THR n 
1 27 GLU n 
1 28 ALA n 
1 29 GLU n 
1 30 LEU n 
1 31 ARG n 
1 32 GLN n 
1 33 LYS n 
1 34 GLU n 
1 35 SER n 
1 36 LYS n 
1 37 LEU n 
1 38 GLN n 
1 39 GLU n 
1 40 ASN n 
1 41 ARG n 
1 42 LYS n 
1 43 ILE n 
1 44 ILE n 
1 45 GLU n 
1 46 ALA n 
1 47 GLN n 
1 48 ARG n 
1 49 LYS n 
1 50 ALA n 
1 51 ILE n 
1 52 GLN n 
1 53 GLU n 
1 54 LEU n 
1 55 GLN n 
1 56 PHE n 
1 57 GLY n 
1 58 ASN n 
1 59 GLU n 
1 60 LYS n 
1 61 VAL n 
1 62 SER n 
1 63 LEU n 
1 64 LYS n 
1 65 LEU n 
1 66 GLU n 
1 67 GLU n 
1 68 GLY n 
1 69 ILE n 
1 70 GLN n 
1 71 GLU n 
1 72 ASN n 
1 73 LYS n 
1 74 ASP n 
1 75 LEU n 
1 76 ILE n 
1 77 LYS n 
1 78 GLU n 
# 
_entity_src_gen.entity_id                          1 
_entity_src_gen.pdbx_src_id                        1 
_entity_src_gen.pdbx_alt_source_flag               sample 
_entity_src_gen.pdbx_seq_type                      'Biological sequence' 
_entity_src_gen.pdbx_beg_seq_num                   1 
_entity_src_gen.pdbx_end_seq_num                   78 
_entity_src_gen.gene_src_common_name               Human 
_entity_src_gen.gene_src_genus                     ? 
_entity_src_gen.pdbx_gene_src_gene                 'SYCP1, SCP1' 
_entity_src_gen.gene_src_species                   ? 
_entity_src_gen.gene_src_strain                    ? 
_entity_src_gen.gene_src_tissue                    ? 
_entity_src_gen.gene_src_tissue_fraction           ? 
_entity_src_gen.gene_src_details                   ? 
_entity_src_gen.pdbx_gene_src_fragment             ? 
_entity_src_gen.pdbx_gene_src_scientific_name      'Homo sapiens' 
_entity_src_gen.pdbx_gene_src_ncbi_taxonomy_id     9606 
_entity_src_gen.pdbx_gene_src_variant              ? 
_entity_src_gen.pdbx_gene_src_cell_line            ? 
_entity_src_gen.pdbx_gene_src_atcc                 ? 
_entity_src_gen.pdbx_gene_src_organ                ? 
_entity_src_gen.pdbx_gene_src_organelle            ? 
_entity_src_gen.pdbx_gene_src_cell                 ? 
_entity_src_gen.pdbx_gene_src_cellular_location    ? 
_entity_src_gen.host_org_common_name               ? 
_entity_src_gen.pdbx_host_org_scientific_name      'Escherichia coli' 
_entity_src_gen.pdbx_host_org_ncbi_taxonomy_id     562 
_entity_src_gen.host_org_genus                     ? 
_entity_src_gen.pdbx_host_org_gene                 ? 
_entity_src_gen.pdbx_host_org_organ                ? 
_entity_src_gen.host_org_species                   ? 
_entity_src_gen.pdbx_host_org_tissue               ? 
_entity_src_gen.pdbx_host_org_tissue_fraction      ? 
_entity_src_gen.pdbx_host_org_strain               ? 
_entity_src_gen.pdbx_host_org_variant              ? 
_entity_src_gen.pdbx_host_org_cell_line            ? 
_entity_src_gen.pdbx_host_org_atcc                 ? 
_entity_src_gen.pdbx_host_org_culture_collection   ? 
_entity_src_gen.pdbx_host_org_cell                 ? 
_entity_src_gen.pdbx_host_org_organelle            ? 
_entity_src_gen.pdbx_host_org_cellular_location    ? 
_entity_src_gen.pdbx_host_org_vector_type          ? 
_entity_src_gen.pdbx_host_org_vector               ? 
_entity_src_gen.host_org_details                   ? 
_entity_src_gen.expression_system_id               ? 
_entity_src_gen.plasmid_name                       ? 
_entity_src_gen.plasmid_details                    ? 
_entity_src_gen.pdbx_description                   ? 
# 
loop_
_chem_comp.id 
_chem_comp.type 
_chem_comp.mon_nstd_flag 
_chem_comp.name 
_chem_comp.pdbx_synonyms 
_chem_comp.formula 
_chem_comp.formula_weight 
ALA 'L-peptide linking' y ALANINE              ? 'C3 H7 N O2'     89.093  
ARG 'L-peptide linking' y ARGININE             ? 'C6 H15 N4 O2 1' 175.209 
ASN 'L-peptide linking' y ASPARAGINE           ? 'C4 H8 N2 O3'    132.118 
ASP 'L-peptide linking' y 'ASPARTIC ACID'      ? 'C4 H7 N O4'     133.103 
GLN 'L-peptide linking' y GLUTAMINE            ? 'C5 H10 N2 O3'   146.144 
GLU 'L-peptide linking' y 'GLUTAMIC ACID'      ? 'C5 H9 N O4'     147.129 
GLY 'peptide linking'   y GLYCINE              ? 'C2 H5 N O2'     75.067  
HOH non-polymer         . WATER                ? 'H2 O'           18.015  
ILE 'L-peptide linking' y ISOLEUCINE           ? 'C6 H13 N O2'    131.173 
IOD non-polymer         . 'IODIDE ION'         ? 'I -1'           126.904 
LEU 'L-peptide linking' y LEUCINE              ? 'C6 H13 N O2'    131.173 
LYS 'L-peptide linking' y LYSINE               ? 'C6 H15 N2 O2 1' 147.195 
MET 'L-peptide linking' y METHIONINE           ? 'C5 H11 N O2 S'  149.211 
PGE non-polymer         . 'TRIETHYLENE GLYCOL' ? 'C6 H14 O4'      150.173 
PHE 'L-peptide linking' y PHENYLALANINE        ? 'C9 H11 N O2'    165.189 
SER 'L-peptide linking' y SERINE               ? 'C3 H7 N O3'     105.093 
THR 'L-peptide linking' y THREONINE            ? 'C4 H9 N O3'     119.119 
TRP 'L-peptide linking' y TRYPTOPHAN           ? 'C11 H12 N2 O2'  204.225 
TYR 'L-peptide linking' y TYROSINE             ? 'C9 H11 N O3'    181.189 
VAL 'L-peptide linking' y VALINE               ? 'C5 H11 N O2'    117.146 
# 
loop_
_pdbx_poly_seq_scheme.asym_id 
_pdbx_poly_seq_scheme.entity_id 
_pdbx_poly_seq_scheme.seq_id 
_pdbx_poly_seq_scheme.mon_id 
_pdbx_poly_seq_scheme.ndb_seq_num 
_pdbx_poly_seq_scheme.pdb_seq_num 
_pdbx_poly_seq_scheme.auth_seq_num 
_pdbx_poly_seq_scheme.pdb_mon_id 
_pdbx_poly_seq_scheme.auth_mon_id 
_pdbx_poly_seq_scheme.pdb_strand_id 
_pdbx_poly_seq_scheme.pdb_ins_code 
_pdbx_poly_seq_scheme.hetero 
A 1 1  GLY 1  98  98  GLY GLY A . n 
A 1 2  SER 2  99  99  SER SER A . n 
A 1 3  MET 3  100 100 MET MET A . n 
A 1 4  GLY 4  101 101 GLY GLY A . n 
A 1 5  LEU 5  102 102 LEU LEU A . n 
A 1 6  SER 6  103 103 SER SER A . n 
A 1 7  ARG 7  104 104 ARG ARG A . n 
A 1 8  VAL 8  105 105 VAL VAL A . n 
A 1 9  TYR 9  106 106 TYR TYR A . n 
A 1 10 SER 10 107 107 SER SER A . n 
A 1 11 LYS 11 108 108 LYS LYS A . n 
A 1 12 LEU 12 109 109 LEU LEU A . n 
A 1 13 TYR 13 110 110 TYR TYR A . n 
A 1 14 LYS 14 111 111 LYS LYS A . n 
A 1 15 GLU 15 112 112 GLU GLU A . n 
A 1 16 ALA 16 113 113 ALA ALA A . n 
A 1 17 GLU 17 114 114 GLU GLU A . n 
A 1 18 LYS 18 115 115 LYS LYS A . n 
A 1 19 ILE 19 116 116 ILE ILE A . n 
A 1 20 LYS 20 117 117 LYS LYS A . n 
A 1 21 LYS 21 118 118 LYS LYS A . n 
A 1 22 TRP 22 119 119 TRP TRP A . n 
A 1 23 LYS 23 120 120 LYS LYS A . n 
A 1 24 VAL 24 121 121 VAL VAL A . n 
A 1 25 SER 25 122 122 SER SER A . n 
A 1 26 THR 26 123 123 THR THR A . n 
A 1 27 GLU 27 124 124 GLU GLU A . n 
A 1 28 ALA 28 125 125 ALA ALA A . n 
A 1 29 GLU 29 126 126 GLU GLU A . n 
A 1 30 LEU 30 127 127 LEU LEU A . n 
A 1 31 ARG 31 128 128 ARG ARG A . n 
A 1 32 GLN 32 129 129 GLN GLN A . n 
A 1 33 LYS 33 130 130 LYS LYS A . n 
A 1 34 GLU 34 131 131 GLU GLU A . n 
A 1 35 SER 35 132 132 SER SER A . n 
A 1 36 LYS 36 133 133 LYS LYS A . n 
A 1 37 LEU 37 134 134 LEU LEU A . n 
A 1 38 GLN 38 135 135 GLN GLN A . n 
A 1 39 GLU 39 136 136 GLU GLU A . n 
A 1 40 ASN 40 137 137 ASN ASN A . n 
A 1 41 ARG 41 138 138 ARG ARG A . n 
A 1 42 LYS 42 139 139 LYS LYS A . n 
A 1 43 ILE 43 140 140 ILE ILE A . n 
A 1 44 ILE 44 141 141 ILE ILE A . n 
A 1 45 GLU 45 142 142 GLU GLU A . n 
A 1 46 ALA 46 143 143 ALA ALA A . n 
A 1 47 GLN 47 144 144 GLN GLN A . n 
A 1 48 ARG 48 145 145 ARG ARG A . n 
A 1 49 LYS 49 146 146 LYS LYS A . n 
A 1 50 ALA 50 147 147 ALA ALA A . n 
A 1 51 ILE 51 148 148 ILE ILE A . n 
A 1 52 GLN 52 149 149 GLN GLN A . n 
A 1 53 GLU 53 150 150 GLU GLU A . n 
A 1 54 LEU 54 151 151 LEU LEU A . n 
A 1 55 GLN 55 152 152 GLN GLN A . n 
A 1 56 PHE 56 153 153 PHE PHE A . n 
A 1 57 GLY 57 154 154 GLY GLY A . n 
A 1 58 ASN 58 155 155 ASN ASN A . n 
A 1 59 GLU 59 156 156 GLU GLU A . n 
A 1 60 LYS 60 157 157 LYS LYS A . n 
A 1 61 VAL 61 158 158 VAL VAL A . n 
A 1 62 SER 62 159 159 SER SER A . n 
A 1 63 LEU 63 160 160 LEU LEU A . n 
A 1 64 LYS 64 161 161 LYS LYS A . n 
A 1 65 LEU 65 162 162 LEU LEU A . n 
A 1 66 GLU 66 163 163 GLU GLU A . n 
A 1 67 GLU 67 164 164 GLU GLU A . n 
A 1 68 GLY 68 165 165 GLY GLY A . n 
A 1 69 ILE 69 166 166 ILE ILE A . n 
A 1 70 GLN 70 167 167 GLN GLN A . n 
A 1 71 GLU 71 168 168 GLU GLU A . n 
A 1 72 ASN 72 169 169 ASN ASN A . n 
A 1 73 LYS 73 170 170 LYS LYS A . n 
A 1 74 ASP 74 171 171 ASP ASP A . n 
A 1 75 LEU 75 172 172 LEU LEU A . n 
A 1 76 ILE 76 173 173 ILE ILE A . n 
A 1 77 LYS 77 174 ?   ?   ?   A . n 
A 1 78 GLU 78 175 ?   ?   ?   A . n 
# 
loop_
_pdbx_nonpoly_scheme.asym_id 
_pdbx_nonpoly_scheme.entity_id 
_pdbx_nonpoly_scheme.mon_id 
_pdbx_nonpoly_scheme.ndb_seq_num 
_pdbx_nonpoly_scheme.pdb_seq_num 
_pdbx_nonpoly_scheme.auth_seq_num 
_pdbx_nonpoly_scheme.pdb_mon_id 
_pdbx_nonpoly_scheme.auth_mon_id 
_pdbx_nonpoly_scheme.pdb_strand_id 
_pdbx_nonpoly_scheme.pdb_ins_code 
B 2 IOD 1  201 1  IOD IOD A . 
C 2 IOD 1  202 2  IOD IOD A . 
D 3 PGE 1  203 1  PGE PGE A . 
E 4 HOH 1  301 20 HOH HOH A . 
E 4 HOH 2  302 7  HOH HOH A . 
E 4 HOH 3  303 2  HOH HOH A . 
E 4 HOH 4  304 1  HOH HOH A . 
E 4 HOH 5  305 5  HOH HOH A . 
E 4 HOH 6  306 10 HOH HOH A . 
E 4 HOH 7  307 8  HOH HOH A . 
E 4 HOH 8  308 4  HOH HOH A . 
E 4 HOH 9  309 3  HOH HOH A . 
E 4 HOH 10 310 11 HOH HOH A . 
E 4 HOH 11 311 22 HOH HOH A . 
E 4 HOH 12 312 14 HOH HOH A . 
E 4 HOH 13 313 19 HOH HOH A . 
E 4 HOH 14 314 30 HOH HOH A . 
E 4 HOH 15 315 16 HOH HOH A . 
E 4 HOH 16 316 15 HOH HOH A . 
E 4 HOH 17 317 24 HOH HOH A . 
E 4 HOH 18 318 6  HOH HOH A . 
E 4 HOH 19 319 31 HOH HOH A . 
E 4 HOH 20 320 23 HOH HOH A . 
E 4 HOH 21 321 12 HOH HOH A . 
E 4 HOH 22 322 13 HOH HOH A . 
E 4 HOH 23 323 32 HOH HOH A . 
E 4 HOH 24 324 25 HOH HOH A . 
E 4 HOH 25 325 9  HOH HOH A . 
E 4 HOH 26 326 21 HOH HOH A . 
E 4 HOH 27 327 27 HOH HOH A . 
E 4 HOH 28 328 29 HOH HOH A . 
E 4 HOH 29 329 18 HOH HOH A . 
E 4 HOH 30 330 28 HOH HOH A . 
E 4 HOH 31 331 17 HOH HOH A . 
E 4 HOH 32 332 26 HOH HOH A . 
# 
loop_
_software.citation_id 
_software.classification 
_software.compiler_name 
_software.compiler_version 
_software.contact_author 
_software.contact_author_email 
_software.date 
_software.description 
_software.dependencies 
_software.hardware 
_software.language 
_software.location 
_software.mods 
_software.name 
_software.os 
_software.os_version 
_software.type 
_software.version 
_software.pdbx_ordinal 
? refinement       ? ? ? ? ? ? ? ? ? ? ? PHENIX ? ? ? '(1.11.1_2575: ???)' 1 
? 'data reduction' ? ? ? ? ? ? ? ? ? ? ? XDS    ? ? ? .                    2 
? 'data scaling'   ? ? ? ? ? ? ? ? ? ? ? XSCALE ? ? ? .                    3 
? phasing          ? ? ? ? ? ? ? ? ? ? ? SHELX  ? ? ? .                    4 
# 
_cell.angle_alpha                  90.00 
_cell.angle_alpha_esd              ? 
_cell.angle_beta                   90.00 
_cell.angle_beta_esd               ? 
_cell.angle_gamma                  90.00 
_cell.angle_gamma_esd              ? 
_cell.entry_id                     6F5X 
_cell.details                      ? 
_cell.formula_units_Z              ? 
_cell.length_a                     28.640 
_cell.length_a_esd                 ? 
_cell.length_b                     39.380 
_cell.length_b_esd                 ? 
_cell.length_c                     165.770 
_cell.length_c_esd                 ? 
_cell.volume                       ? 
_cell.volume_esd                   ? 
_cell.Z_PDB                        8 
_cell.reciprocal_angle_alpha       ? 
_cell.reciprocal_angle_beta        ? 
_cell.reciprocal_angle_gamma       ? 
_cell.reciprocal_angle_alpha_esd   ? 
_cell.reciprocal_angle_beta_esd    ? 
_cell.reciprocal_angle_gamma_esd   ? 
_cell.reciprocal_length_a          ? 
_cell.reciprocal_length_b          ? 
_cell.reciprocal_length_c          ? 
_cell.reciprocal_length_a_esd      ? 
_cell.reciprocal_length_b_esd      ? 
_cell.reciprocal_length_c_esd      ? 
_cell.pdbx_unique_axis             ? 
# 
_symmetry.entry_id                         6F5X 
_symmetry.cell_setting                     ? 
_symmetry.Int_Tables_number                23 
_symmetry.space_group_name_Hall            ? 
_symmetry.space_group_name_H-M             'I 2 2 2' 
_symmetry.pdbx_full_space_group_name_H-M   ? 
# 
_exptl.absorpt_coefficient_mu     ? 
_exptl.absorpt_correction_T_max   ? 
_exptl.absorpt_correction_T_min   ? 
_exptl.absorpt_correction_type    ? 
_exptl.absorpt_process_details    ? 
_exptl.entry_id                   6F5X 
_exptl.crystals_number            1 
_exptl.details                    ? 
_exptl.method                     'X-RAY DIFFRACTION' 
_exptl.method_details             ? 
# 
_exptl_crystal.colour                      ? 
_exptl_crystal.density_diffrn              ? 
_exptl_crystal.density_Matthews            2.55 
_exptl_crystal.density_method              ? 
_exptl_crystal.density_percent_sol         51.75 
_exptl_crystal.description                 ? 
_exptl_crystal.F_000                       ? 
_exptl_crystal.id                          1 
_exptl_crystal.preparation                 ? 
_exptl_crystal.size_max                    ? 
_exptl_crystal.size_mid                    ? 
_exptl_crystal.size_min                    ? 
_exptl_crystal.size_rad                    ? 
_exptl_crystal.colour_lustre               ? 
_exptl_crystal.colour_modifier             ? 
_exptl_crystal.colour_primary              ? 
_exptl_crystal.density_meas                ? 
_exptl_crystal.density_meas_esd            ? 
_exptl_crystal.density_meas_gt             ? 
_exptl_crystal.density_meas_lt             ? 
_exptl_crystal.density_meas_temp           ? 
_exptl_crystal.density_meas_temp_esd       ? 
_exptl_crystal.density_meas_temp_gt        ? 
_exptl_crystal.density_meas_temp_lt        ? 
_exptl_crystal.pdbx_crystal_image_url      ? 
_exptl_crystal.pdbx_crystal_image_format   ? 
_exptl_crystal.pdbx_mosaicity              ? 
_exptl_crystal.pdbx_mosaicity_esd          ? 
# 
_exptl_crystal_grow.apparatus       ? 
_exptl_crystal_grow.atmosphere      ? 
_exptl_crystal_grow.crystal_id      1 
_exptl_crystal_grow.details         ? 
_exptl_crystal_grow.method          'VAPOR DIFFUSION, HANGING DROP' 
_exptl_crystal_grow.method_ref      ? 
_exptl_crystal_grow.pH              6.2 
_exptl_crystal_grow.pressure        ? 
_exptl_crystal_grow.pressure_esd    ? 
_exptl_crystal_grow.seeding         ? 
_exptl_crystal_grow.seeding_ref     ? 
_exptl_crystal_grow.temp            293 
_exptl_crystal_grow.temp_details    ? 
_exptl_crystal_grow.temp_esd        ? 
_exptl_crystal_grow.time            ? 
_exptl_crystal_grow.pdbx_details    
'140 mM NaCl, 70 mM Na/K phosphate pH 6.2, 35% (v/v) PEG200; soaked in 40% (v/v) PEG200 and 100 mM NaI' 
_exptl_crystal_grow.pdbx_pH_range   ? 
# 
_diffrn.ambient_environment    ? 
_diffrn.ambient_temp           100 
_diffrn.ambient_temp_details   ? 
_diffrn.ambient_temp_esd       ? 
_diffrn.crystal_id             1 
_diffrn.crystal_support        ? 
_diffrn.crystal_treatment      ? 
_diffrn.details                ? 
_diffrn.id                     1 
_diffrn.ambient_pressure       ? 
_diffrn.ambient_pressure_esd   ? 
_diffrn.ambient_pressure_gt    ? 
_diffrn.ambient_pressure_lt    ? 
_diffrn.ambient_temp_gt        ? 
_diffrn.ambient_temp_lt        ? 
# 
_diffrn_detector.details                      ? 
_diffrn_detector.detector                     PIXEL 
_diffrn_detector.diffrn_id                    1 
_diffrn_detector.type                         'DECTRIS PILATUS 6M-F' 
_diffrn_detector.area_resol_mean              ? 
_diffrn_detector.dtime                        ? 
_diffrn_detector.pdbx_frames_total            ? 
_diffrn_detector.pdbx_collection_time_total   ? 
_diffrn_detector.pdbx_collection_date         2015-05-23 
# 
_diffrn_radiation.collimation                      ? 
_diffrn_radiation.diffrn_id                        1 
_diffrn_radiation.filter_edge                      ? 
_diffrn_radiation.inhomogeneity                    ? 
_diffrn_radiation.monochromator                    ? 
_diffrn_radiation.polarisn_norm                    ? 
_diffrn_radiation.polarisn_ratio                   ? 
_diffrn_radiation.probe                            ? 
_diffrn_radiation.type                             ? 
_diffrn_radiation.xray_symbol                      ? 
_diffrn_radiation.wavelength_id                    1 
_diffrn_radiation.pdbx_monochromatic_or_laue_m_l   M 
_diffrn_radiation.pdbx_wavelength_list             ? 
_diffrn_radiation.pdbx_wavelength                  ? 
_diffrn_radiation.pdbx_diffrn_protocol             'SINGLE WAVELENGTH' 
_diffrn_radiation.pdbx_analyzer                    ? 
_diffrn_radiation.pdbx_scattering_type             x-ray 
# 
_diffrn_radiation_wavelength.id           1 
_diffrn_radiation_wavelength.wavelength   1.7712 
_diffrn_radiation_wavelength.wt           1.0 
# 
_diffrn_source.current                     ? 
_diffrn_source.details                     ? 
_diffrn_source.diffrn_id                   1 
_diffrn_source.power                       ? 
_diffrn_source.size                        ? 
_diffrn_source.source                      SYNCHROTRON 
_diffrn_source.target                      ? 
_diffrn_source.type                        'DIAMOND BEAMLINE I02' 
_diffrn_source.voltage                     ? 
_diffrn_source.take-off_angle              ? 
_diffrn_source.pdbx_wavelength_list        1.7712 
_diffrn_source.pdbx_wavelength             ? 
_diffrn_source.pdbx_synchrotron_beamline   I02 
_diffrn_source.pdbx_synchrotron_site       Diamond 
# 
_reflns.B_iso_Wilson_estimate            33.34 
_reflns.entry_id                         6F5X 
_reflns.data_reduction_details           ? 
_reflns.data_reduction_method            ? 
_reflns.d_resolution_high                1.91 
_reflns.d_resolution_low                 41.44 
_reflns.details                          ? 
_reflns.limit_h_max                      ? 
_reflns.limit_h_min                      ? 
_reflns.limit_k_max                      ? 
_reflns.limit_k_min                      ? 
_reflns.limit_l_max                      ? 
_reflns.limit_l_min                      ? 
_reflns.number_all                       ? 
_reflns.number_obs                       7678 
_reflns.observed_criterion               ? 
_reflns.observed_criterion_F_max         ? 
_reflns.observed_criterion_F_min         ? 
_reflns.observed_criterion_I_max         ? 
_reflns.observed_criterion_I_min         ? 
_reflns.observed_criterion_sigma_F       ? 
_reflns.observed_criterion_sigma_I       ? 
_reflns.percent_possible_obs             99.3 
_reflns.R_free_details                   ? 
_reflns.Rmerge_F_all                     ? 
_reflns.Rmerge_F_obs                     ? 
_reflns.Friedel_coverage                 ? 
_reflns.number_gt                        ? 
_reflns.threshold_expression             ? 
_reflns.pdbx_redundancy                  5.9 
_reflns.pdbx_Rmerge_I_obs                0.028 
_reflns.pdbx_Rmerge_I_all                ? 
_reflns.pdbx_Rsym_value                  ? 
_reflns.pdbx_netI_over_av_sigmaI         ? 
_reflns.pdbx_netI_over_sigmaI            27.9 
_reflns.pdbx_res_netI_over_av_sigmaI_2   ? 
_reflns.pdbx_res_netI_over_sigmaI_2      ? 
_reflns.pdbx_chi_squared                 ? 
_reflns.pdbx_scaling_rejects             ? 
_reflns.pdbx_d_res_high_opt              ? 
_reflns.pdbx_d_res_low_opt               ? 
_reflns.pdbx_d_res_opt_method            ? 
_reflns.phase_calculation_details        ? 
_reflns.pdbx_Rrim_I_all                  0.036 
_reflns.pdbx_Rpim_I_all                  0.017 
_reflns.pdbx_d_opt                       ? 
_reflns.pdbx_number_measured_all         ? 
_reflns.pdbx_diffrn_id                   1 
_reflns.pdbx_ordinal                     1 
_reflns.pdbx_CC_half                     1.000 
_reflns.pdbx_R_split                     ? 
# 
_reflns_shell.d_res_high                  1.91 
_reflns_shell.d_res_low                   1.95 
_reflns_shell.meanI_over_sigI_all         ? 
_reflns_shell.meanI_over_sigI_obs         1.8 
_reflns_shell.number_measured_all         ? 
_reflns_shell.number_measured_obs         ? 
_reflns_shell.number_possible             ? 
_reflns_shell.number_unique_all           ? 
_reflns_shell.number_unique_obs           464 
_reflns_shell.percent_possible_all        92.1 
_reflns_shell.percent_possible_obs        ? 
_reflns_shell.Rmerge_F_all                ? 
_reflns_shell.Rmerge_F_obs                ? 
_reflns_shell.Rmerge_I_all                ? 
_reflns_shell.Rmerge_I_obs                0.678 
_reflns_shell.meanI_over_sigI_gt          ? 
_reflns_shell.meanI_over_uI_all           ? 
_reflns_shell.meanI_over_uI_gt            ? 
_reflns_shell.number_measured_gt          ? 
_reflns_shell.number_unique_gt            ? 
_reflns_shell.percent_possible_gt         ? 
_reflns_shell.Rmerge_F_gt                 ? 
_reflns_shell.Rmerge_I_gt                 ? 
_reflns_shell.pdbx_redundancy             3.7 
_reflns_shell.pdbx_Rsym_value             ? 
_reflns_shell.pdbx_chi_squared            ? 
_reflns_shell.pdbx_netI_over_sigmaI_all   ? 
_reflns_shell.pdbx_netI_over_sigmaI_obs   ? 
_reflns_shell.pdbx_Rrim_I_all             0.873 
_reflns_shell.pdbx_Rpim_I_all             0.541 
_reflns_shell.pdbx_rejects                ? 
_reflns_shell.pdbx_ordinal                1 
_reflns_shell.pdbx_diffrn_id              1 
_reflns_shell.pdbx_CC_half                0.839 
_reflns_shell.pdbx_R_split                ? 
# 
_refine.aniso_B[1][1]                            ? 
_refine.aniso_B[1][2]                            ? 
_refine.aniso_B[1][3]                            ? 
_refine.aniso_B[2][2]                            ? 
_refine.aniso_B[2][3]                            ? 
_refine.aniso_B[3][3]                            ? 
_refine.B_iso_max                                ? 
_refine.B_iso_mean                               58.4 
_refine.B_iso_min                                ? 
_refine.correlation_coeff_Fo_to_Fc               ? 
_refine.correlation_coeff_Fo_to_Fc_free          ? 
_refine.details                                  
'Refined against data corrected for anisotropy (FP_ISOB/SIGFP_ISOB) using the UCLA diffraction anisotropy server.' 
_refine.diff_density_max                         ? 
_refine.diff_density_max_esd                     ? 
_refine.diff_density_min                         ? 
_refine.diff_density_min_esd                     ? 
_refine.diff_density_rms                         ? 
_refine.diff_density_rms_esd                     ? 
_refine.entry_id                                 6F5X 
_refine.pdbx_refine_id                           'X-RAY DIFFRACTION' 
_refine.ls_abs_structure_details                 ? 
_refine.ls_abs_structure_Flack                   ? 
_refine.ls_abs_structure_Flack_esd               ? 
_refine.ls_abs_structure_Rogers                  ? 
_refine.ls_abs_structure_Rogers_esd              ? 
_refine.ls_d_res_high                            1.91 
_refine.ls_d_res_low                             41.44 
_refine.ls_extinction_coef                       ? 
_refine.ls_extinction_coef_esd                   ? 
_refine.ls_extinction_expression                 ? 
_refine.ls_extinction_method                     ? 
_refine.ls_goodness_of_fit_all                   ? 
_refine.ls_goodness_of_fit_all_esd               ? 
_refine.ls_goodness_of_fit_obs                   ? 
_refine.ls_goodness_of_fit_obs_esd               ? 
_refine.ls_hydrogen_treatment                    ? 
_refine.ls_matrix_type                           ? 
_refine.ls_number_constraints                    ? 
_refine.ls_number_parameters                     ? 
_refine.ls_number_reflns_all                     ? 
_refine.ls_number_reflns_obs                     6754 
_refine.ls_number_reflns_R_free                  324 
_refine.ls_number_reflns_R_work                  ? 
_refine.ls_number_restraints                     ? 
_refine.ls_percent_reflns_obs                    87.97 
_refine.ls_percent_reflns_R_free                 4.80 
_refine.ls_R_factor_all                          ? 
_refine.ls_R_factor_obs                          0.2278 
_refine.ls_R_factor_R_free                       0.2392 
_refine.ls_R_factor_R_free_error                 ? 
_refine.ls_R_factor_R_free_error_details         ? 
_refine.ls_R_factor_R_work                       0.2272 
_refine.ls_R_Fsqd_factor_obs                     ? 
_refine.ls_R_I_factor_obs                        ? 
_refine.ls_redundancy_reflns_all                 ? 
_refine.ls_redundancy_reflns_obs                 ? 
_refine.ls_restrained_S_all                      ? 
_refine.ls_restrained_S_obs                      ? 
_refine.ls_shift_over_esd_max                    ? 
_refine.ls_shift_over_esd_mean                   ? 
_refine.ls_structure_factor_coef                 ? 
_refine.ls_weighting_details                     ? 
_refine.ls_weighting_scheme                      ? 
_refine.ls_wR_factor_all                         ? 
_refine.ls_wR_factor_obs                         ? 
_refine.ls_wR_factor_R_free                      ? 
_refine.ls_wR_factor_R_work                      ? 
_refine.occupancy_max                            ? 
_refine.occupancy_min                            ? 
_refine.solvent_model_details                    ? 
_refine.solvent_model_param_bsol                 ? 
_refine.solvent_model_param_ksol                 ? 
_refine.ls_R_factor_gt                           ? 
_refine.ls_goodness_of_fit_gt                    ? 
_refine.ls_goodness_of_fit_ref                   ? 
_refine.ls_shift_over_su_max                     ? 
_refine.ls_shift_over_su_max_lt                  ? 
_refine.ls_shift_over_su_mean                    ? 
_refine.ls_shift_over_su_mean_lt                 ? 
_refine.pdbx_ls_sigma_I                          ? 
_refine.pdbx_ls_sigma_F                          2.02 
_refine.pdbx_ls_sigma_Fsqd                       ? 
_refine.pdbx_data_cutoff_high_absF               ? 
_refine.pdbx_data_cutoff_high_rms_absF           ? 
_refine.pdbx_data_cutoff_low_absF                ? 
_refine.pdbx_isotropic_thermal_model             ? 
_refine.pdbx_ls_cross_valid_method               'FREE R-VALUE' 
_refine.pdbx_method_to_determine_struct          SAD 
_refine.pdbx_starting_model                      ? 
_refine.pdbx_stereochemistry_target_values       ? 
_refine.pdbx_R_Free_selection_details            ? 
_refine.pdbx_stereochem_target_val_spec_case     ? 
_refine.pdbx_overall_ESU_R                       ? 
_refine.pdbx_overall_ESU_R_Free                  ? 
_refine.pdbx_solvent_vdw_probe_radii             1.00 
_refine.pdbx_solvent_ion_probe_radii             ? 
_refine.pdbx_solvent_shrinkage_radii             0.70 
_refine.pdbx_real_space_R                        ? 
_refine.pdbx_density_correlation                 ? 
_refine.pdbx_pd_number_of_powder_patterns        ? 
_refine.pdbx_pd_number_of_points                 ? 
_refine.pdbx_pd_meas_number_of_points            ? 
_refine.pdbx_pd_proc_ls_prof_R_factor            ? 
_refine.pdbx_pd_proc_ls_prof_wR_factor           ? 
_refine.pdbx_pd_Marquardt_correlation_coeff      ? 
_refine.pdbx_pd_Fsqrd_R_factor                   ? 
_refine.pdbx_pd_ls_matrix_band_width             ? 
_refine.pdbx_overall_phase_error                 25.34 
_refine.pdbx_overall_SU_R_free_Cruickshank_DPI   ? 
_refine.pdbx_overall_SU_R_free_Blow_DPI          ? 
_refine.pdbx_overall_SU_R_Blow_DPI               ? 
_refine.pdbx_TLS_residual_ADP_flag               ? 
_refine.pdbx_diffrn_id                           1 
_refine.overall_SU_B                             ? 
_refine.overall_SU_ML                            0.27 
_refine.overall_SU_R_Cruickshank_DPI             ? 
_refine.overall_SU_R_free                        ? 
_refine.overall_FOM_free_R_set                   ? 
_refine.overall_FOM_work_R_set                   ? 
_refine.pdbx_average_fsc_overall                 ? 
_refine.pdbx_average_fsc_work                    ? 
_refine.pdbx_average_fsc_free                    ? 
# 
_refine_hist.pdbx_refine_id                   'X-RAY DIFFRACTION' 
_refine_hist.cycle_id                         LAST 
_refine_hist.pdbx_number_atoms_protein        624 
_refine_hist.pdbx_number_atoms_nucleic_acid   0 
_refine_hist.pdbx_number_atoms_ligand         12 
_refine_hist.number_atoms_solvent             32 
_refine_hist.number_atoms_total               668 
_refine_hist.d_res_high                       1.91 
_refine_hist.d_res_low                        41.44 
# 
loop_
_refine_ls_restr.pdbx_refine_id 
_refine_ls_restr.criterion 
_refine_ls_restr.dev_ideal 
_refine_ls_restr.dev_ideal_target 
_refine_ls_restr.number 
_refine_ls_restr.rejects 
_refine_ls_restr.type 
_refine_ls_restr.weight 
_refine_ls_restr.pdbx_restraint_function 
'X-RAY DIFFRACTION' ? 0.009  ? 648 ? f_bond_d           ? ? 
'X-RAY DIFFRACTION' ? 1.022  ? 857 ? f_angle_d          ? ? 
'X-RAY DIFFRACTION' ? 10.579 ? 273 ? f_dihedral_angle_d ? ? 
'X-RAY DIFFRACTION' ? 0.053  ? 92  ? f_chiral_restr     ? ? 
'X-RAY DIFFRACTION' ? 0.004  ? 108 ? f_plane_restr      ? ? 
# 
loop_
_refine_ls_shell.pdbx_refine_id 
_refine_ls_shell.d_res_high 
_refine_ls_shell.d_res_low 
_refine_ls_shell.number_reflns_all 
_refine_ls_shell.number_reflns_obs 
_refine_ls_shell.number_reflns_R_free 
_refine_ls_shell.number_reflns_R_work 
_refine_ls_shell.percent_reflns_obs 
_refine_ls_shell.percent_reflns_R_free 
_refine_ls_shell.R_factor_all 
_refine_ls_shell.R_factor_obs 
_refine_ls_shell.R_factor_R_free 
_refine_ls_shell.R_factor_R_free_error 
_refine_ls_shell.R_factor_R_work 
_refine_ls_shell.redundancy_reflns_all 
_refine_ls_shell.redundancy_reflns_obs 
_refine_ls_shell.wR_factor_all 
_refine_ls_shell.wR_factor_obs 
_refine_ls_shell.wR_factor_R_free 
_refine_ls_shell.wR_factor_R_work 
_refine_ls_shell.pdbx_total_number_of_bins_used 
_refine_ls_shell.pdbx_phase_error 
_refine_ls_shell.pdbx_fsc_work 
_refine_ls_shell.pdbx_fsc_free 
'X-RAY DIFFRACTION' 1.9118 2.0316  . . 28 437  38.00  . . . 0.3309 . 0.3174 . . . . . . . . . . 
'X-RAY DIFFRACTION' 2.0316 2.1884  . . 61 1078 91.00  . . . 0.2647 . 0.2753 . . . . . . . . . . 
'X-RAY DIFFRACTION' 2.1884 2.4086  . . 56 1188 100.00 . . . 0.2572 . 0.2278 . . . . . . . . . . 
'X-RAY DIFFRACTION' 2.4086 2.7571  . . 52 1206 100.00 . . . 0.2250 . 0.2613 . . . . . . . . . . 
'X-RAY DIFFRACTION' 2.7571 3.4734  . . 64 1232 100.00 . . . 0.2640 . 0.2476 . . . . . . . . . . 
'X-RAY DIFFRACTION' 3.4734 41.4522 . . 63 1289 98.00  . . . 0.2158 . 0.1945 . . . . . . . . . . 
# 
_struct.entry_id                     6F5X 
_struct.title                        'Crystal structure of the SYCP1 N-terminal head-to-head assembly in closed conformation' 
_struct.pdbx_model_details           ? 
_struct.pdbx_formula_weight          ? 
_struct.pdbx_formula_weight_method   ? 
_struct.pdbx_model_type_details      ? 
_struct.pdbx_CASP_flag               N 
# 
_struct_keywords.entry_id        6F5X 
_struct_keywords.text            'Meiosis, Chromosome structure, Coiled-coil, Self-assembly, STRUCTURAL PROTEIN' 
_struct_keywords.pdbx_keywords   'STRUCTURAL PROTEIN' 
# 
loop_
_struct_asym.id 
_struct_asym.pdbx_blank_PDB_chainid_flag 
_struct_asym.pdbx_modified 
_struct_asym.entity_id 
_struct_asym.details 
A N N 1 ? 
B N N 2 ? 
C N N 2 ? 
D N N 3 ? 
E N N 4 ? 
# 
_struct_ref.id                         1 
_struct_ref.db_name                    UNP 
_struct_ref.db_code                    SYCP1_HUMAN 
_struct_ref.pdbx_db_accession          Q15431 
_struct_ref.pdbx_db_isoform            ? 
_struct_ref.entity_id                  1 
_struct_ref.pdbx_seq_one_letter_code   GLSRVYSKLYKEAEKIKKWKVSTEAELRQKESKLQENRKIIEAQRKAIQELQFGNEKVSLKLEEGIQENKDLIKE 
_struct_ref.pdbx_align_begin           101 
# 
_struct_ref_seq.align_id                      1 
_struct_ref_seq.ref_id                        1 
_struct_ref_seq.pdbx_PDB_id_code              6F5X 
_struct_ref_seq.pdbx_strand_id                A 
_struct_ref_seq.seq_align_beg                 4 
_struct_ref_seq.pdbx_seq_align_beg_ins_code   ? 
_struct_ref_seq.seq_align_end                 78 
_struct_ref_seq.pdbx_seq_align_end_ins_code   ? 
_struct_ref_seq.pdbx_db_accession             Q15431 
_struct_ref_seq.db_align_beg                  101 
_struct_ref_seq.pdbx_db_align_beg_ins_code    ? 
_struct_ref_seq.db_align_end                  175 
_struct_ref_seq.pdbx_db_align_end_ins_code    ? 
_struct_ref_seq.pdbx_auth_seq_align_beg       101 
_struct_ref_seq.pdbx_auth_seq_align_end       175 
# 
loop_
_struct_ref_seq_dif.align_id 
_struct_ref_seq_dif.pdbx_pdb_id_code 
_struct_ref_seq_dif.mon_id 
_struct_ref_seq_dif.pdbx_pdb_strand_id 
_struct_ref_seq_dif.seq_num 
_struct_ref_seq_dif.pdbx_pdb_ins_code 
_struct_ref_seq_dif.pdbx_seq_db_name 
_struct_ref_seq_dif.pdbx_seq_db_accession_code 
_struct_ref_seq_dif.db_mon_id 
_struct_ref_seq_dif.pdbx_seq_db_seq_num 
_struct_ref_seq_dif.details 
_struct_ref_seq_dif.pdbx_auth_seq_num 
_struct_ref_seq_dif.pdbx_ordinal 
1 6F5X GLY A 1 ? UNP Q15431 ? ? 'expression tag' 98  1 
1 6F5X SER A 2 ? UNP Q15431 ? ? 'expression tag' 99  2 
1 6F5X MET A 3 ? UNP Q15431 ? ? 'expression tag' 100 3 
# 
_pdbx_struct_assembly.id                   1 
_pdbx_struct_assembly.details              author_and_software_defined_assembly 
_pdbx_struct_assembly.method_details       PISA 
_pdbx_struct_assembly.oligomeric_details   tetrameric 
_pdbx_struct_assembly.oligomeric_count     4 
# 
loop_
_pdbx_struct_assembly_prop.biol_id 
_pdbx_struct_assembly_prop.type 
_pdbx_struct_assembly_prop.value 
_pdbx_struct_assembly_prop.details 
1 'ABSA (A^2)' 9600  ? 
1 MORE         -73   ? 
1 'SSA (A^2)'  24010 ? 
# 
_pdbx_struct_assembly_gen.assembly_id       1 
_pdbx_struct_assembly_gen.oper_expression   1,2,3,4 
_pdbx_struct_assembly_gen.asym_id_list      A,B,C,D,E 
# 
_pdbx_struct_assembly_auth_evidence.id                     1 
_pdbx_struct_assembly_auth_evidence.assembly_id            1 
_pdbx_struct_assembly_auth_evidence.experimental_support   'light scattering' 
_pdbx_struct_assembly_auth_evidence.details                
;Head-to-head assembly occurs in the context of the wider molecule through cooperativity; confirmed through MALS and SAXS with point mutagenesis.
;
# 
loop_
_pdbx_struct_oper_list.id 
_pdbx_struct_oper_list.type 
_pdbx_struct_oper_list.name 
_pdbx_struct_oper_list.symmetry_operation 
_pdbx_struct_oper_list.matrix[1][1] 
_pdbx_struct_oper_list.matrix[1][2] 
_pdbx_struct_oper_list.matrix[1][3] 
_pdbx_struct_oper_list.vector[1] 
_pdbx_struct_oper_list.matrix[2][1] 
_pdbx_struct_oper_list.matrix[2][2] 
_pdbx_struct_oper_list.matrix[2][3] 
_pdbx_struct_oper_list.vector[2] 
_pdbx_struct_oper_list.matrix[3][1] 
_pdbx_struct_oper_list.matrix[3][2] 
_pdbx_struct_oper_list.matrix[3][3] 
_pdbx_struct_oper_list.vector[3] 
1 'identity operation'         1_555 x,y,z       1.0000000000  0.0000000000  0.0000000000  0.0000000000  0.0000000000  1.0000000000  0.0000000000  0.0000000000   0.0000000000  0.0000000000  1.0000000000  0.0000000000  
2 'crystal symmetry operation' 2_665 -x+1,-y+1,z -0.1116640187 -0.2943295423 0.9491581889  -0.0488524516 -0.2943295423 -0.9024807266 -0.3144815713 -3.5806339398  0.9491581889  -0.3144815713 0.0141447453  -1.0646159617 
3 'crystal symmetry operation' 3_656 -x+1,y,-z+1 -0.1907806698 0.8480459522  -0.4943893192 55.6826284727 0.8480459522  -0.1112645110 -0.5181102889 -20.2875315652 -0.4943893192 -0.5181102889 -0.6979548192 56.3416303896 
4 'crystal symmetry operation' 4_566 x,-y+1,-z+1 -0.6975553114 -0.5537164100 -0.4547688697 53.1817412175 -0.5537164100 0.0137452376  0.8325918603  -19.3789747211 -0.4547688697 0.8325918603  -0.3161899261 58.9639996460 
# 
_struct_conf.conf_type_id            HELX_P 
_struct_conf.id                      HELX_P1 
_struct_conf.pdbx_PDB_helix_id       AA1 
_struct_conf.beg_label_comp_id       MET 
_struct_conf.beg_label_asym_id       A 
_struct_conf.beg_label_seq_id        3 
_struct_conf.pdbx_beg_PDB_ins_code   ? 
_struct_conf.end_label_comp_id       ASP 
_struct_conf.end_label_asym_id       A 
_struct_conf.end_label_seq_id        74 
_struct_conf.pdbx_end_PDB_ins_code   ? 
_struct_conf.beg_auth_comp_id        MET 
_struct_conf.beg_auth_asym_id        A 
_struct_conf.beg_auth_seq_id         100 
_struct_conf.end_auth_comp_id        ASP 
_struct_conf.end_auth_asym_id        A 
_struct_conf.end_auth_seq_id         171 
_struct_conf.pdbx_PDB_helix_class    1 
_struct_conf.details                 ? 
_struct_conf.pdbx_PDB_helix_length   72 
# 
_struct_conf_type.id          HELX_P 
_struct_conf_type.criteria    ? 
_struct_conf_type.reference   ? 
# 
loop_
_struct_site.id 
_struct_site.pdbx_evidence_code 
_struct_site.pdbx_auth_asym_id 
_struct_site.pdbx_auth_comp_id 
_struct_site.pdbx_auth_seq_id 
_struct_site.pdbx_auth_ins_code 
_struct_site.pdbx_num_residues 
_struct_site.details 
AC1 Software A IOD 201 ? 2 'binding site for residue IOD A 201' 
AC2 Software A IOD 202 ? 1 'binding site for residue IOD A 202' 
AC3 Software A PGE 203 ? 3 'binding site for residue PGE A 203' 
# 
loop_
_struct_site_gen.id 
_struct_site_gen.site_id 
_struct_site_gen.pdbx_num_res 
_struct_site_gen.label_comp_id 
_struct_site_gen.label_asym_id 
_struct_site_gen.label_seq_id 
_struct_site_gen.pdbx_auth_ins_code 
_struct_site_gen.auth_comp_id 
_struct_site_gen.auth_asym_id 
_struct_site_gen.auth_seq_id 
_struct_site_gen.label_atom_id 
_struct_site_gen.label_alt_id 
_struct_site_gen.symmetry 
_struct_site_gen.details 
1 AC1 2 MET A 3  ? MET A 100 . ? 1_555 ? 
2 AC1 2 SER A 6  ? SER A 103 . ? 1_555 ? 
3 AC2 1 GLN A 47 ? GLN A 144 . ? 1_555 ? 
4 AC3 3 SER A 6  ? SER A 103 . ? 4_565 ? 
5 AC3 3 TYR A 13 ? TYR A 110 . ? 2_765 ? 
6 AC3 3 ALA A 16 ? ALA A 113 . ? 1_555 ? 
# 
_pdbx_validate_symm_contact.id                1 
_pdbx_validate_symm_contact.PDB_model_num     1 
_pdbx_validate_symm_contact.auth_atom_id_1    O 
_pdbx_validate_symm_contact.auth_asym_id_1    A 
_pdbx_validate_symm_contact.auth_comp_id_1    HOH 
_pdbx_validate_symm_contact.auth_seq_id_1     303 
_pdbx_validate_symm_contact.PDB_ins_code_1    ? 
_pdbx_validate_symm_contact.label_alt_id_1    ? 
_pdbx_validate_symm_contact.site_symmetry_1   1_555 
_pdbx_validate_symm_contact.auth_atom_id_2    O 
_pdbx_validate_symm_contact.auth_asym_id_2    A 
_pdbx_validate_symm_contact.auth_comp_id_2    HOH 
_pdbx_validate_symm_contact.auth_seq_id_2     303 
_pdbx_validate_symm_contact.PDB_ins_code_2    ? 
_pdbx_validate_symm_contact.label_alt_id_2    ? 
_pdbx_validate_symm_contact.site_symmetry_2   2_665 
_pdbx_validate_symm_contact.dist              1.88 
# 
loop_
_pdbx_struct_special_symmetry.id 
_pdbx_struct_special_symmetry.PDB_model_num 
_pdbx_struct_special_symmetry.auth_asym_id 
_pdbx_struct_special_symmetry.auth_comp_id 
_pdbx_struct_special_symmetry.auth_seq_id 
_pdbx_struct_special_symmetry.PDB_ins_code 
_pdbx_struct_special_symmetry.label_asym_id 
_pdbx_struct_special_symmetry.label_comp_id 
_pdbx_struct_special_symmetry.label_seq_id 
1 1 A HOH 324 ? E HOH . 
2 1 A HOH 331 ? E HOH . 
# 
loop_
_pdbx_distant_solvent_atoms.id 
_pdbx_distant_solvent_atoms.PDB_model_num 
_pdbx_distant_solvent_atoms.auth_atom_id 
_pdbx_distant_solvent_atoms.label_alt_id 
_pdbx_distant_solvent_atoms.auth_asym_id 
_pdbx_distant_solvent_atoms.auth_comp_id 
_pdbx_distant_solvent_atoms.auth_seq_id 
_pdbx_distant_solvent_atoms.PDB_ins_code 
_pdbx_distant_solvent_atoms.neighbor_macromolecule_distance 
_pdbx_distant_solvent_atoms.neighbor_ligand_distance 
1 1 O ? A HOH 331 ? 6.19 . 
2 1 O ? A HOH 332 ? 6.94 . 
# 
loop_
_pdbx_unobs_or_zero_occ_residues.id 
_pdbx_unobs_or_zero_occ_residues.PDB_model_num 
_pdbx_unobs_or_zero_occ_residues.polymer_flag 
_pdbx_unobs_or_zero_occ_residues.occupancy_flag 
_pdbx_unobs_or_zero_occ_residues.auth_asym_id 
_pdbx_unobs_or_zero_occ_residues.auth_comp_id 
_pdbx_unobs_or_zero_occ_residues.auth_seq_id 
_pdbx_unobs_or_zero_occ_residues.PDB_ins_code 
_pdbx_unobs_or_zero_occ_residues.label_asym_id 
_pdbx_unobs_or_zero_occ_residues.label_comp_id 
_pdbx_unobs_or_zero_occ_residues.label_seq_id 
1 1 Y 1 A LYS 174 ? A LYS 77 
2 1 Y 1 A GLU 175 ? A GLU 78 
# 
loop_
_chem_comp_atom.comp_id 
_chem_comp_atom.atom_id 
_chem_comp_atom.type_symbol 
_chem_comp_atom.pdbx_aromatic_flag 
_chem_comp_atom.pdbx_stereo_config 
_chem_comp_atom.pdbx_ordinal 
ALA N    N N N 1   
ALA CA   C N S 2   
ALA C    C N N 3   
ALA O    O N N 4   
ALA CB   C N N 5   
ALA OXT  O N N 6   
ALA H    H N N 7   
ALA H2   H N N 8   
ALA HA   H N N 9   
ALA HB1  H N N 10  
ALA HB2  H N N 11  
ALA HB3  H N N 12  
ALA HXT  H N N 13  
ARG N    N N N 14  
ARG CA   C N S 15  
ARG C    C N N 16  
ARG O    O N N 17  
ARG CB   C N N 18  
ARG CG   C N N 19  
ARG CD   C N N 20  
ARG NE   N N N 21  
ARG CZ   C N N 22  
ARG NH1  N N N 23  
ARG NH2  N N N 24  
ARG OXT  O N N 25  
ARG H    H N N 26  
ARG H2   H N N 27  
ARG HA   H N N 28  
ARG HB2  H N N 29  
ARG HB3  H N N 30  
ARG HG2  H N N 31  
ARG HG3  H N N 32  
ARG HD2  H N N 33  
ARG HD3  H N N 34  
ARG HE   H N N 35  
ARG HH11 H N N 36  
ARG HH12 H N N 37  
ARG HH21 H N N 38  
ARG HH22 H N N 39  
ARG HXT  H N N 40  
ASN N    N N N 41  
ASN CA   C N S 42  
ASN C    C N N 43  
ASN O    O N N 44  
ASN CB   C N N 45  
ASN CG   C N N 46  
ASN OD1  O N N 47  
ASN ND2  N N N 48  
ASN OXT  O N N 49  
ASN H    H N N 50  
ASN H2   H N N 51  
ASN HA   H N N 52  
ASN HB2  H N N 53  
ASN HB3  H N N 54  
ASN HD21 H N N 55  
ASN HD22 H N N 56  
ASN HXT  H N N 57  
ASP N    N N N 58  
ASP CA   C N S 59  
ASP C    C N N 60  
ASP O    O N N 61  
ASP CB   C N N 62  
ASP CG   C N N 63  
ASP OD1  O N N 64  
ASP OD2  O N N 65  
ASP OXT  O N N 66  
ASP H    H N N 67  
ASP H2   H N N 68  
ASP HA   H N N 69  
ASP HB2  H N N 70  
ASP HB3  H N N 71  
ASP HD2  H N N 72  
ASP HXT  H N N 73  
GLN N    N N N 74  
GLN CA   C N S 75  
GLN C    C N N 76  
GLN O    O N N 77  
GLN CB   C N N 78  
GLN CG   C N N 79  
GLN CD   C N N 80  
GLN OE1  O N N 81  
GLN NE2  N N N 82  
GLN OXT  O N N 83  
GLN H    H N N 84  
GLN H2   H N N 85  
GLN HA   H N N 86  
GLN HB2  H N N 87  
GLN HB3  H N N 88  
GLN HG2  H N N 89  
GLN HG3  H N N 90  
GLN HE21 H N N 91  
GLN HE22 H N N 92  
GLN HXT  H N N 93  
GLU N    N N N 94  
GLU CA   C N S 95  
GLU C    C N N 96  
GLU O    O N N 97  
GLU CB   C N N 98  
GLU CG   C N N 99  
GLU CD   C N N 100 
GLU OE1  O N N 101 
GLU OE2  O N N 102 
GLU OXT  O N N 103 
GLU H    H N N 104 
GLU H2   H N N 105 
GLU HA   H N N 106 
GLU HB2  H N N 107 
GLU HB3  H N N 108 
GLU HG2  H N N 109 
GLU HG3  H N N 110 
GLU HE2  H N N 111 
GLU HXT  H N N 112 
GLY N    N N N 113 
GLY CA   C N N 114 
GLY C    C N N 115 
GLY O    O N N 116 
GLY OXT  O N N 117 
GLY H    H N N 118 
GLY H2   H N N 119 
GLY HA2  H N N 120 
GLY HA3  H N N 121 
GLY HXT  H N N 122 
HOH O    O N N 123 
HOH H1   H N N 124 
HOH H2   H N N 125 
ILE N    N N N 126 
ILE CA   C N S 127 
ILE C    C N N 128 
ILE O    O N N 129 
ILE CB   C N S 130 
ILE CG1  C N N 131 
ILE CG2  C N N 132 
ILE CD1  C N N 133 
ILE OXT  O N N 134 
ILE H    H N N 135 
ILE H2   H N N 136 
ILE HA   H N N 137 
ILE HB   H N N 138 
ILE HG12 H N N 139 
ILE HG13 H N N 140 
ILE HG21 H N N 141 
ILE HG22 H N N 142 
ILE HG23 H N N 143 
ILE HD11 H N N 144 
ILE HD12 H N N 145 
ILE HD13 H N N 146 
ILE HXT  H N N 147 
IOD I    I N N 148 
LEU N    N N N 149 
LEU CA   C N S 150 
LEU C    C N N 151 
LEU O    O N N 152 
LEU CB   C N N 153 
LEU CG   C N N 154 
LEU CD1  C N N 155 
LEU CD2  C N N 156 
LEU OXT  O N N 157 
LEU H    H N N 158 
LEU H2   H N N 159 
LEU HA   H N N 160 
LEU HB2  H N N 161 
LEU HB3  H N N 162 
LEU HG   H N N 163 
LEU HD11 H N N 164 
LEU HD12 H N N 165 
LEU HD13 H N N 166 
LEU HD21 H N N 167 
LEU HD22 H N N 168 
LEU HD23 H N N 169 
LEU HXT  H N N 170 
LYS N    N N N 171 
LYS CA   C N S 172 
LYS C    C N N 173 
LYS O    O N N 174 
LYS CB   C N N 175 
LYS CG   C N N 176 
LYS CD   C N N 177 
LYS CE   C N N 178 
LYS NZ   N N N 179 
LYS OXT  O N N 180 
LYS H    H N N 181 
LYS H2   H N N 182 
LYS HA   H N N 183 
LYS HB2  H N N 184 
LYS HB3  H N N 185 
LYS HG2  H N N 186 
LYS HG3  H N N 187 
LYS HD2  H N N 188 
LYS HD3  H N N 189 
LYS HE2  H N N 190 
LYS HE3  H N N 191 
LYS HZ1  H N N 192 
LYS HZ2  H N N 193 
LYS HZ3  H N N 194 
LYS HXT  H N N 195 
MET N    N N N 196 
MET CA   C N S 197 
MET C    C N N 198 
MET O    O N N 199 
MET CB   C N N 200 
MET CG   C N N 201 
MET SD   S N N 202 
MET CE   C N N 203 
MET OXT  O N N 204 
MET H    H N N 205 
MET H2   H N N 206 
MET HA   H N N 207 
MET HB2  H N N 208 
MET HB3  H N N 209 
MET HG2  H N N 210 
MET HG3  H N N 211 
MET HE1  H N N 212 
MET HE2  H N N 213 
MET HE3  H N N 214 
MET HXT  H N N 215 
PGE C1   C N N 216 
PGE O1   O N N 217 
PGE C2   C N N 218 
PGE O2   O N N 219 
PGE C3   C N N 220 
PGE C4   C N N 221 
PGE O4   O N N 222 
PGE C6   C N N 223 
PGE C5   C N N 224 
PGE O3   O N N 225 
PGE H1   H N N 226 
PGE H12  H N N 227 
PGE HO1  H N N 228 
PGE H2   H N N 229 
PGE H22  H N N 230 
PGE H3   H N N 231 
PGE H32  H N N 232 
PGE H4   H N N 233 
PGE H42  H N N 234 
PGE HO4  H N N 235 
PGE H6   H N N 236 
PGE H62  H N N 237 
PGE H5   H N N 238 
PGE H52  H N N 239 
PHE N    N N N 240 
PHE CA   C N S 241 
PHE C    C N N 242 
PHE O    O N N 243 
PHE CB   C N N 244 
PHE CG   C Y N 245 
PHE CD1  C Y N 246 
PHE CD2  C Y N 247 
PHE CE1  C Y N 248 
PHE CE2  C Y N 249 
PHE CZ   C Y N 250 
PHE OXT  O N N 251 
PHE H    H N N 252 
PHE H2   H N N 253 
PHE HA   H N N 254 
PHE HB2  H N N 255 
PHE HB3  H N N 256 
PHE HD1  H N N 257 
PHE HD2  H N N 258 
PHE HE1  H N N 259 
PHE HE2  H N N 260 
PHE HZ   H N N 261 
PHE HXT  H N N 262 
SER N    N N N 263 
SER CA   C N S 264 
SER C    C N N 265 
SER O    O N N 266 
SER CB   C N N 267 
SER OG   O N N 268 
SER OXT  O N N 269 
SER H    H N N 270 
SER H2   H N N 271 
SER HA   H N N 272 
SER HB2  H N N 273 
SER HB3  H N N 274 
SER HG   H N N 275 
SER HXT  H N N 276 
THR N    N N N 277 
THR CA   C N S 278 
THR C    C N N 279 
THR O    O N N 280 
THR CB   C N R 281 
THR OG1  O N N 282 
THR CG2  C N N 283 
THR OXT  O N N 284 
THR H    H N N 285 
THR H2   H N N 286 
THR HA   H N N 287 
THR HB   H N N 288 
THR HG1  H N N 289 
THR HG21 H N N 290 
THR HG22 H N N 291 
THR HG23 H N N 292 
THR HXT  H N N 293 
TRP N    N N N 294 
TRP CA   C N S 295 
TRP C    C N N 296 
TRP O    O N N 297 
TRP CB   C N N 298 
TRP CG   C Y N 299 
TRP CD1  C Y N 300 
TRP CD2  C Y N 301 
TRP NE1  N Y N 302 
TRP CE2  C Y N 303 
TRP CE3  C Y N 304 
TRP CZ2  C Y N 305 
TRP CZ3  C Y N 306 
TRP CH2  C Y N 307 
TRP OXT  O N N 308 
TRP H    H N N 309 
TRP H2   H N N 310 
TRP HA   H N N 311 
TRP HB2  H N N 312 
TRP HB3  H N N 313 
TRP HD1  H N N 314 
TRP HE1  H N N 315 
TRP HE3  H N N 316 
TRP HZ2  H N N 317 
TRP HZ3  H N N 318 
TRP HH2  H N N 319 
TRP HXT  H N N 320 
TYR N    N N N 321 
TYR CA   C N S 322 
TYR C    C N N 323 
TYR O    O N N 324 
TYR CB   C N N 325 
TYR CG   C Y N 326 
TYR CD1  C Y N 327 
TYR CD2  C Y N 328 
TYR CE1  C Y N 329 
TYR CE2  C Y N 330 
TYR CZ   C Y N 331 
TYR OH   O N N 332 
TYR OXT  O N N 333 
TYR H    H N N 334 
TYR H2   H N N 335 
TYR HA   H N N 336 
TYR HB2  H N N 337 
TYR HB3  H N N 338 
TYR HD1  H N N 339 
TYR HD2  H N N 340 
TYR HE1  H N N 341 
TYR HE2  H N N 342 
TYR HH   H N N 343 
TYR HXT  H N N 344 
VAL N    N N N 345 
VAL CA   C N S 346 
VAL C    C N N 347 
VAL O    O N N 348 
VAL CB   C N N 349 
VAL CG1  C N N 350 
VAL CG2  C N N 351 
VAL OXT  O N N 352 
VAL H    H N N 353 
VAL H2   H N N 354 
VAL HA   H N N 355 
VAL HB   H N N 356 
VAL HG11 H N N 357 
VAL HG12 H N N 358 
VAL HG13 H N N 359 
VAL HG21 H N N 360 
VAL HG22 H N N 361 
VAL HG23 H N N 362 
VAL HXT  H N N 363 
# 
loop_
_chem_comp_bond.comp_id 
_chem_comp_bond.atom_id_1 
_chem_comp_bond.atom_id_2 
_chem_comp_bond.value_order 
_chem_comp_bond.pdbx_aromatic_flag 
_chem_comp_bond.pdbx_stereo_config 
_chem_comp_bond.pdbx_ordinal 
ALA N   CA   sing N N 1   
ALA N   H    sing N N 2   
ALA N   H2   sing N N 3   
ALA CA  C    sing N N 4   
ALA CA  CB   sing N N 5   
ALA CA  HA   sing N N 6   
ALA C   O    doub N N 7   
ALA C   OXT  sing N N 8   
ALA CB  HB1  sing N N 9   
ALA CB  HB2  sing N N 10  
ALA CB  HB3  sing N N 11  
ALA OXT HXT  sing N N 12  
ARG N   CA   sing N N 13  
ARG N   H    sing N N 14  
ARG N   H2   sing N N 15  
ARG CA  C    sing N N 16  
ARG CA  CB   sing N N 17  
ARG CA  HA   sing N N 18  
ARG C   O    doub N N 19  
ARG C   OXT  sing N N 20  
ARG CB  CG   sing N N 21  
ARG CB  HB2  sing N N 22  
ARG CB  HB3  sing N N 23  
ARG CG  CD   sing N N 24  
ARG CG  HG2  sing N N 25  
ARG CG  HG3  sing N N 26  
ARG CD  NE   sing N N 27  
ARG CD  HD2  sing N N 28  
ARG CD  HD3  sing N N 29  
ARG NE  CZ   sing N N 30  
ARG NE  HE   sing N N 31  
ARG CZ  NH1  sing N N 32  
ARG CZ  NH2  doub N N 33  
ARG NH1 HH11 sing N N 34  
ARG NH1 HH12 sing N N 35  
ARG NH2 HH21 sing N N 36  
ARG NH2 HH22 sing N N 37  
ARG OXT HXT  sing N N 38  
ASN N   CA   sing N N 39  
ASN N   H    sing N N 40  
ASN N   H2   sing N N 41  
ASN CA  C    sing N N 42  
ASN CA  CB   sing N N 43  
ASN CA  HA   sing N N 44  
ASN C   O    doub N N 45  
ASN C   OXT  sing N N 46  
ASN CB  CG   sing N N 47  
ASN CB  HB2  sing N N 48  
ASN CB  HB3  sing N N 49  
ASN CG  OD1  doub N N 50  
ASN CG  ND2  sing N N 51  
ASN ND2 HD21 sing N N 52  
ASN ND2 HD22 sing N N 53  
ASN OXT HXT  sing N N 54  
ASP N   CA   sing N N 55  
ASP N   H    sing N N 56  
ASP N   H2   sing N N 57  
ASP CA  C    sing N N 58  
ASP CA  CB   sing N N 59  
ASP CA  HA   sing N N 60  
ASP C   O    doub N N 61  
ASP C   OXT  sing N N 62  
ASP CB  CG   sing N N 63  
ASP CB  HB2  sing N N 64  
ASP CB  HB3  sing N N 65  
ASP CG  OD1  doub N N 66  
ASP CG  OD2  sing N N 67  
ASP OD2 HD2  sing N N 68  
ASP OXT HXT  sing N N 69  
GLN N   CA   sing N N 70  
GLN N   H    sing N N 71  
GLN N   H2   sing N N 72  
GLN CA  C    sing N N 73  
GLN CA  CB   sing N N 74  
GLN CA  HA   sing N N 75  
GLN C   O    doub N N 76  
GLN C   OXT  sing N N 77  
GLN CB  CG   sing N N 78  
GLN CB  HB2  sing N N 79  
GLN CB  HB3  sing N N 80  
GLN CG  CD   sing N N 81  
GLN CG  HG2  sing N N 82  
GLN CG  HG3  sing N N 83  
GLN CD  OE1  doub N N 84  
GLN CD  NE2  sing N N 85  
GLN NE2 HE21 sing N N 86  
GLN NE2 HE22 sing N N 87  
GLN OXT HXT  sing N N 88  
GLU N   CA   sing N N 89  
GLU N   H    sing N N 90  
GLU N   H2   sing N N 91  
GLU CA  C    sing N N 92  
GLU CA  CB   sing N N 93  
GLU CA  HA   sing N N 94  
GLU C   O    doub N N 95  
GLU C   OXT  sing N N 96  
GLU CB  CG   sing N N 97  
GLU CB  HB2  sing N N 98  
GLU CB  HB3  sing N N 99  
GLU CG  CD   sing N N 100 
GLU CG  HG2  sing N N 101 
GLU CG  HG3  sing N N 102 
GLU CD  OE1  doub N N 103 
GLU CD  OE2  sing N N 104 
GLU OE2 HE2  sing N N 105 
GLU OXT HXT  sing N N 106 
GLY N   CA   sing N N 107 
GLY N   H    sing N N 108 
GLY N   H2   sing N N 109 
GLY CA  C    sing N N 110 
GLY CA  HA2  sing N N 111 
GLY CA  HA3  sing N N 112 
GLY C   O    doub N N 113 
GLY C   OXT  sing N N 114 
GLY OXT HXT  sing N N 115 
HOH O   H1   sing N N 116 
HOH O   H2   sing N N 117 
ILE N   CA   sing N N 118 
ILE N   H    sing N N 119 
ILE N   H2   sing N N 120 
ILE CA  C    sing N N 121 
ILE CA  CB   sing N N 122 
ILE CA  HA   sing N N 123 
ILE C   O    doub N N 124 
ILE C   OXT  sing N N 125 
ILE CB  CG1  sing N N 126 
ILE CB  CG2  sing N N 127 
ILE CB  HB   sing N N 128 
ILE CG1 CD1  sing N N 129 
ILE CG1 HG12 sing N N 130 
ILE CG1 HG13 sing N N 131 
ILE CG2 HG21 sing N N 132 
ILE CG2 HG22 sing N N 133 
ILE CG2 HG23 sing N N 134 
ILE CD1 HD11 sing N N 135 
ILE CD1 HD12 sing N N 136 
ILE CD1 HD13 sing N N 137 
ILE OXT HXT  sing N N 138 
LEU N   CA   sing N N 139 
LEU N   H    sing N N 140 
LEU N   H2   sing N N 141 
LEU CA  C    sing N N 142 
LEU CA  CB   sing N N 143 
LEU CA  HA   sing N N 144 
LEU C   O    doub N N 145 
LEU C   OXT  sing N N 146 
LEU CB  CG   sing N N 147 
LEU CB  HB2  sing N N 148 
LEU CB  HB3  sing N N 149 
LEU CG  CD1  sing N N 150 
LEU CG  CD2  sing N N 151 
LEU CG  HG   sing N N 152 
LEU CD1 HD11 sing N N 153 
LEU CD1 HD12 sing N N 154 
LEU CD1 HD13 sing N N 155 
LEU CD2 HD21 sing N N 156 
LEU CD2 HD22 sing N N 157 
LEU CD2 HD23 sing N N 158 
LEU OXT HXT  sing N N 159 
LYS N   CA   sing N N 160 
LYS N   H    sing N N 161 
LYS N   H2   sing N N 162 
LYS CA  C    sing N N 163 
LYS CA  CB   sing N N 164 
LYS CA  HA   sing N N 165 
LYS C   O    doub N N 166 
LYS C   OXT  sing N N 167 
LYS CB  CG   sing N N 168 
LYS CB  HB2  sing N N 169 
LYS CB  HB3  sing N N 170 
LYS CG  CD   sing N N 171 
LYS CG  HG2  sing N N 172 
LYS CG  HG3  sing N N 173 
LYS CD  CE   sing N N 174 
LYS CD  HD2  sing N N 175 
LYS CD  HD3  sing N N 176 
LYS CE  NZ   sing N N 177 
LYS CE  HE2  sing N N 178 
LYS CE  HE3  sing N N 179 
LYS NZ  HZ1  sing N N 180 
LYS NZ  HZ2  sing N N 181 
LYS NZ  HZ3  sing N N 182 
LYS OXT HXT  sing N N 183 
MET N   CA   sing N N 184 
MET N   H    sing N N 185 
MET N   H2   sing N N 186 
MET CA  C    sing N N 187 
MET CA  CB   sing N N 188 
MET CA  HA   sing N N 189 
MET C   O    doub N N 190 
MET C   OXT  sing N N 191 
MET CB  CG   sing N N 192 
MET CB  HB2  sing N N 193 
MET CB  HB3  sing N N 194 
MET CG  SD   sing N N 195 
MET CG  HG2  sing N N 196 
MET CG  HG3  sing N N 197 
MET SD  CE   sing N N 198 
MET CE  HE1  sing N N 199 
MET CE  HE2  sing N N 200 
MET CE  HE3  sing N N 201 
MET OXT HXT  sing N N 202 
PGE C1  O1   sing N N 203 
PGE C1  C2   sing N N 204 
PGE C1  H1   sing N N 205 
PGE C1  H12  sing N N 206 
PGE O1  HO1  sing N N 207 
PGE C2  O2   sing N N 208 
PGE C2  H2   sing N N 209 
PGE C2  H22  sing N N 210 
PGE O2  C3   sing N N 211 
PGE C3  C4   sing N N 212 
PGE C3  H3   sing N N 213 
PGE C3  H32  sing N N 214 
PGE C4  O3   sing N N 215 
PGE C4  H4   sing N N 216 
PGE C4  H42  sing N N 217 
PGE O4  C6   sing N N 218 
PGE O4  HO4  sing N N 219 
PGE C6  C5   sing N N 220 
PGE C6  H6   sing N N 221 
PGE C6  H62  sing N N 222 
PGE C5  O3   sing N N 223 
PGE C5  H5   sing N N 224 
PGE C5  H52  sing N N 225 
PHE N   CA   sing N N 226 
PHE N   H    sing N N 227 
PHE N   H2   sing N N 228 
PHE CA  C    sing N N 229 
PHE CA  CB   sing N N 230 
PHE CA  HA   sing N N 231 
PHE C   O    doub N N 232 
PHE C   OXT  sing N N 233 
PHE CB  CG   sing N N 234 
PHE CB  HB2  sing N N 235 
PHE CB  HB3  sing N N 236 
PHE CG  CD1  doub Y N 237 
PHE CG  CD2  sing Y N 238 
PHE CD1 CE1  sing Y N 239 
PHE CD1 HD1  sing N N 240 
PHE CD2 CE2  doub Y N 241 
PHE CD2 HD2  sing N N 242 
PHE CE1 CZ   doub Y N 243 
PHE CE1 HE1  sing N N 244 
PHE CE2 CZ   sing Y N 245 
PHE CE2 HE2  sing N N 246 
PHE CZ  HZ   sing N N 247 
PHE OXT HXT  sing N N 248 
SER N   CA   sing N N 249 
SER N   H    sing N N 250 
SER N   H2   sing N N 251 
SER CA  C    sing N N 252 
SER CA  CB   sing N N 253 
SER CA  HA   sing N N 254 
SER C   O    doub N N 255 
SER C   OXT  sing N N 256 
SER CB  OG   sing N N 257 
SER CB  HB2  sing N N 258 
SER CB  HB3  sing N N 259 
SER OG  HG   sing N N 260 
SER OXT HXT  sing N N 261 
THR N   CA   sing N N 262 
THR N   H    sing N N 263 
THR N   H2   sing N N 264 
THR CA  C    sing N N 265 
THR CA  CB   sing N N 266 
THR CA  HA   sing N N 267 
THR C   O    doub N N 268 
THR C   OXT  sing N N 269 
THR CB  OG1  sing N N 270 
THR CB  CG2  sing N N 271 
THR CB  HB   sing N N 272 
THR OG1 HG1  sing N N 273 
THR CG2 HG21 sing N N 274 
THR CG2 HG22 sing N N 275 
THR CG2 HG23 sing N N 276 
THR OXT HXT  sing N N 277 
TRP N   CA   sing N N 278 
TRP N   H    sing N N 279 
TRP N   H2   sing N N 280 
TRP CA  C    sing N N 281 
TRP CA  CB   sing N N 282 
TRP CA  HA   sing N N 283 
TRP C   O    doub N N 284 
TRP C   OXT  sing N N 285 
TRP CB  CG   sing N N 286 
TRP CB  HB2  sing N N 287 
TRP CB  HB3  sing N N 288 
TRP CG  CD1  doub Y N 289 
TRP CG  CD2  sing Y N 290 
TRP CD1 NE1  sing Y N 291 
TRP CD1 HD1  sing N N 292 
TRP CD2 CE2  doub Y N 293 
TRP CD2 CE3  sing Y N 294 
TRP NE1 CE2  sing Y N 295 
TRP NE1 HE1  sing N N 296 
TRP CE2 CZ2  sing Y N 297 
TRP CE3 CZ3  doub Y N 298 
TRP CE3 HE3  sing N N 299 
TRP CZ2 CH2  doub Y N 300 
TRP CZ2 HZ2  sing N N 301 
TRP CZ3 CH2  sing Y N 302 
TRP CZ3 HZ3  sing N N 303 
TRP CH2 HH2  sing N N 304 
TRP OXT HXT  sing N N 305 
TYR N   CA   sing N N 306 
TYR N   H    sing N N 307 
TYR N   H2   sing N N 308 
TYR CA  C    sing N N 309 
TYR CA  CB   sing N N 310 
TYR CA  HA   sing N N 311 
TYR C   O    doub N N 312 
TYR C   OXT  sing N N 313 
TYR CB  CG   sing N N 314 
TYR CB  HB2  sing N N 315 
TYR CB  HB3  sing N N 316 
TYR CG  CD1  doub Y N 317 
TYR CG  CD2  sing Y N 318 
TYR CD1 CE1  sing Y N 319 
TYR CD1 HD1  sing N N 320 
TYR CD2 CE2  doub Y N 321 
TYR CD2 HD2  sing N N 322 
TYR CE1 CZ   doub Y N 323 
TYR CE1 HE1  sing N N 324 
TYR CE2 CZ   sing Y N 325 
TYR CE2 HE2  sing N N 326 
TYR CZ  OH   sing N N 327 
TYR OH  HH   sing N N 328 
TYR OXT HXT  sing N N 329 
VAL N   CA   sing N N 330 
VAL N   H    sing N N 331 
VAL N   H2   sing N N 332 
VAL CA  C    sing N N 333 
VAL CA  CB   sing N N 334 
VAL CA  HA   sing N N 335 
VAL C   O    doub N N 336 
VAL C   OXT  sing N N 337 
VAL CB  CG1  sing N N 338 
VAL CB  CG2  sing N N 339 
VAL CB  HB   sing N N 340 
VAL CG1 HG11 sing N N 341 
VAL CG1 HG12 sing N N 342 
VAL CG1 HG13 sing N N 343 
VAL CG2 HG21 sing N N 344 
VAL CG2 HG22 sing N N 345 
VAL CG2 HG23 sing N N 346 
VAL OXT HXT  sing N N 347 
# 
_pdbx_audit_support.funding_organization   'Wellcome Trust and Royal Society' 
_pdbx_audit_support.country                'United Kingdom' 
_pdbx_audit_support.grant_number           104158/Z/14/Z 
_pdbx_audit_support.ordinal                1 
# 
_atom_sites.entry_id                    6F5X 
_atom_sites.fract_transf_matrix[1][1]   -0.01357790 
_atom_sites.fract_transf_matrix[1][2]   0.02485844 
_atom_sites.fract_transf_matrix[1][3]   0.02041631 
_atom_sites.fract_transf_matrix[2][1]   -0.01615285 
_atom_sites.fract_transf_matrix[2][2]   -0.01692787 
_atom_sites.fract_transf_matrix[2][3]   0.00986852 
_atom_sites.fract_transf_matrix[3][1]   0.00402008 
_atom_sites.fract_transf_matrix[3][2]   -0.00133196 
_atom_sites.fract_transf_matrix[3][3]   0.00429533 
_atom_sites.fract_transf_vector[1]      0.555038 
_atom_sites.fract_transf_vector[2]      0.474560 
_atom_sites.fract_transf_vector[3]      0.253524 
# 
loop_
_atom_type.symbol 
C 
I 
N 
O 
S 
# 
loop_
_atom_site.group_PDB 
_atom_site.id 
_atom_site.type_symbol 
_atom_site.label_atom_id 
_atom_site.label_alt_id 
_atom_site.label_comp_id 
_atom_site.label_asym_id 
_atom_site.label_entity_id 
_atom_site.label_seq_id 
_atom_site.pdbx_PDB_ins_code 
_atom_site.Cartn_x 
_atom_site.Cartn_y 
_atom_site.Cartn_z 
_atom_site.occupancy 
_atom_site.B_iso_or_equiv 
_atom_site.pdbx_formal_charge 
_atom_site.auth_seq_id 
_atom_site.auth_comp_id 
_atom_site.auth_asym_id 
_atom_site.auth_atom_id 
_atom_site.pdbx_PDB_model_num 
ATOM   1   N N   . GLY A 1 1  ? -45.691 3.793   -33.473 1.00 86.16  ?  98  GLY A N   1 
ATOM   2   C CA  . GLY A 1 1  ? -44.243 3.858   -33.435 1.00 87.84  ?  98  GLY A CA  1 
ATOM   3   C C   . GLY A 1 1  ? -43.735 5.082   -34.154 1.00 95.90  ?  98  GLY A C   1 
ATOM   4   O O   . GLY A 1 1  ? -42.728 5.031   -34.856 1.00 86.63  ?  98  GLY A O   1 
ATOM   5   N N   . SER A 1 2  ? -44.454 6.189   -33.982 1.00 85.05  ?  99  SER A N   1 
ATOM   6   C CA  . SER A 1 2  ? -44.068 7.471   -34.558 1.00 86.39  ?  99  SER A CA  1 
ATOM   7   C C   . SER A 1 2  ? -43.036 8.216   -33.714 1.00 83.01  ?  99  SER A C   1 
ATOM   8   O O   . SER A 1 2  ? -42.693 9.368   -34.021 1.00 74.55  ?  99  SER A O   1 
ATOM   9   C CB  . SER A 1 2  ? -45.302 8.349   -34.747 1.00 85.92  ?  99  SER A CB  1 
ATOM   10  O OG  . SER A 1 2  ? -45.844 8.714   -33.484 1.00 81.50  ?  99  SER A OG  1 
ATOM   11  N N   . MET A 1 3  ? -42.535 7.572   -32.661 1.00 69.52  ?  100 MET A N   1 
ATOM   12  C CA  . MET A 1 3  ? -41.580 8.162   -31.738 1.00 60.10  ?  100 MET A CA  1 
ATOM   13  C C   . MET A 1 3  ? -40.466 7.201   -31.383 1.00 62.53  ?  100 MET A C   1 
ATOM   14  O O   . MET A 1 3  ? -39.959 7.219   -30.253 1.00 43.69  ?  100 MET A O   1 
ATOM   15  C CB  . MET A 1 3  ? -42.297 8.632   -30.493 1.00 63.40  ?  100 MET A CB  1 
ATOM   16  C CG  . MET A 1 3  ? -42.910 9.965   -30.711 1.00 82.08  ?  100 MET A CG  1 
ATOM   17  S SD  . MET A 1 3  ? -43.917 10.558  -29.358 1.00 79.65  ?  100 MET A SD  1 
ATOM   18  C CE  . MET A 1 3  ? -43.948 12.241  -29.925 1.00 96.48  ?  100 MET A CE  1 
ATOM   19  N N   . GLY A 1 4  ? -40.078 6.350   -32.329 1.00 46.12  ?  101 GLY A N   1 
ATOM   20  C CA  . GLY A 1 4  ? -38.907 5.531   -32.116 1.00 47.15  ?  101 GLY A CA  1 
ATOM   21  C C   . GLY A 1 4  ? -37.685 6.348   -31.739 1.00 34.62  ?  101 GLY A C   1 
ATOM   22  O O   . GLY A 1 4  ? -36.943 5.974   -30.833 1.00 36.36  ?  101 GLY A O   1 
ATOM   23  N N   . LEU A 1 5  ? -37.467 7.493   -32.413 1.00 37.29  ?  102 LEU A N   1 
ATOM   24  C CA  . LEU A 1 5  ? -36.281 8.286   -32.067 1.00 42.32  ?  102 LEU A CA  1 
ATOM   25  C C   . LEU A 1 5  ? -36.374 8.866   -30.661 1.00 32.33  ?  102 LEU A C   1 
ATOM   26  O O   . LEU A 1 5  ? -35.355 8.969   -29.978 1.00 30.26  ?  102 LEU A O   1 
ATOM   27  C CB  . LEU A 1 5  ? -36.028 9.417   -33.067 1.00 29.23  ?  102 LEU A CB  1 
ATOM   28  C CG  . LEU A 1 5  ? -35.579 9.051   -34.474 1.00 35.36  ?  102 LEU A CG  1 
ATOM   29  C CD1 . LEU A 1 5  ? -35.425 10.310  -35.309 1.00 41.50  ?  102 LEU A CD1 1 
ATOM   30  C CD2 . LEU A 1 5  ? -34.298 8.270   -34.408 1.00 33.93  ?  102 LEU A CD2 1 
ATOM   31  N N   . SER A 1 6  ? -37.571 9.225   -30.192 1.00 41.61  ?  103 SER A N   1 
ATOM   32  C CA  . SER A 1 6  ? -37.652 9.674   -28.804 1.00 32.85  ?  103 SER A CA  1 
ATOM   33  C C   . SER A 1 6  ? -37.272 8.561   -27.843 1.00 32.26  ?  103 SER A C   1 
ATOM   34  O O   . SER A 1 6  ? -36.674 8.823   -26.799 1.00 36.98  ?  103 SER A O   1 
ATOM   35  C CB  . SER A 1 6  ? -39.045 10.202  -28.479 1.00 40.86  ?  103 SER A CB  1 
ATOM   36  O OG  . SER A 1 6  ? -39.299 11.375  -29.223 1.00 73.49  ?  103 SER A OG  1 
ATOM   37  N N   . ARG A 1 7  ? -37.588 7.317   -28.185 1.00 33.98  ?  104 ARG A N   1 
ATOM   38  C CA  . ARG A 1 7  ? -37.202 6.218   -27.311 1.00 35.26  ?  104 ARG A CA  1 
ATOM   39  C C   . ARG A 1 7  ? -35.700 5.957   -27.384 1.00 30.03  ?  104 ARG A C   1 
ATOM   40  O O   . ARG A 1 7  ? -35.060 5.694   -26.362 1.00 32.13  ?  104 ARG A O   1 
ATOM   41  C CB  . ARG A 1 7  ? -38.030 4.989   -27.679 1.00 43.32  ?  104 ARG A CB  1 
ATOM   42  C CG  . ARG A 1 7  ? -37.898 3.795   -26.774 1.00 63.49  ?  104 ARG A CG  1 
ATOM   43  C CD  . ARG A 1 7  ? -38.910 2.713   -27.179 1.00 80.65  ?  104 ARG A CD  1 
ATOM   44  N NE  . ARG A 1 7  ? -40.299 3.108   -26.950 1.00 76.27  ?  104 ARG A NE  1 
ATOM   45  C CZ  . ARG A 1 7  ? -41.194 3.332   -27.904 1.00 67.66  ?  104 ARG A CZ  1 
ATOM   46  N NH1 . ARG A 1 7  ? -40.857 3.213   -29.181 1.00 88.71  ?  104 ARG A NH1 1 
ATOM   47  N NH2 . ARG A 1 7  ? -42.432 3.686   -27.568 1.00 73.82  ?  104 ARG A NH2 1 
ATOM   48  N N   . VAL A 1 8  ? -35.109 6.049   -28.577 1.00 28.77  ?  105 VAL A N   1 
ATOM   49  C CA  . VAL A 1 8  ? -33.654 5.940   -28.686 1.00 26.94  ?  105 VAL A CA  1 
ATOM   50  C C   . VAL A 1 8  ? -32.990 7.007   -27.832 1.00 26.53  ?  105 VAL A C   1 
ATOM   51  O O   . VAL A 1 8  ? -32.077 6.738   -27.048 1.00 26.06  ?  105 VAL A O   1 
ATOM   52  C CB  . VAL A 1 8  ? -33.219 6.058   -30.157 1.00 25.86  ?  105 VAL A CB  1 
ATOM   53  C CG1 . VAL A 1 8  ? -31.713 6.025   -30.253 1.00 30.73  ?  105 VAL A CG1 1 
ATOM   54  C CG2 . VAL A 1 8  ? -33.815 4.953   -30.955 1.00 29.11  ?  105 VAL A CG2 1 
ATOM   55  N N   . TYR A 1 9  ? -33.450 8.238   -27.993 1.00 27.45  ?  106 TYR A N   1 
ATOM   56  C CA  . TYR A 1 9  ? -32.946 9.390   -27.261 1.00 30.68  ?  106 TYR A CA  1 
ATOM   57  C C   . TYR A 1 9  ? -33.008 9.176   -25.752 1.00 30.66  ?  106 TYR A C   1 
ATOM   58  O O   . TYR A 1 9  ? -32.006 9.322   -25.044 1.00 27.40  ?  106 TYR A O   1 
ATOM   59  C CB  . TYR A 1 9  ? -33.785 10.587  -27.700 1.00 29.76  ?  106 TYR A CB  1 
ATOM   60  C CG  . TYR A 1 9  ? -33.399 11.901  -27.135 1.00 34.26  ?  106 TYR A CG  1 
ATOM   61  C CD1 . TYR A 1 9  ? -32.276 12.566  -27.605 1.00 40.58  ?  106 TYR A CD1 1 
ATOM   62  C CD2 . TYR A 1 9  ? -34.182 12.517  -26.165 1.00 35.83  ?  106 TYR A CD2 1 
ATOM   63  C CE1 . TYR A 1 9  ? -31.915 13.797  -27.119 1.00 62.79  ?  106 TYR A CE1 1 
ATOM   64  C CE2 . TYR A 1 9  ? -33.824 13.756  -25.658 1.00 76.91  ?  106 TYR A CE2 1 
ATOM   65  C CZ  . TYR A 1 9  ? -32.687 14.394  -26.145 1.00 76.04  ?  106 TYR A CZ  1 
ATOM   66  O OH  . TYR A 1 9  ? -32.303 15.627  -25.662 1.00 78.72  ?  106 TYR A OH  1 
ATOM   67  N N   . SER A 1 10 ? -34.177 8.783   -25.246 1.00 29.28  ?  107 SER A N   1 
ATOM   68  C CA  A SER A 1 10 ? -34.308 8.526   -23.814 0.60 30.55  ?  107 SER A CA  1 
ATOM   69  C CA  B SER A 1 10 ? -34.321 8.517   -23.815 0.40 30.79  ?  107 SER A CA  1 
ATOM   70  C C   . SER A 1 10 ? -33.366 7.417   -23.349 1.00 29.44  ?  107 SER A C   1 
ATOM   71  O O   . SER A 1 10 ? -32.724 7.532   -22.290 1.00 29.60  ?  107 SER A O   1 
ATOM   72  C CB  A SER A 1 10 ? -35.759 8.177   -23.497 0.60 32.02  ?  107 SER A CB  1 
ATOM   73  C CB  B SER A 1 10 ? -35.775 8.141   -23.519 0.40 32.02  ?  107 SER A CB  1 
ATOM   74  O OG  A SER A 1 10 ? -36.516 9.363   -23.436 0.60 42.87  ?  107 SER A OG  1 
ATOM   75  O OG  B SER A 1 10 ? -35.903 7.562   -22.236 0.40 33.56  ?  107 SER A OG  1 
ATOM   76  N N   . LYS A 1 11 ? -33.242 6.348   -24.136 1.00 28.84  ?  108 LYS A N   1 
ATOM   77  C CA  . LYS A 1 11 ? -32.349 5.252   -23.765 1.00 28.45  ?  108 LYS A CA  1 
ATOM   78  C C   . LYS A 1 11 ? -30.888 5.728   -23.697 1.00 27.40  ?  108 LYS A C   1 
ATOM   79  O O   . LYS A 1 11 ? -30.145 5.405   -22.758 1.00 32.02  ?  108 LYS A O   1 
ATOM   80  C CB  . LYS A 1 11 ? -32.516 4.130   -24.790 1.00 31.41  ?  108 LYS A CB  1 
ATOM   81  C CG  . LYS A 1 11 ? -31.986 2.775   -24.423 1.00 57.89  ?  108 LYS A CG  1 
ATOM   82  C CD  . LYS A 1 11 ? -32.926 2.157   -23.398 1.00 87.43  ?  108 LYS A CD  1 
ATOM   83  C CE  . LYS A 1 11 ? -32.492 0.768   -22.994 1.00 91.57  ?  108 LYS A CE  1 
ATOM   84  N NZ  . LYS A 1 11 ? -32.628 -0.121  -24.159 1.00 92.10  ?  108 LYS A NZ  1 
ATOM   85  N N   . LEU A 1 12 ? -30.451 6.475   -24.712 1.00 30.30  ?  109 LEU A N   1 
ATOM   86  C CA  . LEU A 1 12 ? -29.093 7.015   -24.724 1.00 25.52  ?  109 LEU A CA  1 
ATOM   87  C C   . LEU A 1 12 ? -28.829 7.898   -23.510 1.00 26.35  ?  109 LEU A C   1 
ATOM   88  O O   . LEU A 1 12 ? -27.764 7.807   -22.879 1.00 26.54  ?  109 LEU A O   1 
ATOM   89  C CB  . LEU A 1 12 ? -28.872 7.795   -26.013 1.00 25.52  ?  109 LEU A CB  1 
ATOM   90  C CG  . LEU A 1 12 ? -27.482 8.367   -26.256 1.00 32.41  ?  109 LEU A CG  1 
ATOM   91  C CD1 . LEU A 1 12 ? -26.512 7.266   -26.219 1.00 31.65  ?  109 LEU A CD1 1 
ATOM   92  C CD2 . LEU A 1 12 ? -27.513 8.951   -27.628 1.00 40.61  ?  109 LEU A CD2 1 
ATOM   93  N N   . TYR A 1 13 ? -29.788 8.759   -23.156 1.00 29.99  ?  110 TYR A N   1 
ATOM   94  C CA  . TYR A 1 13 ? -29.613 9.569   -21.947 1.00 28.20  ?  110 TYR A CA  1 
ATOM   95  C C   . TYR A 1 13 ? -29.351 8.684   -20.732 1.00 28.97  ?  110 TYR A C   1 
ATOM   96  O O   . TYR A 1 13 ? -28.409 8.921   -19.958 1.00 33.53  ?  110 TYR A O   1 
ATOM   97  C CB  . TYR A 1 13 ? -30.850 10.416  -21.699 1.00 33.83  ?  110 TYR A CB  1 
ATOM   98  C CG  . TYR A 1 13 ? -30.716 11.345  -20.500 1.00 37.87  ?  110 TYR A CG  1 
ATOM   99  C CD1 . TYR A 1 13 ? -30.164 12.615  -20.631 1.00 39.03  ?  110 TYR A CD1 1 
ATOM   100 C CD2 . TYR A 1 13 ? -31.034 10.900  -19.225 1.00 41.55  ?  110 TYR A CD2 1 
ATOM   101 C CE1 . TYR A 1 13 ? -30.028 13.454  -19.531 1.00 50.28  ?  110 TYR A CE1 1 
ATOM   102 C CE2 . TYR A 1 13 ? -30.892 11.729  -18.111 1.00 58.24  ?  110 TYR A CE2 1 
ATOM   103 C CZ  . TYR A 1 13 ? -30.392 13.007  -18.272 1.00 53.25  ?  110 TYR A CZ  1 
ATOM   104 O OH  . TYR A 1 13 ? -30.244 13.831  -17.169 1.00 64.17  ?  110 TYR A OH  1 
ATOM   105 N N   . LYS A 1 14 ? -30.184 7.655   -20.539 1.00 33.85  ?  111 LYS A N   1 
ATOM   106 C CA  . LYS A 1 14 ? -30.007 6.812   -19.353 1.00 32.28  ?  111 LYS A CA  1 
ATOM   107 C C   . LYS A 1 14 ? -28.645 6.115   -19.369 1.00 44.57  ?  111 LYS A C   1 
ATOM   108 O O   . LYS A 1 14 ? -27.972 6.024   -18.333 1.00 30.99  ?  111 LYS A O   1 
ATOM   109 C CB  . LYS A 1 14 ? -31.154 5.803   -19.250 1.00 31.11  ?  111 LYS A CB  1 
ATOM   110 C CG  . LYS A 1 14 ? -31.064 4.864   -18.050 1.00 38.89  ?  111 LYS A CG  1 
ATOM   111 C CD  . LYS A 1 14 ? -31.192 5.638   -16.747 1.00 58.28  ?  111 LYS A CD  1 
ATOM   112 C CE  . LYS A 1 14 ? -31.118 4.730   -15.524 1.00 58.09  ?  111 LYS A CE  1 
ATOM   113 N NZ  . LYS A 1 14 ? -31.081 5.490   -14.233 1.00 61.11  ?  111 LYS A NZ  1 
ATOM   114 N N   . GLU A 1 15 ? -28.202 5.649   -20.542 1.00 37.89  ?  112 GLU A N   1 
ATOM   115 C CA  . GLU A 1 15 ? -26.912 4.969   -20.595 1.00 41.19  ?  112 GLU A CA  1 
ATOM   116 C C   . GLU A 1 15 ? -25.768 5.924   -20.304 1.00 40.32  ?  112 GLU A C   1 
ATOM   117 O O   . GLU A 1 15 ? -24.819 5.562   -19.601 1.00 45.20  ?  112 GLU A O   1 
ATOM   118 C CB  . GLU A 1 15 ? -26.718 4.274   -21.946 1.00 32.54  ?  112 GLU A CB  1 
ATOM   119 C CG  . GLU A 1 15 ? -27.669 3.116   -22.076 1.00 53.80  ?  112 GLU A CG  1 
ATOM   120 C CD  . GLU A 1 15 ? -27.424 2.053   -21.012 1.00 59.93  ?  112 GLU A CD  1 
ATOM   121 O OE1 . GLU A 1 15 ? -26.247 1.872   -20.613 1.00 62.75  ?  112 GLU A OE1 1 
ATOM   122 O OE2 . GLU A 1 15 ? -28.408 1.409   -20.573 1.00 60.54  ?  112 GLU A OE2 1 
ATOM   123 N N   . ALA A 1 16 ? -25.841 7.144   -20.824 1.00 36.50  ?  113 ALA A N   1 
ATOM   124 C CA  . ALA A 1 16 ? -24.834 8.144   -20.493 1.00 30.59  ?  113 ALA A CA  1 
ATOM   125 C C   . ALA A 1 16 ? -24.781 8.396   -18.998 1.00 41.09  ?  113 ALA A C   1 
ATOM   126 O O   . ALA A 1 16 ? -23.697 8.552   -18.422 1.00 39.22  ?  113 ALA A O   1 
ATOM   127 C CB  . ALA A 1 16 ? -25.132 9.443   -21.225 1.00 29.85  ?  113 ALA A CB  1 
ATOM   128 N N   . GLU A 1 17 ? -25.943 8.465   -18.344 1.00 32.73  ?  114 GLU A N   1 
ATOM   129 C CA  . GLU A 1 17 ? -25.916 8.645   -16.898 1.00 32.80  ?  114 GLU A CA  1 
ATOM   130 C C   . GLU A 1 17 ? -25.244 7.455   -16.211 1.00 33.57  ?  114 GLU A C   1 
ATOM   131 O O   . GLU A 1 17 ? -24.455 7.630   -15.272 1.00 37.68  ?  114 GLU A O   1 
ATOM   132 C CB  . GLU A 1 17 ? -27.340 8.858   -16.370 1.00 33.13  ?  114 GLU A CB  1 
ATOM   133 C CG  . GLU A 1 17 ? -27.396 9.236   -14.902 1.00 59.53  ?  114 GLU A CG  1 
ATOM   134 C CD  . GLU A 1 17 ? -28.808 9.488   -14.384 1.00 75.15  ?  114 GLU A CD  1 
ATOM   135 O OE1 . GLU A 1 17 ? -29.772 9.300   -15.154 1.00 63.93  ?  114 GLU A OE1 1 
ATOM   136 O OE2 . GLU A 1 17 ? -28.947 9.901   -13.207 1.00 88.93  ?  114 GLU A OE2 1 
ATOM   137 N N   . LYS A 1 18 ? -25.540 6.232   -16.656 1.00 34.83  ?  115 LYS A N   1 
ATOM   138 C CA  . LYS A 1 18 ? -24.940 5.074   -15.998 1.00 39.45  ?  115 LYS A CA  1 
ATOM   139 C C   . LYS A 1 18 ? -23.431 5.066   -16.191 1.00 34.71  ?  115 LYS A C   1 
ATOM   140 O O   . LYS A 1 18 ? -22.676 4.697   -15.279 1.00 36.48  ?  115 LYS A O   1 
ATOM   141 C CB  . LYS A 1 18 ? -25.548 3.773   -16.533 1.00 47.32  ?  115 LYS A CB  1 
ATOM   142 C CG  . LYS A 1 18 ? -27.019 3.522   -16.204 1.00 49.46  ?  115 LYS A CG  1 
ATOM   143 C CD  . LYS A 1 18 ? -27.418 2.177   -16.798 1.00 51.33  ?  115 LYS A CD  1 
ATOM   144 C CE  . LYS A 1 18 ? -28.868 1.844   -16.581 1.00 59.95  ?  115 LYS A CE  1 
ATOM   145 N NZ  . LYS A 1 18 ? -29.216 0.536   -17.220 1.00 72.84  ?  115 LYS A NZ  1 
ATOM   146 N N   . ILE A 1 19 ? -22.976 5.492   -17.365 1.00 41.37  ?  116 ILE A N   1 
ATOM   147 C CA  . ILE A 1 19 ? -21.547 5.483   -17.658 1.00 40.43  ?  116 ILE A CA  1 
ATOM   148 C C   . ILE A 1 19 ? -20.832 6.568   -16.869 1.00 40.78  ?  116 ILE A C   1 
ATOM   149 O O   . ILE A 1 19 ? -19.792 6.315   -16.263 1.00 49.88  ?  116 ILE A O   1 
ATOM   150 C CB  . ILE A 1 19 ? -21.322 5.610   -19.170 1.00 37.30  ?  116 ILE A CB  1 
ATOM   151 C CG1 . ILE A 1 19 ? -21.815 4.325   -19.848 1.00 40.91  ?  116 ILE A CG1 1 
ATOM   152 C CG2 . ILE A 1 19 ? -19.881 5.943   -19.475 1.00 45.01  ?  116 ILE A CG2 1 
ATOM   153 C CD1 . ILE A 1 19 ? -21.923 4.407   -21.344 1.00 40.36  ?  116 ILE A CD1 1 
ATOM   154 N N   . LYS A 1 20 ? -21.392 7.780   -16.835 1.00 44.44  ?  117 LYS A N   1 
ATOM   155 C CA  . LYS A 1 20 ? -20.826 8.829   -15.993 1.00 45.19  ?  117 LYS A CA  1 
ATOM   156 C C   . LYS A 1 20 ? -20.698 8.370   -14.544 1.00 44.52  ?  117 LYS A C   1 
ATOM   157 O O   . LYS A 1 20 ? -19.643 8.526   -13.914 1.00 53.11  ?  117 LYS A O   1 
ATOM   158 C CB  . LYS A 1 20 ? -21.685 10.090  -16.072 1.00 46.61  ?  117 LYS A CB  1 
ATOM   159 C CG  . LYS A 1 20 ? -21.128 11.248  -15.244 1.00 95.89  ?  117 LYS A CG  1 
ATOM   160 C CD  . LYS A 1 20 ? -21.970 12.518  -15.358 1.00 106.93 ?  117 LYS A CD  1 
ATOM   161 C CE  . LYS A 1 20 ? -21.395 13.653  -14.505 1.00 85.98  ?  117 LYS A CE  1 
ATOM   162 N NZ  . LYS A 1 20 ? -22.212 14.899  -14.618 1.00 109.78 ?  117 LYS A NZ  1 
ATOM   163 N N   . LYS A 1 21 ? -21.783 7.819   -13.992 1.00 47.72  ?  118 LYS A N   1 
ATOM   164 C CA  . LYS A 1 21 ? -21.748 7.297   -12.631 1.00 43.98  ?  118 LYS A CA  1 
ATOM   165 C C   . LYS A 1 21 ? -20.657 6.248   -12.472 1.00 48.20  ?  118 LYS A C   1 
ATOM   166 O O   . LYS A 1 21 ? -19.947 6.226   -11.456 1.00 51.97  ?  118 LYS A O   1 
ATOM   167 C CB  . LYS A 1 21 ? -23.111 6.708   -12.264 1.00 45.22  ?  118 LYS A CB  1 
ATOM   168 C CG  . LYS A 1 21 ? -23.224 6.169   -10.840 1.00 54.10  ?  118 LYS A CG  1 
ATOM   169 C CD  . LYS A 1 21 ? -24.657 5.677   -10.557 1.00 82.09  ?  118 LYS A CD  1 
ATOM   170 C CE  . LYS A 1 21 ? -24.826 5.127   -9.139  1.00 91.85  ?  118 LYS A CE  1 
ATOM   171 N NZ  . LYS A 1 21 ? -26.224 4.669   -8.860  1.00 92.78  ?  118 LYS A NZ  1 
ATOM   172 N N   . TRP A 1 22 ? -20.498 5.374   -13.467 1.00 48.66  ?  119 TRP A N   1 
ATOM   173 C CA  . TRP A 1 22 ? -19.447 4.372   -13.359 1.00 44.16  ?  119 TRP A CA  1 
ATOM   174 C C   . TRP A 1 22 ? -18.084 5.052   -13.310 1.00 49.72  ?  119 TRP A C   1 
ATOM   175 O O   . TRP A 1 22 ? -17.205 4.644   -12.547 1.00 49.83  ?  119 TRP A O   1 
ATOM   176 C CB  . TRP A 1 22 ? -19.493 3.397   -14.537 1.00 43.34  ?  119 TRP A CB  1 
ATOM   177 C CG  . TRP A 1 22 ? -18.736 2.089   -14.276 1.00 61.94  ?  119 TRP A CG  1 
ATOM   178 C CD1 . TRP A 1 22 ? -19.166 1.058   -13.490 1.00 90.94  ?  119 TRP A CD1 1 
ATOM   179 C CD2 . TRP A 1 22 ? -17.413 1.723   -14.712 1.00 76.64  ?  119 TRP A CD2 1 
ATOM   180 N NE1 . TRP A 1 22 ? -18.232 0.053   -13.458 1.00 107.64 ?  119 TRP A NE1 1 
ATOM   181 C CE2 . TRP A 1 22 ? -17.143 0.436   -14.191 1.00 101.94 ?  119 TRP A CE2 1 
ATOM   182 C CE3 . TRP A 1 22 ? -16.443 2.344   -15.497 1.00 87.40  ?  119 TRP A CE3 1 
ATOM   183 C CZ2 . TRP A 1 22 ? -15.942 -0.238  -14.430 1.00 110.35 ?  119 TRP A CZ2 1 
ATOM   184 C CZ3 . TRP A 1 22 ? -15.244 1.668   -15.726 1.00 106.23 ?  119 TRP A CZ3 1 
ATOM   185 C CH2 . TRP A 1 22 ? -15.009 0.394   -15.199 1.00 106.81 ?  119 TRP A CH2 1 
ATOM   186 N N   . LYS A 1 23 ? -17.893 6.091   -14.126 1.00 44.17  ?  120 LYS A N   1 
ATOM   187 C CA  . LYS A 1 23 ? -16.619 6.804   -14.150 1.00 54.49  ?  120 LYS A CA  1 
ATOM   188 C C   . LYS A 1 23 ? -16.287 7.350   -12.780 1.00 47.65  ?  120 LYS A C   1 
ATOM   189 O O   . LYS A 1 23 ? -15.202 7.099   -12.240 1.00 55.28  ?  120 LYS A O   1 
ATOM   190 C CB  . LYS A 1 23 ? -16.675 7.947   -15.159 1.00 51.36  ?  120 LYS A CB  1 
ATOM   191 C CG  . LYS A 1 23 ? -16.968 7.474   -16.544 1.00 89.32  ?  120 LYS A CG  1 
ATOM   192 C CD  . LYS A 1 23 ? -15.814 6.683   -17.059 1.00 98.64  ?  120 LYS A CD  1 
ATOM   193 C CE  . LYS A 1 23 ? -16.092 6.159   -18.429 1.00 104.51 ?  120 LYS A CE  1 
ATOM   194 N NZ  . LYS A 1 23 ? -17.127 5.125   -18.259 1.00 109.25 ?  120 LYS A NZ  1 
ATOM   195 N N   . VAL A 1 24 ? -17.212 8.127   -12.215 1.00 51.10  ?  121 VAL A N   1 
ATOM   196 C CA  . VAL A 1 24 ? -17.023 8.658   -10.868 1.00 49.77  ?  121 VAL A CA  1 
ATOM   197 C C   . VAL A 1 24 ? -16.618 7.543   -9.913  1.00 63.00  ?  121 VAL A C   1 
ATOM   198 O O   . VAL A 1 24 ? -15.594 7.630   -9.219  1.00 69.25  ?  121 VAL A O   1 
ATOM   199 C CB  . VAL A 1 24 ? -18.304 9.372   -10.402 1.00 54.81  ?  121 VAL A CB  1 
ATOM   200 C CG1 . VAL A 1 24 ? -18.215 9.767   -8.940  1.00 54.47  ?  121 VAL A CG1 1 
ATOM   201 C CG2 . VAL A 1 24 ? -18.543 10.591  -11.267 1.00 68.51  ?  121 VAL A CG2 1 
ATOM   202 N N   . SER A 1 25 ? -17.398 6.457   -9.906  1.00 57.67  ?  122 SER A N   1 
ATOM   203 C CA  . SER A 1 25 ? -17.157 5.361   -8.970  1.00 59.76  ?  122 SER A CA  1 
ATOM   204 C C   . SER A 1 25 ? -15.751 4.775   -9.137  1.00 58.50  ?  122 SER A C   1 
ATOM   205 O O   . SER A 1 25 ? -14.991 4.659   -8.164  1.00 60.65  ?  122 SER A O   1 
ATOM   206 C CB  . SER A 1 25 ? -18.235 4.296   -9.165  1.00 54.23  ?  122 SER A CB  1 
ATOM   207 O OG  . SER A 1 25 ? -18.033 3.191   -8.312  1.00 81.88  ?  122 SER A OG  1 
ATOM   208 N N   . THR A 1 26 ? -15.375 4.422   -10.371 1.00 58.67  ?  123 THR A N   1 
ATOM   209 C CA  . THR A 1 26 ? -14.125 3.700   -10.584 1.00 47.99  ?  123 THR A CA  1 
ATOM   210 C C   . THR A 1 26 ? -12.920 4.595   -10.355 1.00 60.42  ?  123 THR A C   1 
ATOM   211 O O   . THR A 1 26 ? -11.910 4.148   -9.801  1.00 54.94  ?  123 THR A O   1 
ATOM   212 C CB  . THR A 1 26 ? -14.084 3.110   -11.985 1.00 48.50  ?  123 THR A CB  1 
ATOM   213 O OG1 . THR A 1 26 ? -14.171 4.162   -12.947 1.00 64.39  ?  123 THR A OG1 1 
ATOM   214 C CG2 . THR A 1 26 ? -15.240 2.194   -12.162 1.00 53.79  ?  123 THR A CG2 1 
ATOM   215 N N   . GLU A 1 27 ? -12.998 5.858   -10.775 1.00 62.03  ?  124 GLU A N   1 
ATOM   216 C CA  . GLU A 1 27 ? -11.910 6.783   -10.477 1.00 64.03  ?  124 GLU A CA  1 
ATOM   217 C C   . GLU A 1 27 ? -11.726 6.936   -8.974  1.00 57.51  ?  124 GLU A C   1 
ATOM   218 O O   . GLU A 1 27 ? -10.606 6.823   -8.466  1.00 65.77  ?  124 GLU A O   1 
ATOM   219 C CB  . GLU A 1 27 ? -12.165 8.138   -11.134 1.00 64.32  ?  124 GLU A CB  1 
ATOM   220 C CG  . GLU A 1 27 ? -12.049 8.107   -12.641 1.00 88.38  ?  124 GLU A CG  1 
ATOM   221 C CD  . GLU A 1 27 ? -12.301 9.461   -13.265 1.00 109.81 ?  124 GLU A CD  1 
ATOM   222 O OE1 . GLU A 1 27 ? -12.699 10.388  -12.528 1.00 121.07 ?  124 GLU A OE1 1 
ATOM   223 O OE2 . GLU A 1 27 ? -12.094 9.598   -14.489 1.00 111.13 ?  124 GLU A OE2 1 
ATOM   224 N N   . ALA A 1 28 ? -12.820 7.174   -8.245  1.00 51.37  ?  125 ALA A N   1 
ATOM   225 C CA  . ALA A 1 28 ? -12.728 7.310   -6.794  1.00 53.98  ?  125 ALA A CA  1 
ATOM   226 C C   . ALA A 1 28 ? -12.059 6.091   -6.165  1.00 65.08  ?  125 ALA A C   1 
ATOM   227 O O   . ALA A 1 28 ? -11.175 6.220   -5.301  1.00 60.85  ?  125 ALA A O   1 
ATOM   228 C CB  . ALA A 1 28 ? -14.123 7.527   -6.210  1.00 65.18  ?  125 ALA A CB  1 
ATOM   229 N N   . GLU A 1 29 ? -12.446 4.891   -6.606  1.00 54.84  ?  126 GLU A N   1 
ATOM   230 C CA  . GLU A 1 29 ? -11.808 3.712   -6.038  1.00 56.37  ?  126 GLU A CA  1 
ATOM   231 C C   . GLU A 1 29 ? -10.336 3.644   -6.421  1.00 68.76  ?  126 GLU A C   1 
ATOM   232 O O   . GLU A 1 29 ? -9.500  3.210   -5.618  1.00 63.39  ?  126 GLU A O   1 
ATOM   233 C CB  . GLU A 1 29 ? -12.529 2.438   -6.463  1.00 68.44  ?  126 GLU A CB  1 
ATOM   234 C CG  . GLU A 1 29 ? -11.966 1.203   -5.761  1.00 89.57  ?  126 GLU A CG  1 
ATOM   235 C CD  . GLU A 1 29 ? -12.761 -0.052  -6.045  1.00 105.21 ?  126 GLU A CD  1 
ATOM   236 O OE1 . GLU A 1 29 ? -13.741 0.026   -6.819  1.00 110.69 ?  126 GLU A OE1 1 
ATOM   237 O OE2 . GLU A 1 29 ? -12.422 -1.111  -5.476  1.00 110.29 ?  126 GLU A OE2 1 
ATOM   238 N N   . LEU A 1 30 ? -9.998  4.065   -7.640  1.00 59.52  ?  127 LEU A N   1 
ATOM   239 C CA  . LEU A 1 30 ? -8.592  4.104   -8.029  1.00 55.65  ?  127 LEU A CA  1 
ATOM   240 C C   . LEU A 1 30 ? -7.788  5.014   -7.109  1.00 56.56  ?  127 LEU A C   1 
ATOM   241 O O   . LEU A 1 30 ? -6.713  4.637   -6.639  1.00 59.94  ?  127 LEU A O   1 
ATOM   242 C CB  . LEU A 1 30 ? -8.460  4.551   -9.484  1.00 62.13  ?  127 LEU A CB  1 
ATOM   243 C CG  . LEU A 1 30 ? -8.874  3.514   -10.518 1.00 55.62  ?  127 LEU A CG  1 
ATOM   244 C CD1 . LEU A 1 30 ? -8.886  4.118   -11.914 1.00 57.87  ?  127 LEU A CD1 1 
ATOM   245 C CD2 . LEU A 1 30 ? -7.865  2.385   -10.441 1.00 57.52  ?  127 LEU A CD2 1 
ATOM   246 N N   . ARG A 1 31 ? -8.291  6.221   -6.848  1.00 74.63  ?  128 ARG A N   1 
ATOM   247 C CA  . ARG A 1 31 ? -7.570  7.139   -5.977  1.00 66.25  ?  128 ARG A CA  1 
ATOM   248 C C   . ARG A 1 31 ? -7.421  6.559   -4.588  1.00 73.76  ?  128 ARG A C   1 
ATOM   249 O O   . ARG A 1 31 ? -6.395  6.768   -3.931  1.00 77.54  ?  128 ARG A O   1 
ATOM   250 C CB  . ARG A 1 31 ? -8.276  8.489   -5.901  1.00 89.31  ?  128 ARG A CB  1 
ATOM   251 C CG  . ARG A 1 31 ? -8.237  9.293   -7.183  1.00 117.57 ?  128 ARG A CG  1 
ATOM   252 C CD  . ARG A 1 31 ? -9.002  10.589  -7.007  1.00 139.58 ?  128 ARG A CD  1 
ATOM   253 N NE  . ARG A 1 31 ? -10.424 10.326  -6.817  1.00 144.21 ?  128 ARG A NE  1 
ATOM   254 C CZ  . ARG A 1 31 ? -11.321 11.251  -6.500  1.00 135.85 ?  128 ARG A CZ  1 
ATOM   255 N NH1 . ARG A 1 31 ? -10.946 12.514  -6.338  1.00 140.87 ?  128 ARG A NH1 1 
ATOM   256 N NH2 . ARG A 1 31 ? -12.592 10.910  -6.346  1.00 131.12 ?  128 ARG A NH2 1 
ATOM   257 N N   . GLN A 1 32 ? -8.429  5.820   -4.117  1.00 73.94  ?  129 GLN A N   1 
ATOM   258 C CA  . GLN A 1 32 ? -8.303  5.239   -2.785  1.00 87.94  ?  129 GLN A CA  1 
ATOM   259 C C   . GLN A 1 32 ? -7.287  4.102   -2.752  1.00 87.16  ?  129 GLN A C   1 
ATOM   260 O O   . GLN A 1 32 ? -6.487  4.007   -1.809  1.00 91.53  ?  129 GLN A O   1 
ATOM   261 C CB  . GLN A 1 32 ? -9.666  4.787   -2.280  1.00 98.63  ?  129 GLN A CB  1 
ATOM   262 C CG  . GLN A 1 32 ? -10.555 5.975   -2.033  1.00 117.84 ?  129 GLN A CG  1 
ATOM   263 C CD  . GLN A 1 32 ? -9.915  6.938   -1.046  1.00 134.82 ?  129 GLN A CD  1 
ATOM   264 O OE1 . GLN A 1 32 ? -9.510  8.043   -1.416  1.00 139.83 ?  129 GLN A OE1 1 
ATOM   265 N NE2 . GLN A 1 32 ? -9.785  6.508   0.206   1.00 136.58 ?  129 GLN A NE2 1 
ATOM   266 N N   . LYS A 1 33 ? -7.287  3.241   -3.774  1.00 77.60  ?  130 LYS A N   1 
ATOM   267 C CA  . LYS A 1 33 ? -6.287  2.179   -3.835  1.00 72.92  ?  130 LYS A CA  1 
ATOM   268 C C   . LYS A 1 33 ? -4.886  2.750   -3.951  1.00 78.94  ?  130 LYS A C   1 
ATOM   269 O O   . LYS A 1 33 ? -3.969  2.291   -3.265  1.00 81.58  ?  130 LYS A O   1 
ATOM   270 C CB  . LYS A 1 33 ? -6.565  1.236   -5.004  1.00 66.57  ?  130 LYS A CB  1 
ATOM   271 C CG  . LYS A 1 33 ? -7.808  0.399   -4.842  1.00 71.47  ?  130 LYS A CG  1 
ATOM   272 C CD  . LYS A 1 33 ? -7.974  -0.546  -6.011  1.00 81.08  ?  130 LYS A CD  1 
ATOM   273 C CE  . LYS A 1 33 ? -9.272  -1.306  -5.896  1.00 83.05  ?  130 LYS A CE  1 
ATOM   274 N NZ  . LYS A 1 33 ? -9.257  -2.235  -4.741  1.00 93.10  ?  130 LYS A NZ  1 
ATOM   275 N N   . GLU A 1 34 ? -4.701  3.750   -4.816  1.00 70.85  ?  131 GLU A N   1 
ATOM   276 C CA  . GLU A 1 34 ? -3.399  4.396   -4.964  1.00 74.75  ?  131 GLU A CA  1 
ATOM   277 C C   . GLU A 1 34 ? -2.948  5.032   -3.653  1.00 83.72  ?  131 GLU A C   1 
ATOM   278 O O   . GLU A 1 34 ? -1.794  4.869   -3.226  1.00 77.64  ?  131 GLU A O   1 
ATOM   279 C CB  . GLU A 1 34 ? -3.472  5.439   -6.082  1.00 71.32  ?  131 GLU A CB  1 
ATOM   280 C CG  . GLU A 1 34 ? -2.167  6.153   -6.358  1.00 107.91 ?  131 GLU A CG  1 
ATOM   281 C CD  . GLU A 1 34 ? -1.098  5.219   -6.891  1.00 128.28 ?  131 GLU A CD  1 
ATOM   282 O OE1 . GLU A 1 34 ? -1.467  4.195   -7.505  1.00 137.31 ?  131 GLU A OE1 1 
ATOM   283 O OE2 . GLU A 1 34 ? 0.106   5.503   -6.692  1.00 116.86 ?  131 GLU A OE2 1 
ATOM   284 N N   . SER A 1 35 ? -3.854  5.763   -2.999  1.00 80.69  ?  132 SER A N   1 
ATOM   285 C CA  . SER A 1 35 ? -3.558  6.351   -1.698  1.00 78.16  ?  132 SER A CA  1 
ATOM   286 C C   . SER A 1 35 ? -3.058  5.295   -0.716  1.00 72.63  ?  132 SER A C   1 
ATOM   287 O O   . SER A 1 35 ? -1.993  5.452   -0.098  1.00 79.80  ?  132 SER A O   1 
ATOM   288 C CB  . SER A 1 35 ? -4.809  7.054   -1.164  1.00 76.40  ?  132 SER A CB  1 
ATOM   289 O OG  . SER A 1 35 ? -4.588  7.621   0.116   1.00 105.78 ?  132 SER A OG  1 
ATOM   290 N N   . LYS A 1 36 ? -3.801  4.192   -0.579  1.00 73.89  ?  133 LYS A N   1 
ATOM   291 C CA  . LYS A 1 36 ? -3.408  3.183   0.402   1.00 78.71  ?  133 LYS A CA  1 
ATOM   292 C C   . LYS A 1 36 ? -2.172  2.401   -0.031  1.00 75.06  ?  133 LYS A C   1 
ATOM   293 O O   . LYS A 1 36 ? -1.419  1.938   0.828   1.00 64.57  ?  133 LYS A O   1 
ATOM   294 C CB  . LYS A 1 36 ? -4.582  2.251   0.712   1.00 81.95  ?  133 LYS A CB  1 
ATOM   295 C CG  . LYS A 1 36 ? -5.722  2.963   1.448   1.00 97.15  ?  133 LYS A CG  1 
ATOM   296 C CD  . LYS A 1 36 ? -5.250  3.377   2.851   1.00 96.95  ?  133 LYS A CD  1 
ATOM   297 C CE  . LYS A 1 36 ? -6.345  3.981   3.728   1.00 86.59  ?  133 LYS A CE  1 
ATOM   298 N NZ  . LYS A 1 36 ? -6.756  5.338   3.284   1.00 95.90  ?  133 LYS A NZ  1 
ATOM   299 N N   . LEU A 1 37 ? -1.929  2.256   -1.337  1.00 71.54  ?  134 LEU A N   1 
ATOM   300 C CA  . LEU A 1 37 ? -0.649  1.722   -1.793  1.00 72.12  ?  134 LEU A CA  1 
ATOM   301 C C   . LEU A 1 37 ? 0.504   2.601   -1.341  1.00 71.10  ?  134 LEU A C   1 
ATOM   302 O O   . LEU A 1 37 ? 1.488   2.104   -0.796  1.00 68.77  ?  134 LEU A O   1 
ATOM   303 C CB  . LEU A 1 37 ? -0.621  1.569   -3.312  1.00 79.63  ?  134 LEU A CB  1 
ATOM   304 C CG  . LEU A 1 37 ? -1.380  0.456   -4.025  1.00 78.56  ?  134 LEU A CG  1 
ATOM   305 C CD1 . LEU A 1 37 ? -1.311  0.699   -5.500  1.00 83.67  ?  134 LEU A CD1 1 
ATOM   306 C CD2 . LEU A 1 37 ? -0.689  -0.846  -3.721  1.00 86.35  ?  134 LEU A CD2 1 
ATOM   307 N N   . GLN A 1 38 ? 0.405   3.914   -1.564  1.00 75.23  ?  135 GLN A N   1 
ATOM   308 C CA  . GLN A 1 38 ? 1.470   4.816   -1.128  1.00 76.24  ?  135 GLN A CA  1 
ATOM   309 C C   . GLN A 1 38 ? 1.709   4.689   0.375   1.00 71.82  ?  135 GLN A C   1 
ATOM   310 O O   . GLN A 1 38 ? 2.860   4.573   0.831   1.00 67.43  ?  135 GLN A O   1 
ATOM   311 C CB  . GLN A 1 38 ? 1.132   6.261   -1.514  1.00 74.87  ?  135 GLN A CB  1 
ATOM   312 C CG  . GLN A 1 38 ? 2.248   7.268   -1.202  1.00 107.10 ?  135 GLN A CG  1 
ATOM   313 C CD  . GLN A 1 38 ? 1.939   8.686   -1.677  1.00 123.64 ?  135 GLN A CD  1 
ATOM   314 O OE1 . GLN A 1 38 ? 0.862   8.954   -2.213  1.00 127.54 ?  135 GLN A OE1 1 
ATOM   315 N NE2 . GLN A 1 38 ? 2.892   9.599   -1.489  1.00 117.24 ?  135 GLN A NE2 1 
ATOM   316 N N   . GLU A 1 39 ? 0.624   4.682   1.160   1.00 68.68  ?  136 GLU A N   1 
ATOM   317 C CA  . GLU A 1 39 ? 0.758   4.384   2.585   1.00 62.96  ?  136 GLU A CA  1 
ATOM   318 C C   . GLU A 1 39 ? 1.516   3.073   2.812   1.00 80.97  ?  136 GLU A C   1 
ATOM   319 O O   . GLU A 1 39 ? 2.396   2.988   3.689   1.00 70.95  ?  136 GLU A O   1 
ATOM   320 C CB  . GLU A 1 39 ? -0.626  4.326   3.242   1.00 73.83  ?  136 GLU A CB  1 
ATOM   321 C CG  . GLU A 1 39 ? -0.588  4.075   4.757   1.00 103.81 ?  136 GLU A CG  1 
ATOM   322 C CD  . GLU A 1 39 ? -1.967  4.060   5.412   1.00 112.77 ?  136 GLU A CD  1 
ATOM   323 O OE1 . GLU A 1 39 ? -2.973  4.235   4.694   1.00 126.07 ?  136 GLU A OE1 1 
ATOM   324 O OE2 . GLU A 1 39 ? -2.044  3.864   6.648   1.00 103.53 ?  136 GLU A OE2 1 
ATOM   325 N N   . ASN A 1 40 ? 1.200   2.042   2.019   1.00 69.73  ?  137 ASN A N   1 
ATOM   326 C CA  . ASN A 1 40 ? 1.851   0.749   2.206   1.00 58.88  ?  137 ASN A CA  1 
ATOM   327 C C   . ASN A 1 40 ? 3.345   0.838   1.944   1.00 60.74  ?  137 ASN A C   1 
ATOM   328 O O   . ASN A 1 40 ? 4.142   0.250   2.681   1.00 57.55  ?  137 ASN A O   1 
ATOM   329 C CB  . ASN A 1 40 ? 1.243   -0.320  1.303   1.00 61.41  ?  137 ASN A CB  1 
ATOM   330 C CG  . ASN A 1 40 ? -0.149  -0.714  1.714   1.00 63.30  ?  137 ASN A CG  1 
ATOM   331 O OD1 . ASN A 1 40 ? -0.476  -0.744  2.898   1.00 74.71  ?  137 ASN A OD1 1 
ATOM   332 N ND2 . ASN A 1 40 ? -0.951  -1.117  0.743   1.00 73.21  ?  137 ASN A ND2 1 
ATOM   333 N N   . ARG A 1 41 ? 3.745   1.536   0.876   1.00 72.58  ?  138 ARG A N   1 
ATOM   334 C CA  . ARG A 1 41 ? 5.172   1.680   0.619   1.00 78.96  ?  138 ARG A CA  1 
ATOM   335 C C   . ARG A 1 41 ? 5.868   2.352   1.793   1.00 73.87  ?  138 ARG A C   1 
ATOM   336 O O   . ARG A 1 41 ? 6.961   1.929   2.199   1.00 67.18  ?  138 ARG A O   1 
ATOM   337 C CB  . ARG A 1 41 ? 5.424   2.446   -0.678  1.00 68.05  ?  138 ARG A CB  1 
ATOM   338 C CG  . ARG A 1 41 ? 5.307   1.602   -1.939  1.00 71.56  ?  138 ARG A CG  1 
ATOM   339 C CD  . ARG A 1 41 ? 3.891   1.565   -2.482  1.00 120.02 ?  138 ARG A CD  1 
ATOM   340 N NE  . ARG A 1 41 ? 3.817   0.976   -3.819  1.00 129.40 ?  138 ARG A NE  1 
ATOM   341 C CZ  . ARG A 1 41 ? 3.547   -0.302  -4.062  1.00 112.10 ?  138 ARG A CZ  1 
ATOM   342 N NH1 . ARG A 1 41 ? 3.317   -1.133  -3.054  1.00 116.08 ?  138 ARG A NH1 1 
ATOM   343 N NH2 . ARG A 1 41 ? 3.504   -0.749  -5.309  1.00 97.64  ?  138 ARG A NH2 1 
ATOM   344 N N   . LYS A 1 42 ? 5.236   3.373   2.380   1.00 71.51  ?  139 LYS A N   1 
ATOM   345 C CA  . LYS A 1 42 ? 5.840   4.007   3.550   1.00 57.30  ?  139 LYS A CA  1 
ATOM   346 C C   . LYS A 1 42 ? 6.028   3.007   4.691   1.00 62.56  ?  139 LYS A C   1 
ATOM   347 O O   . LYS A 1 42 ? 7.122   2.895   5.263   1.00 60.43  ?  139 LYS A O   1 
ATOM   348 C CB  . LYS A 1 42 ? 4.993   5.194   4.008   1.00 59.39  ?  139 LYS A CB  1 
ATOM   349 C CG  . LYS A 1 42 ? 4.797   6.286   2.959   1.00 80.15  ?  139 LYS A CG  1 
ATOM   350 C CD  . LYS A 1 42 ? 6.102   6.978   2.589   1.00 84.42  ?  139 LYS A CD  1 
ATOM   351 C CE  . LYS A 1 42 ? 5.855   8.193   1.698   1.00 89.26  ?  139 LYS A CE  1 
ATOM   352 N NZ  . LYS A 1 42 ? 5.364   7.846   0.328   1.00 86.45  ?  139 LYS A NZ  1 
ATOM   353 N N   . ILE A 1 43 ? 4.971   2.272   5.043   1.00 55.02  ?  140 ILE A N   1 
ATOM   354 C CA  . ILE A 1 43 ? 5.073   1.319   6.148   1.00 48.47  ?  140 ILE A CA  1 
ATOM   355 C C   . ILE A 1 43 ? 6.158   0.287   5.873   1.00 55.57  ?  140 ILE A C   1 
ATOM   356 O O   . ILE A 1 43 ? 6.962   -0.039  6.754   1.00 56.72  ?  140 ILE A O   1 
ATOM   357 C CB  . ILE A 1 43 ? 3.710   0.650   6.398   1.00 55.19  ?  140 ILE A CB  1 
ATOM   358 C CG1 . ILE A 1 43 ? 2.679   1.680   6.857   1.00 59.59  ?  140 ILE A CG1 1 
ATOM   359 C CG2 . ILE A 1 43 ? 3.827   -0.457  7.409   1.00 51.00  ?  140 ILE A CG2 1 
ATOM   360 C CD1 . ILE A 1 43 ? 1.254   1.139   6.863   1.00 63.47  ?  140 ILE A CD1 1 
ATOM   361 N N   . ILE A 1 44 ? 6.213   -0.228  4.642   1.00 54.98  ?  141 ILE A N   1 
ATOM   362 C CA  . ILE A 1 44 ? 7.155   -1.298  4.321   1.00 51.18  ?  141 ILE A CA  1 
ATOM   363 C C   . ILE A 1 44 ? 8.595   -0.806  4.418   1.00 56.14  ?  141 ILE A C   1 
ATOM   364 O O   . ILE A 1 44 ? 9.461   -1.490  4.982   1.00 55.67  ?  141 ILE A O   1 
ATOM   365 C CB  . ILE A 1 44 ? 6.838   -1.884  2.931   1.00 59.21  ?  141 ILE A CB  1 
ATOM   366 C CG1 . ILE A 1 44 ? 5.473   -2.575  2.961   1.00 54.07  ?  141 ILE A CG1 1 
ATOM   367 C CG2 . ILE A 1 44 ? 7.922   -2.847  2.475   1.00 55.04  ?  141 ILE A CG2 1 
ATOM   368 C CD1 . ILE A 1 44 ? 4.951   -2.983  1.616   1.00 59.27  ?  141 ILE A CD1 1 
ATOM   369 N N   . GLU A 1 45 ? 8.882   0.374   3.865   1.00 59.89  ?  142 GLU A N   1 
ATOM   370 C CA  . GLU A 1 45 ? 10.231  0.923   3.979   1.00 55.59  ?  142 GLU A CA  1 
ATOM   371 C C   . GLU A 1 45 ? 10.599  1.178   5.435   1.00 54.30  ?  142 GLU A C   1 
ATOM   372 O O   . GLU A 1 45 ? 11.721  0.867   5.870   1.00 58.65  ?  142 GLU A O   1 
ATOM   373 C CB  . GLU A 1 45 ? 10.328  2.209   3.158   1.00 73.89  ?  142 GLU A CB  1 
ATOM   374 C CG  . GLU A 1 45 ? 11.694  2.874   3.147   1.00 94.13  ?  142 GLU A CG  1 
ATOM   375 C CD  . GLU A 1 45 ? 12.753  2.050   2.446   1.00 97.00  ?  142 GLU A CD  1 
ATOM   376 O OE1 . GLU A 1 45 ? 12.388  1.216   1.592   1.00 104.07 ?  142 GLU A OE1 1 
ATOM   377 O OE2 . GLU A 1 45 ? 13.951  2.261   2.730   1.00 95.87  ?  142 GLU A OE2 1 
ATOM   378 N N   . ALA A 1 46 ? 9.656   1.722   6.211   1.00 60.74  ?  143 ALA A N   1 
ATOM   379 C CA  . ALA A 1 46 ? 9.858   1.901   7.649   1.00 60.67  ?  143 ALA A CA  1 
ATOM   380 C C   . ALA A 1 46 ? 10.270  0.596   8.335   1.00 63.30  ?  143 ALA A C   1 
ATOM   381 O O   . ALA A 1 46 ? 11.286  0.535   9.045   1.00 47.39  ?  143 ALA A O   1 
ATOM   382 C CB  . ALA A 1 46 ? 8.578   2.460   8.281   1.00 52.45  ?  143 ALA A CB  1 
ATOM   383 N N   . GLN A 1 47 ? 9.485   -0.463  8.140   1.00 59.19  ?  144 GLN A N   1 
ATOM   384 C CA  A GLN A 1 47 ? 9.764   -1.736  8.805   0.50 48.17  ?  144 GLN A CA  1 
ATOM   385 C CA  B GLN A 1 47 ? 9.791   -1.704  8.839   0.50 47.57  ?  144 GLN A CA  1 
ATOM   386 C C   . GLN A 1 47 ? 11.082  -2.336  8.335   1.00 42.79  ?  144 GLN A C   1 
ATOM   387 O O   . GLN A 1 47 ? 11.811  -2.951  9.124   1.00 46.42  ?  144 GLN A O   1 
ATOM   388 C CB  A GLN A 1 47 ? 8.629   -2.729  8.549   0.50 46.92  ?  144 GLN A CB  1 
ATOM   389 C CB  B GLN A 1 47 ? 8.608   -2.661  8.715   0.50 47.17  ?  144 GLN A CB  1 
ATOM   390 C CG  A GLN A 1 47 ? 7.282   -2.383  9.169   0.50 47.38  ?  144 GLN A CG  1 
ATOM   391 C CG  B GLN A 1 47 ? 7.304   -2.025  9.179   0.50 46.36  ?  144 GLN A CG  1 
ATOM   392 C CD  A GLN A 1 47 ? 6.242   -3.455  8.882   0.50 47.42  ?  144 GLN A CD  1 
ATOM   393 C CD  B GLN A 1 47 ? 6.108   -2.940  9.038   0.50 51.60  ?  144 GLN A CD  1 
ATOM   394 O OE1 A GLN A 1 47 ? 5.994   -3.789  7.729   0.50 41.57  ?  144 GLN A OE1 1 
ATOM   395 O OE1 B GLN A 1 47 ? 5.126   -2.799  9.765   0.50 55.51  ?  144 GLN A OE1 1 
ATOM   396 N NE2 A GLN A 1 47 ? 5.640   -4.004  9.930   0.50 52.34  ?  144 GLN A NE2 1 
ATOM   397 N NE2 B GLN A 1 47 ? 6.179   -3.877  8.103   0.50 40.67  ?  144 GLN A NE2 1 
ATOM   398 N N   . ARG A 1 48 ? 11.384  -2.201  7.042   1.00 45.00  ?  145 ARG A N   1 
ATOM   399 C CA  . ARG A 1 48 ? 12.666  -2.658  6.518   1.00 47.23  ?  145 ARG A CA  1 
ATOM   400 C C   . ARG A 1 48 ? 13.822  -2.002  7.265   1.00 46.48  ?  145 ARG A C   1 
ATOM   401 O O   . ARG A 1 48 ? 14.711  -2.688  7.790   1.00 43.31  ?  145 ARG A O   1 
ATOM   402 C CB  . ARG A 1 48 ? 12.778  -2.334  5.033   1.00 49.05  ?  145 ARG A CB  1 
ATOM   403 C CG  . ARG A 1 48 ? 14.065  -2.878  4.426   1.00 72.27  ?  145 ARG A CG  1 
ATOM   404 C CD  . ARG A 1 48 ? 14.296  -2.397  3.002   1.00 83.56  ?  145 ARG A CD  1 
ATOM   405 N NE  . ARG A 1 48 ? 14.574  -0.960  2.960   1.00 84.53  ?  145 ARG A NE  1 
ATOM   406 C CZ  . ARG A 1 48 ? 15.775  -0.416  3.166   1.00 98.49  ?  145 ARG A CZ  1 
ATOM   407 N NH1 . ARG A 1 48 ? 16.830  -1.180  3.423   1.00 83.00  ?  145 ARG A NH1 1 
ATOM   408 N NH2 . ARG A 1 48 ? 15.928  0.900   3.103   1.00 101.15 ?  145 ARG A NH2 1 
ATOM   409 N N   . LYS A 1 49 ? 13.837  -0.664  7.310   1.00 49.32  ?  146 LYS A N   1 
ATOM   410 C CA  . LYS A 1 49 ? 14.928  0.007   8.010   1.00 60.16  ?  146 LYS A CA  1 
ATOM   411 C C   . LYS A 1 49 ? 14.973  -0.394  9.479   1.00 48.52  ?  146 LYS A C   1 
ATOM   412 O O   . LYS A 1 49 ? 16.060  -0.569  10.041  1.00 51.80  ?  146 LYS A O   1 
ATOM   413 C CB  . LYS A 1 49 ? 14.827  1.525   7.859   1.00 65.71  ?  146 LYS A CB  1 
ATOM   414 C CG  . LYS A 1 49 ? 15.111  2.033   6.443   1.00 93.87  ?  146 LYS A CG  1 
ATOM   415 C CD  . LYS A 1 49 ? 16.559  1.745   6.035   1.00 104.06 ?  146 LYS A CD  1 
ATOM   416 C CE  . LYS A 1 49 ? 17.559  2.605   6.797   1.00 105.97 ?  146 LYS A CE  1 
ATOM   417 N NZ  . LYS A 1 49 ? 18.958  2.357   6.341   1.00 102.68 ?  146 LYS A NZ  1 
ATOM   418 N N   . ALA A 1 50 ? 13.804  -0.580  10.105  1.00 41.16  ?  147 ALA A N   1 
ATOM   419 C CA  . ALA A 1 50 ? 13.767  -1.005  11.503  1.00 35.75  ?  147 ALA A CA  1 
ATOM   420 C C   . ALA A 1 50 ? 14.454  -2.357  11.696  1.00 50.13  ?  147 ALA A C   1 
ATOM   421 O O   . ALA A 1 50 ? 15.328  -2.511  12.563  1.00 39.60  ?  147 ALA A O   1 
ATOM   422 C CB  . ALA A 1 50 ? 12.320  -1.063  11.984  1.00 35.87  ?  147 ALA A CB  1 
ATOM   423 N N   . ILE A 1 51 ? 14.057  -3.357  10.905  1.00 37.95  ?  148 ILE A N   1 
ATOM   424 C CA  . ILE A 1 51 ? 14.695  -4.672  10.962  1.00 35.05  ?  148 ILE A CA  1 
ATOM   425 C C   . ILE A 1 51 ? 16.205  -4.554  10.733  1.00 35.95  ?  148 ILE A C   1 
ATOM   426 O O   . ILE A 1 51 ? 17.008  -5.219  11.408  1.00 34.57  ?  148 ILE A O   1 
ATOM   427 C CB  . ILE A 1 51 ? 14.026  -5.618  9.941   1.00 36.51  ?  148 ILE A CB  1 
ATOM   428 C CG1 . ILE A 1 51 ? 12.563  -5.854  10.317  1.00 35.39  ?  148 ILE A CG1 1 
ATOM   429 C CG2 . ILE A 1 51 ? 14.742  -6.943  9.886   1.00 54.84  ?  148 ILE A CG2 1 
ATOM   430 C CD1 . ILE A 1 51 ? 11.745  -6.538  9.238   1.00 37.23  ?  148 ILE A CD1 1 
ATOM   431 N N   . GLN A 1 52 ? 16.614  -3.701  9.783   1.00 38.41  ?  149 GLN A N   1 
ATOM   432 C CA  . GLN A 1 52 ? 18.041  -3.487  9.524   1.00 52.58  ?  149 GLN A CA  1 
ATOM   433 C C   . GLN A 1 52 ? 18.762  -2.998  10.778  1.00 37.54  ?  149 GLN A C   1 
ATOM   434 O O   . GLN A 1 52 ? 19.828  -3.512  11.146  1.00 37.28  ?  149 GLN A O   1 
ATOM   435 C CB  . GLN A 1 52 ? 18.232  -2.476  8.375   1.00 49.91  ?  149 GLN A CB  1 
ATOM   436 C CG  . GLN A 1 52 ? 19.711  -2.236  7.954   1.00 77.19  ?  149 GLN A CG  1 
ATOM   437 C CD  . GLN A 1 52 ? 19.896  -1.200  6.821   1.00 90.95  ?  149 GLN A CD  1 
ATOM   438 O OE1 . GLN A 1 52 ? 18.937  -0.573  6.366   1.00 89.23  ?  149 GLN A OE1 1 
ATOM   439 N NE2 . GLN A 1 52 ? 21.134  -1.046  6.353   1.00 81.06  ?  149 GLN A NE2 1 
ATOM   440 N N   . GLU A 1 53 ? 18.207  -1.972  11.430  1.00 39.13  ?  150 GLU A N   1 
ATOM   441 C CA  . GLU A 1 53 ? 18.830  -1.424  12.629  1.00 37.14  ?  150 GLU A CA  1 
ATOM   442 C C   . GLU A 1 53 ? 18.875  -2.442  13.760  1.00 33.59  ?  150 GLU A C   1 
ATOM   443 O O   . GLU A 1 53 ? 19.864  -2.514  14.498  1.00 32.09  ?  150 GLU A O   1 
ATOM   444 C CB  . GLU A 1 53 ? 18.070  -0.184  13.084  1.00 49.07  ?  150 GLU A CB  1 
ATOM   445 C CG  . GLU A 1 53 ? 18.178  1.002   12.150  1.00 61.46  ?  150 GLU A CG  1 
ATOM   446 C CD  . GLU A 1 53 ? 17.342  2.170   12.632  1.00 83.77  ?  150 GLU A CD  1 
ATOM   447 O OE1 . GLU A 1 53 ? 16.576  1.979   13.604  1.00 86.68  ?  150 GLU A OE1 1 
ATOM   448 O OE2 . GLU A 1 53 ? 17.445  3.272   12.046  1.00 100.39 ?  150 GLU A OE2 1 
ATOM   449 N N   . LEU A 1 54 ? 17.789  -3.195  13.951  1.00 32.98  ?  151 LEU A N   1 
ATOM   450 C CA  . LEU A 1 54 ? 17.758  -4.223  14.993  1.00 28.95  ?  151 LEU A CA  1 
ATOM   451 C C   . LEU A 1 54 ? 18.829  -5.289  14.773  1.00 34.96  ?  151 LEU A C   1 
ATOM   452 O O   . LEU A 1 54 ? 19.510  -5.713  15.722  1.00 32.87  ?  151 LEU A O   1 
ATOM   453 C CB  . LEU A 1 54 ? 16.364  -4.863  15.051  1.00 28.09  ?  151 LEU A CB  1 
ATOM   454 C CG  . LEU A 1 54 ? 15.204  -4.032  15.600  1.00 33.23  ?  151 LEU A CG  1 
ATOM   455 C CD1 . LEU A 1 54 ? 13.877  -4.740  15.353  1.00 42.45  ?  151 LEU A CD1 1 
ATOM   456 C CD2 . LEU A 1 54 ? 15.394  -3.807  17.089  1.00 37.19  ?  151 LEU A CD2 1 
ATOM   457 N N   . GLN A 1 55 ? 18.989  -5.746  13.534  1.00 31.21  ?  152 GLN A N   1 
ATOM   458 C CA  . GLN A 1 55 ? 19.988  -6.779  13.265  1.00 34.20  ?  152 GLN A CA  1 
ATOM   459 C C   . GLN A 1 55 ? 21.408  -6.238  13.423  1.00 32.21  ?  152 GLN A C   1 
ATOM   460 O O   . GLN A 1 55 ? 22.293  -6.929  13.952  1.00 33.50  ?  152 GLN A O   1 
ATOM   461 C CB  . GLN A 1 55 ? 19.746  -7.350  11.871  1.00 41.77  ?  152 GLN A CB  1 
ATOM   462 C CG  . GLN A 1 55 ? 18.465  -8.187  11.808  1.00 58.31  ?  152 GLN A CG  1 
ATOM   463 C CD  . GLN A 1 55 ? 18.115  -8.653  10.408  1.00 79.45  ?  152 GLN A CD  1 
ATOM   464 O OE1 . GLN A 1 55 ? 18.730  -8.239  9.421   1.00 87.28  ?  152 GLN A OE1 1 
ATOM   465 N NE2 . GLN A 1 55 ? 17.144  -9.551  10.317  1.00 79.39  ?  152 GLN A NE2 1 
ATOM   466 N N   . PHE A 1 56 ? 21.643  -5.003  12.975  1.00 37.20  ?  153 PHE A N   1 
ATOM   467 C CA  . PHE A 1 56 ? 22.923  -4.345  13.241  1.00 45.28  ?  153 PHE A CA  1 
ATOM   468 C C   . PHE A 1 56 ? 23.213  -4.287  14.743  1.00 46.43  ?  153 PHE A C   1 
ATOM   469 O O   . PHE A 1 56 ? 24.325  -4.612  15.194  1.00 43.97  ?  153 PHE A O   1 
ATOM   470 C CB  . PHE A 1 56 ? 22.913  -2.945  12.618  1.00 39.24  ?  153 PHE A CB  1 
ATOM   471 C CG  . PHE A 1 56 ? 24.182  -2.148  12.852  1.00 74.23  ?  153 PHE A CG  1 
ATOM   472 C CD1 . PHE A 1 56 ? 25.370  -2.507  12.235  1.00 70.84  ?  153 PHE A CD1 1 
ATOM   473 C CD2 . PHE A 1 56 ? 24.162  -0.993  13.631  1.00 66.27  ?  153 PHE A CD2 1 
ATOM   474 C CE1 . PHE A 1 56 ? 26.519  -1.764  12.432  1.00 67.63  ?  153 PHE A CE1 1 
ATOM   475 C CE2 . PHE A 1 56 ? 25.312  -0.244  13.826  1.00 62.78  ?  153 PHE A CE2 1 
ATOM   476 C CZ  . PHE A 1 56 ? 26.493  -0.634  13.230  1.00 66.74  ?  153 PHE A CZ  1 
ATOM   477 N N   . GLY A 1 57 ? 22.218  -3.878  15.535  1.00 31.35  ?  154 GLY A N   1 
ATOM   478 C CA  . GLY A 1 57 ? 22.379  -3.919  16.977  1.00 28.15  ?  154 GLY A CA  1 
ATOM   479 C C   . GLY A 1 57 ? 22.726  -5.308  17.487  1.00 27.77  ?  154 GLY A C   1 
ATOM   480 O O   . GLY A 1 57 ? 23.585  -5.463  18.355  1.00 28.48  ?  154 GLY A O   1 
ATOM   481 N N   . ASN A 1 58 ? 22.065  -6.339  16.962  1.00 26.96  ?  155 ASN A N   1 
ATOM   482 C CA  . ASN A 1 58 ? 22.358  -7.672  17.477  1.00 25.94  ?  155 ASN A CA  1 
ATOM   483 C C   . ASN A 1 58 ? 23.790  -8.082  17.170  1.00 27.00  ?  155 ASN A C   1 
ATOM   484 O O   . ASN A 1 58 ? 24.413  -8.793  17.965  1.00 26.09  ?  155 ASN A O   1 
ATOM   485 C CB  . ASN A 1 58 ? 21.383  -8.694  16.914  1.00 25.95  ?  155 ASN A CB  1 
ATOM   486 C CG  . ASN A 1 58 ? 19.973  -8.495  17.450  1.00 41.07  ?  155 ASN A CG  1 
ATOM   487 O OD1 . ASN A 1 58 ? 19.769  -8.189  18.632  1.00 34.71  ?  155 ASN A OD1 1 
ATOM   488 N ND2 . ASN A 1 58 ? 18.996  -8.668  16.584  1.00 36.73  ?  155 ASN A ND2 1 
ATOM   489 N N   . GLU A 1 59 ? 24.328  -7.645  16.027  1.00 29.06  ?  156 GLU A N   1 
ATOM   490 C CA  . GLU A 1 59 ? 25.740  -7.908  15.759  1.00 30.20  ?  156 GLU A CA  1 
ATOM   491 C C   . GLU A 1 59 ? 26.638  -7.200  16.767  1.00 29.58  ?  156 GLU A C   1 
ATOM   492 O O   . GLU A 1 59 ? 27.598  -7.792  17.267  1.00 29.32  ?  156 GLU A O   1 
ATOM   493 C CB  . GLU A 1 59 ? 26.085  -7.503  14.320  1.00 34.88  ?  156 GLU A CB  1 
ATOM   494 C CG  . GLU A 1 59 ? 25.400  -8.409  13.289  1.00 35.76  ?  156 GLU A CG  1 
ATOM   495 C CD  . GLU A 1 59 ? 25.739  -8.054  11.839  1.00 59.11  ?  156 GLU A CD  1 
ATOM   496 O OE1 . GLU A 1 59 ? 26.361  -6.998  11.590  1.00 70.84  ?  156 GLU A OE1 1 
ATOM   497 O OE2 . GLU A 1 59 ? 25.413  -8.860  10.948  1.00 71.68  ?  156 GLU A OE2 1 
ATOM   498 N N   . LYS A 1 60 ? 26.333  -5.933  17.100  1.00 29.42  ?  157 LYS A N   1 
ATOM   499 C CA  . LYS A 1 60 ? 27.141  -5.225  18.105  1.00 28.92  ?  157 LYS A CA  1 
ATOM   500 C C   . LYS A 1 60 ? 27.090  -5.921  19.462  1.00 26.88  ?  157 LYS A C   1 
ATOM   501 O O   . LYS A 1 60 ? 28.117  -6.078  20.142  1.00 26.77  ?  157 LYS A O   1 
ATOM   502 C CB  . LYS A 1 60 ? 26.650  -3.780  18.209  1.00 34.54  ?  157 LYS A CB  1 
ATOM   503 C CG  . LYS A 1 60 ? 26.957  -2.970  16.935  1.00 39.36  ?  157 LYS A CG  1 
ATOM   504 C CD  . LYS A 1 60 ? 26.170  -1.655  16.827  1.00 50.47  ?  157 LYS A CD  1 
ATOM   505 C CE  . LYS A 1 60 ? 26.624  -0.556  17.753  1.00 58.83  ?  157 LYS A CE  1 
ATOM   506 N NZ  . LYS A 1 60 ? 25.851  0.686   17.485  1.00 68.75  ?  157 LYS A NZ  1 
ATOM   507 N N   . VAL A 1 61 ? 25.891  -6.350  19.876  1.00 27.61  ?  158 VAL A N   1 
ATOM   508 C CA  . VAL A 1 61 ? 25.758  -7.067  21.145  1.00 23.96  ?  158 VAL A CA  1 
ATOM   509 C C   . VAL A 1 61 ? 26.567  -8.358  21.104  1.00 23.87  ?  158 VAL A C   1 
ATOM   510 O O   . VAL A 1 61 ? 27.242  -8.727  22.074  1.00 24.02  ?  158 VAL A O   1 
ATOM   511 C CB  . VAL A 1 61 ? 24.268  -7.351  21.443  1.00 22.33  ?  158 VAL A CB  1 
ATOM   512 C CG1 . VAL A 1 61 ? 24.139  -8.146  22.744  1.00 21.39  ?  158 VAL A CG1 1 
ATOM   513 C CG2 . VAL A 1 61 ? 23.482  -6.063  21.536  1.00 24.27  ?  158 VAL A CG2 1 
ATOM   514 N N   . SER A 1 62 ? 26.536  -9.053  19.970  1.00 29.20  ?  159 SER A N   1 
ATOM   515 C CA  . SER A 1 62 ? 27.311  -10.288 19.860  1.00 25.55  ?  159 SER A CA  1 
ATOM   516 C C   . SER A 1 62 ? 28.803  -10.028 20.072  1.00 28.86  ?  159 SER A C   1 
ATOM   517 O O   . SER A 1 62 ? 29.474  -10.757 20.818  1.00 25.70  ?  159 SER A O   1 
ATOM   518 C CB  . SER A 1 62 ? 27.036  -10.939 18.502  1.00 27.32  ?  159 SER A CB  1 
ATOM   519 O OG  . SER A 1 62 ? 27.813  -12.110 18.346  1.00 55.79  ?  159 SER A OG  1 
ATOM   520 N N   . LEU A 1 63 ? 29.343  -8.975  19.440  1.00 27.50  ?  160 LEU A N   1 
ATOM   521 C CA  . LEU A 1 63 ? 30.762  -8.673  19.654  1.00 30.35  ?  160 LEU A CA  1 
ATOM   522 C C   . LEU A 1 63 ? 31.067  -8.388  21.124  1.00 27.21  ?  160 LEU A C   1 
ATOM   523 O O   . LEU A 1 63 ? 32.108  -8.817  21.649  1.00 27.45  ?  160 LEU A O   1 
ATOM   524 C CB  . LEU A 1 63 ? 31.190  -7.487  18.788  1.00 43.40  ?  160 LEU A CB  1 
ATOM   525 C CG  . LEU A 1 63 ? 31.157  -7.699  17.273  1.00 60.86  ?  160 LEU A CG  1 
ATOM   526 C CD1 . LEU A 1 63 ? 31.454  -6.395  16.521  1.00 50.61  ?  160 LEU A CD1 1 
ATOM   527 C CD2 . LEU A 1 63 ? 32.112  -8.805  16.851  1.00 71.09  ?  160 LEU A CD2 1 
ATOM   528 N N   . LYS A 1 64 ? 30.185  -7.641  21.810  1.00 26.05  ?  161 LYS A N   1 
ATOM   529 C CA  . LYS A 1 64 ? 30.443  -7.375  23.225  1.00 25.04  ?  161 LYS A CA  1 
ATOM   530 C C   . LYS A 1 64 ? 30.423  -8.660  24.032  1.00 28.51  ?  161 LYS A C   1 
ATOM   531 O O   . LYS A 1 64 ? 31.302  -8.895  24.875  1.00 24.04  ?  161 LYS A O   1 
ATOM   532 C CB  . LYS A 1 64 ? 29.411  -6.388  23.805  1.00 24.03  ?  161 LYS A CB  1 
ATOM   533 C CG  . LYS A 1 64 ? 29.474  -5.025  23.164  1.00 30.22  ?  161 LYS A CG  1 
ATOM   534 C CD  . LYS A 1 64 ? 30.881  -4.466  23.413  1.00 32.60  ?  161 LYS A CD  1 
ATOM   535 C CE  . LYS A 1 64 ? 31.092  -3.091  22.774  1.00 50.98  ?  161 LYS A CE  1 
ATOM   536 N NZ  . LYS A 1 64 ? 32.524  -2.643  22.913  1.00 60.98  ?  161 LYS A NZ  1 
ATOM   537 N N   . LEU A 1 65 ? 29.400  -9.501  23.822  1.00 23.16  ?  162 LEU A N   1 
ATOM   538 C CA  . LEU A 1 65 ? 29.366  -10.762 24.558  1.00 22.36  ?  162 LEU A CA  1 
ATOM   539 C C   . LEU A 1 65 ? 30.624  -11.589 24.290  1.00 23.44  ?  162 LEU A C   1 
ATOM   540 O O   . LEU A 1 65 ? 31.186  -12.178 25.217  1.00 23.21  ?  162 LEU A O   1 
ATOM   541 C CB  . LEU A 1 65 ? 28.107  -11.530 24.202  1.00 22.07  ?  162 LEU A CB  1 
ATOM   542 C CG  . LEU A 1 65 ? 26.777  -11.039 24.779  1.00 27.96  ?  162 LEU A CG  1 
ATOM   543 C CD1 . LEU A 1 65 ? 25.615  -11.594 24.051  1.00 21.02  ?  162 LEU A CD1 1 
ATOM   544 C CD2 . LEU A 1 65 ? 26.697  -11.581 26.156  1.00 33.65  ?  162 LEU A CD2 1 
ATOM   545 N N   . GLU A 1 66 ? 31.090  -11.628 23.033  1.00 24.79  ?  163 GLU A N   1 
ATOM   546 C CA  . GLU A 1 66 ? 32.317  -12.377 22.733  1.00 25.97  ?  163 GLU A CA  1 
ATOM   547 C C   . GLU A 1 66 ? 33.508  -11.808 23.483  1.00 26.47  ?  163 GLU A C   1 
ATOM   548 O O   . GLU A 1 66 ? 34.351  -12.553 23.973  1.00 26.78  ?  163 GLU A O   1 
ATOM   549 C CB  . GLU A 1 66 ? 32.596  -12.373 21.235  1.00 29.79  ?  163 GLU A CB  1 
ATOM   550 C CG  . GLU A 1 66 ? 31.565  -13.163 20.484  1.00 38.18  ?  163 GLU A CG  1 
ATOM   551 C CD  . GLU A 1 66 ? 31.794  -13.133 19.000  1.00 81.23  ?  163 GLU A CD  1 
ATOM   552 O OE1 . GLU A 1 66 ? 32.723  -12.424 18.563  1.00 99.87  ?  163 GLU A OE1 1 
ATOM   553 O OE2 . GLU A 1 66 ? 31.028  -13.791 18.266  1.00 106.59 ?  163 GLU A OE2 1 
ATOM   554 N N   . GLU A 1 67 ? 33.590  -10.482 23.587  1.00 26.68  ?  164 GLU A N   1 
ATOM   555 C CA  . GLU A 1 67 ? 34.680  -9.885  24.345  1.00 27.25  ?  164 GLU A CA  1 
ATOM   556 C C   . GLU A 1 67 ? 34.596  -10.281 25.813  1.00 26.12  ?  164 GLU A C   1 
ATOM   557 O O   . GLU A 1 67 ? 35.608  -10.634 26.440  1.00 26.69  ?  164 GLU A O   1 
ATOM   558 C CB  . GLU A 1 67 ? 34.635  -8.358  24.182  1.00 34.56  ?  164 GLU A CB  1 
ATOM   559 C CG  . GLU A 1 67 ? 34.946  -7.900  22.757  1.00 29.30  ?  164 GLU A CG  1 
ATOM   560 C CD  . GLU A 1 67 ? 34.987  -6.382  22.593  1.00 44.31  ?  164 GLU A CD  1 
ATOM   561 O OE1 . GLU A 1 67 ? 34.618  -5.645  23.534  1.00 44.99  ?  164 GLU A OE1 1 
ATOM   562 O OE2 . GLU A 1 67 ? 35.432  -5.925  21.522  1.00 63.89  ?  164 GLU A OE2 1 
ATOM   563 N N   . GLY A 1 68 ? 33.384  -10.216 26.380  1.00 27.75  ?  165 GLY A N   1 
ATOM   564 C CA  . GLY A 1 68 ? 33.207  -10.606 27.764  1.00 31.26  ?  165 GLY A CA  1 
ATOM   565 C C   . GLY A 1 68 ? 33.591  -12.055 27.992  1.00 23.85  ?  165 GLY A C   1 
ATOM   566 O O   . GLY A 1 68 ? 34.239  -12.379 28.983  1.00 24.07  ?  165 GLY A O   1 
ATOM   567 N N   . ILE A 1 69 ? 33.218  -12.938 27.068  1.00 30.81  ?  166 ILE A N   1 
ATOM   568 C CA  . ILE A 1 69 ? 33.641  -14.335 27.180  1.00 30.00  ?  166 ILE A CA  1 
ATOM   569 C C   . ILE A 1 69 ? 35.154  -14.475 27.148  1.00 30.33  ?  166 ILE A C   1 
ATOM   570 O O   . ILE A 1 69 ? 35.722  -15.196 27.968  1.00 35.67  ?  166 ILE A O   1 
ATOM   571 C CB  . ILE A 1 69 ? 32.958  -15.219 26.125  1.00 24.15  ?  166 ILE A CB  1 
ATOM   572 C CG1 . ILE A 1 69 ? 31.571  -15.562 26.626  1.00 39.40  ?  166 ILE A CG1 1 
ATOM   573 C CG2 . ILE A 1 69 ? 33.833  -16.440 25.790  1.00 37.39  ?  166 ILE A CG2 1 
ATOM   574 C CD1 . ILE A 1 69 ? 30.757  -16.344 25.719  1.00 55.10  ?  166 ILE A CD1 1 
ATOM   575 N N   . GLN A 1 70 ? 35.836  -13.806 26.213  1.00 40.40  ?  167 GLN A N   1 
ATOM   576 C CA  . GLN A 1 70 ? 37.302  -13.870 26.207  1.00 35.32  ?  167 GLN A CA  1 
ATOM   577 C C   . GLN A 1 70 ? 37.864  -13.487 27.575  1.00 40.88  ?  167 GLN A C   1 
ATOM   578 O O   . GLN A 1 70 ? 38.643  -14.240 28.187  1.00 48.94  ?  167 GLN A O   1 
ATOM   579 C CB  . GLN A 1 70 ? 37.886  -12.921 25.152  1.00 41.73  ?  167 GLN A CB  1 
ATOM   580 C CG  . GLN A 1 70 ? 37.596  -13.219 23.686  1.00 91.21  ?  167 GLN A CG  1 
ATOM   581 C CD  . GLN A 1 70 ? 38.211  -12.175 22.735  1.00 92.54  ?  167 GLN A CD  1 
ATOM   582 O OE1 . GLN A 1 70 ? 38.825  -11.193 23.170  1.00 77.53  ?  167 GLN A OE1 1 
ATOM   583 N NE2 . GLN A 1 70 ? 38.023  -12.378 21.436  1.00 70.25  ?  167 GLN A NE2 1 
ATOM   584 N N   . GLU A 1 71 ? 37.476  -12.295 28.064  1.00 33.09  ?  168 GLU A N   1 
ATOM   585 C CA  . GLU A 1 71 ? 37.969  -11.819 29.355  1.00 31.83  ?  168 GLU A CA  1 
ATOM   586 C C   . GLU A 1 71 ? 37.698  -12.836 30.452  1.00 30.46  ?  168 GLU A C   1 
ATOM   587 O O   . GLU A 1 71 ? 38.552  -13.083 31.299  1.00 30.05  ?  168 GLU A O   1 
ATOM   588 C CB  . GLU A 1 71 ? 37.306  -10.499 29.745  1.00 31.32  ?  168 GLU A CB  1 
ATOM   589 C CG  . GLU A 1 71 ? 37.585  -9.302  28.865  1.00 43.78  ?  168 GLU A CG  1 
ATOM   590 C CD  . GLU A 1 71 ? 39.035  -8.879  28.914  1.00 72.63  ?  168 GLU A CD  1 
ATOM   591 O OE1 . GLU A 1 71 ? 39.689  -9.137  29.950  1.00 71.41  ?  168 GLU A OE1 1 
ATOM   592 O OE2 . GLU A 1 71 ? 39.506  -8.261  27.934  1.00 67.09  ?  168 GLU A OE2 1 
ATOM   593 N N   . ASN A 1 72 ? 36.490  -13.404 30.467  1.00 29.90  ?  169 ASN A N   1 
ATOM   594 C CA  . ASN A 1 72 ? 36.101  -14.314 31.543  1.00 28.66  ?  169 ASN A CA  1 
ATOM   595 C C   . ASN A 1 72 ? 36.904  -15.592 31.468  1.00 39.68  ?  169 ASN A C   1 
ATOM   596 O O   . ASN A 1 72 ? 37.338  -16.132 32.491  1.00 34.65  ?  169 ASN A O   1 
ATOM   597 C CB  . ASN A 1 72 ? 34.599  -14.618 31.432  1.00 28.18  ?  169 ASN A CB  1 
ATOM   598 C CG  . ASN A 1 72 ? 34.030  -15.398 32.641  1.00 34.06  ?  169 ASN A CG  1 
ATOM   599 O OD1 . ASN A 1 72 ? 34.694  -15.654 33.617  1.00 46.63  ?  169 ASN A OD1 1 
ATOM   600 N ND2 . ASN A 1 72 ? 32.785  -15.806 32.517  1.00 89.33  ?  169 ASN A ND2 1 
ATOM   601 N N   . LYS A 1 73 ? 37.155  -16.059 30.254  1.00 34.26  ?  170 LYS A N   1 
ATOM   602 C CA  . LYS A 1 73 ? 37.701  -17.392 30.079  1.00 35.20  ?  170 LYS A CA  1 
ATOM   603 C C   . LYS A 1 73 ? 39.192  -17.411 30.366  1.00 39.54  ?  170 LYS A C   1 
ATOM   604 O O   . LYS A 1 73 ? 39.716  -18.438 30.822  1.00 44.74  ?  170 LYS A O   1 
ATOM   605 C CB  . LYS A 1 73 ? 37.350  -17.878 28.672  1.00 51.91  ?  170 LYS A CB  1 
ATOM   606 C CG  . LYS A 1 73 ? 37.595  -19.332 28.415  1.00 83.02  ?  170 LYS A CG  1 
ATOM   607 C CD  . LYS A 1 73 ? 36.967  -19.738 27.096  1.00 88.06  ?  170 LYS A CD  1 
ATOM   608 C CE  . LYS A 1 73 ? 37.920  -19.518 25.940  1.00 95.74  ?  170 LYS A CE  1 
ATOM   609 N NZ  . LYS A 1 73 ? 37.908  -18.122 25.399  1.00 94.10  ?  170 LYS A NZ  1 
ATOM   610 N N   . ASP A 1 74 ? 39.890  -16.280 30.169  1.00 39.88  ?  171 ASP A N   1 
ATOM   611 C CA  . ASP A 1 74 ? 41.271  -16.223 30.665  1.00 45.04  ?  171 ASP A CA  1 
ATOM   612 C C   . ASP A 1 74 ? 41.364  -16.487 32.166  1.00 52.65  ?  171 ASP A C   1 
ATOM   613 O O   . ASP A 1 74 ? 42.426  -16.891 32.647  1.00 58.63  ?  171 ASP A O   1 
ATOM   614 C CB  . ASP A 1 74 ? 41.922  -14.871 30.370  1.00 36.38  ?  171 ASP A CB  1 
ATOM   615 C CG  . ASP A 1 74 ? 42.203  -14.658 28.899  1.00 70.88  ?  171 ASP A CG  1 
ATOM   616 O OD1 . ASP A 1 74 ? 42.414  -15.648 28.167  1.00 84.47  ?  171 ASP A OD1 1 
ATOM   617 O OD2 . ASP A 1 74 ? 42.235  -13.487 28.478  1.00 83.66  ?  171 ASP A OD2 1 
ATOM   618 N N   . LEU A 1 75 ? 40.279  -16.278 32.911  1.00 34.03  ?  172 LEU A N   1 
ATOM   619 C CA  . LEU A 1 75 ? 40.299  -16.383 34.365  1.00 51.49  ?  172 LEU A CA  1 
ATOM   620 C C   . LEU A 1 75 ? 40.083  -17.808 34.848  1.00 59.64  ?  172 LEU A C   1 
ATOM   621 O O   . LEU A 1 75 ? 40.346  -18.104 36.020  1.00 51.95  ?  172 LEU A O   1 
ATOM   622 C CB  . LEU A 1 75 ? 39.209  -15.486 34.967  1.00 31.13  ?  172 LEU A CB  1 
ATOM   623 C CG  . LEU A 1 75 ? 39.299  -13.975 34.689  1.00 31.20  ?  172 LEU A CG  1 
ATOM   624 C CD1 . LEU A 1 75 ? 38.109  -13.249 35.256  1.00 32.02  ?  172 LEU A CD1 1 
ATOM   625 C CD2 . LEU A 1 75 ? 40.586  -13.383 35.193  1.00 33.28  ?  172 LEU A CD2 1 
ATOM   626 N N   . ILE A 1 76 ? 39.593  -18.680 33.978  1.00 57.86  ?  173 ILE A N   1 
ATOM   627 C CA  . ILE A 1 76 ? 39.226  -20.034 34.365  1.00 52.35  ?  173 ILE A CA  1 
ATOM   628 C C   . ILE A 1 76 ? 40.362  -20.988 34.021  1.00 49.80  ?  173 ILE A C   1 
ATOM   629 O O   . ILE A 1 76 ? 41.136  -20.727 33.098  1.00 61.75  ?  173 ILE A O   1 
ATOM   630 C CB  . ILE A 1 76 ? 37.924  -20.463 33.672  1.00 57.48  ?  173 ILE A CB  1 
ATOM   631 C CG1 . ILE A 1 76 ? 36.779  -19.527 34.051  1.00 54.31  ?  173 ILE A CG1 1 
ATOM   632 C CG2 . ILE A 1 76 ? 37.571  -21.884 34.066  1.00 79.86  ?  173 ILE A CG2 1 
ATOM   633 C CD1 . ILE A 1 76 ? 35.542  -19.708 33.185  1.00 50.07  ?  173 ILE A CD1 1 
HETATM 634 I I   . IOD B 2 .  ? -39.515 11.046  -32.113 0.33 94.55  -1 201 IOD A I   1 
HETATM 635 I I   . IOD C 2 .  ? 5.475   -3.028  13.063  0.49 112.98 -1 202 IOD A I   1 
HETATM 636 C C1  . PGE D 3 .  ? -26.271 14.026  -16.410 1.00 84.50  ?  203 PGE A C1  1 
HETATM 637 O O1  . PGE D 3 .  ? -26.649 13.556  -15.123 1.00 96.57  ?  203 PGE A O1  1 
HETATM 638 C C2  . PGE D 3 .  ? -26.427 12.883  -17.392 1.00 75.17  ?  203 PGE A C2  1 
HETATM 639 O O2  . PGE D 3 .  ? -25.904 13.255  -18.656 1.00 81.46  ?  203 PGE A O2  1 
HETATM 640 C C3  . PGE D 3 .  ? -26.423 12.478  -19.726 1.00 68.90  ?  203 PGE A C3  1 
HETATM 641 C C4  . PGE D 3 .  ? -25.796 12.861  -21.060 1.00 65.91  ?  203 PGE A C4  1 
HETATM 642 O O4  . PGE D 3 .  ? -27.591 16.882  -20.655 1.00 91.52  ?  203 PGE A O4  1 
HETATM 643 C C6  . PGE D 3 .  ? -27.067 16.235  -21.806 1.00 82.07  ?  203 PGE A C6  1 
HETATM 644 C C5  . PGE D 3 .  ? -26.104 15.167  -21.337 1.00 90.47  ?  203 PGE A C5  1 
HETATM 645 O O3  . PGE D 3 .  ? -26.561 13.873  -21.689 1.00 62.84  ?  203 PGE A O3  1 
HETATM 646 O O   . HOH E 4 .  ? 17.657  -2.063  5.364   1.00 74.56  ?  301 HOH A O   1 
HETATM 647 O O   . HOH E 4 .  ? 36.625  -10.924 20.356  1.00 58.28  ?  302 HOH A O   1 
HETATM 648 O O   . HOH E 4 .  ? 34.087  -13.838 35.268  1.00 45.84  ?  303 HOH A O   1 
HETATM 649 O O   . HOH E 4 .  ? 40.514  -11.029 31.525  1.00 55.11  ?  304 HOH A O   1 
HETATM 650 O O   . HOH E 4 .  ? 38.123  -9.504  25.054  1.00 53.09  ?  305 HOH A O   1 
HETATM 651 O O   . HOH E 4 .  ? 39.991  -18.801 23.938  1.00 73.04  ?  306 HOH A O   1 
HETATM 652 O O   . HOH E 4 .  ? 37.360  -16.287 23.504  1.00 57.15  ?  307 HOH A O   1 
HETATM 653 O O   . HOH E 4 .  ? -42.716 5.575   -30.795 1.00 56.23  ?  308 HOH A O   1 
HETATM 654 O O   . HOH E 4 .  ? 30.095  -4.050  19.664  1.00 55.14  ?  309 HOH A O   1 
HETATM 655 O O   . HOH E 4 .  ? -23.581 2.852   -13.263 1.00 66.21  ?  310 HOH A O   1 
HETATM 656 O O   . HOH E 4 .  ? -30.828 2.830   -21.460 1.00 58.03  ?  311 HOH A O   1 
HETATM 657 O O   . HOH E 4 .  ? 14.136  3.153   12.433  1.00 57.08  ?  312 HOH A O   1 
HETATM 658 O O   . HOH E 4 .  ? 33.953  -9.207  19.338  1.00 78.21  ?  313 HOH A O   1 
HETATM 659 O O   . HOH E 4 .  ? 35.050  -19.338 24.717  1.00 66.76  ?  314 HOH A O   1 
HETATM 660 O O   . HOH E 4 .  ? -13.840 10.331  -9.435  1.00 61.43  ?  315 HOH A O   1 
HETATM 661 O O   . HOH E 4 .  ? 22.732  -0.162  17.681  1.00 63.71  ?  316 HOH A O   1 
HETATM 662 O O   . HOH E 4 .  ? -15.847 10.800  -6.314  1.00 64.37  ?  317 HOH A O   1 
HETATM 663 O O   . HOH E 4 .  ? 33.080  -4.150  20.075  1.00 62.92  ?  318 HOH A O   1 
HETATM 664 O O   . HOH E 4 .  ? -41.032 1.905   -32.299 1.00 65.33  ?  319 HOH A O   1 
HETATM 665 O O   . HOH E 4 .  ? 14.420  -11.607 10.338  1.00 54.19  ?  320 HOH A O   1 
HETATM 666 O O   . HOH E 4 .  ? 34.163  -18.110 29.517  1.00 60.29  ?  321 HOH A O   1 
HETATM 667 O O   . HOH E 4 .  ? 14.665  0.165   16.136  1.00 58.14  ?  322 HOH A O   1 
HETATM 668 O O   . HOH E 4 .  ? -27.289 4.993   -12.375 1.00 69.12  ?  323 HOH A O   1 
HETATM 669 O O   . HOH E 4 .  ? 36.139  -1.448  23.101  0.50 63.01  ?  324 HOH A O   1 
HETATM 670 O O   . HOH E 4 .  ? -15.919 8.405   -20.355 1.00 65.74  ?  325 HOH A O   1 
HETATM 671 O O   . HOH E 4 .  ? 38.577  -3.067  22.463  1.00 66.57  ?  326 HOH A O   1 
HETATM 672 O O   . HOH E 4 .  ? 8.627   0.628   12.632  1.00 58.15  ?  327 HOH A O   1 
HETATM 673 O O   . HOH E 4 .  ? 30.460  -17.907 20.084  1.00 56.54  ?  328 HOH A O   1 
HETATM 674 O O   . HOH E 4 .  ? 32.574  -16.623 21.604  1.00 71.40  ?  329 HOH A O   1 
HETATM 675 O O   . HOH E 4 .  ? -45.107 8.677   -38.943 1.00 68.63  ?  330 HOH A O   1 
HETATM 676 O O   . HOH E 4 .  ? 31.425  -18.541 22.212  0.50 54.07  ?  331 HOH A O   1 
HETATM 677 O O   . HOH E 4 .  ? 5.363   2.825   13.820  1.00 57.48  ?  332 HOH A O   1 
# 
loop_
_atom_site_anisotrop.id 
_atom_site_anisotrop.type_symbol 
_atom_site_anisotrop.pdbx_label_atom_id 
_atom_site_anisotrop.pdbx_label_alt_id 
_atom_site_anisotrop.pdbx_label_comp_id 
_atom_site_anisotrop.pdbx_label_asym_id 
_atom_site_anisotrop.pdbx_label_seq_id 
_atom_site_anisotrop.pdbx_PDB_ins_code 
_atom_site_anisotrop.U[1][1] 
_atom_site_anisotrop.U[2][2] 
_atom_site_anisotrop.U[3][3] 
_atom_site_anisotrop.U[1][2] 
_atom_site_anisotrop.U[1][3] 
_atom_site_anisotrop.U[2][3] 
_atom_site_anisotrop.pdbx_auth_seq_id 
_atom_site_anisotrop.pdbx_auth_comp_id 
_atom_site_anisotrop.pdbx_auth_asym_id 
_atom_site_anisotrop.pdbx_auth_atom_id 
1   N N   . GLY A 1  ? 0.8630 1.5022 0.9087 -0.2300 0.0864  -0.0100 98  GLY A N   
2   C CA  . GLY A 1  ? 0.9320 1.4495 0.9561 -0.2116 0.0996  0.0121  98  GLY A CA  
3   C C   . GLY A 1  ? 1.0428 1.5183 1.0826 -0.1520 0.0868  0.0152  98  GLY A C   
4   O O   . GLY A 1  ? 0.9713 1.3399 0.9804 -0.1413 0.0921  0.0345  98  GLY A O   
5   N N   . SER A 2  ? 0.8629 1.4211 0.9474 -0.1124 0.0719  -0.0039 99  SER A N   
6   C CA  . SER A 2  ? 0.8885 1.4090 0.9850 -0.0522 0.0620  -0.0037 99  SER A CA  
7   C C   . SER A 2  ? 0.8572 1.3279 0.9688 -0.0243 0.0747  -0.0008 99  SER A C   
8   O O   . SER A 2  ? 0.7584 1.1960 0.8783 0.0243  0.0704  -0.0034 99  SER A O   
9   C CB  . SER A 2  ? 0.8354 1.4625 0.9667 -0.0173 0.0427  -0.0245 99  SER A CB  
10  O OG  . SER A 2  ? 0.7355 1.4527 0.9085 -0.0124 0.0472  -0.0420 99  SER A OG  
11  N N   . MET A 3  ? 0.6890 1.1524 0.8002 -0.0556 0.0908  0.0044  100 MET A N   
12  C CA  . MET A 3  ? 0.5763 1.0055 0.7018 -0.0374 0.1024  0.0062  100 MET A CA  
13  C C   . MET A 3  ? 0.6405 0.9972 0.7382 -0.0690 0.1195  0.0280  100 MET A C   
14  O O   . MET A 3  ? 0.3954 0.7595 0.5052 -0.0744 0.1300  0.0281  100 MET A O   
15  C CB  . MET A 3  ? 0.5729 1.0990 0.7372 -0.0327 0.1031  -0.0151 100 MET A CB  
16  C CG  . MET A 3  ? 0.7868 1.3542 0.9775 0.0178  0.0918  -0.0329 100 MET A CG  
17  S SD  . MET A 3  ? 0.7034 1.3862 0.9367 0.0278  0.0931  -0.0590 100 MET A SD  
18  C CE  . MET A 3  ? 0.9203 1.5828 1.1626 0.0992  0.0868  -0.0691 100 MET A CE  
19  N N   . GLY A 4  ? 0.4695 0.7558 0.5270 -0.0886 0.1229  0.0472  101 GLY A N   
20  C CA  . GLY A 4  ? 0.5189 0.7258 0.5467 -0.1081 0.1406  0.0710  101 GLY A CA  
21  C C   . GLY A 4  ? 0.3707 0.5305 0.4141 -0.0772 0.1465  0.0775  101 GLY A C   
22  O O   . GLY A 4  ? 0.3965 0.5458 0.4394 -0.0887 0.1591  0.0875  101 GLY A O   
23  N N   . LEU A 5  ? 0.4098 0.5424 0.4647 -0.0382 0.1380  0.0713  102 LEU A N   
24  C CA  . LEU A 5  ? 0.4847 0.5719 0.5513 -0.0146 0.1456  0.0754  102 LEU A CA  
25  C C   . LEU A 5  ? 0.3253 0.4778 0.4253 -0.0112 0.1475  0.0589  102 LEU A C   
26  O O   . LEU A 5  ? 0.3048 0.4353 0.4098 -0.0126 0.1573  0.0662  102 LEU A O   
27  C CB  . LEU A 5  ? 0.3368 0.3727 0.4012 0.0241  0.1394  0.0707  102 LEU A CB  
28  C CG  . LEU A 5  ? 0.4550 0.4050 0.4837 0.0263  0.1403  0.0889  102 LEU A CG  
29  C CD1 . LEU A 5  ? 0.5483 0.4538 0.5748 0.0670  0.1349  0.0808  102 LEU A CD1 
30  C CD2 . LEU A 5  ? 0.4650 0.3490 0.4750 0.0088  0.1570  0.1139  102 LEU A CD2 
31  N N   . SER A 6  ? 0.4074 0.6436 0.5301 -0.0076 0.1388  0.0368  103 SER A N   
32  C CA  . SER A 6  ? 0.2679 0.5625 0.4177 -0.0080 0.1431  0.0219  103 SER A CA  
33  C C   . SER A 6  ? 0.2588 0.5660 0.4008 -0.0454 0.1538  0.0345  103 SER A C   
34  O O   . SER A 6  ? 0.3145 0.6242 0.4662 -0.0458 0.1584  0.0318  103 SER A O   
35  C CB  . SER A 6  ? 0.3308 0.7158 0.5058 0.0037  0.1340  -0.0032 103 SER A CB  
36  O OG  . SER A 6  ? 0.7474 1.1175 0.9274 0.0465  0.1262  -0.0143 103 SER A OG  
37  N N   . ARG A 7  ? 0.2925 0.5901 0.4085 -0.0752 0.1553  0.0472  104 ARG A N   
38  C CA  . ARG A 7  ? 0.3294 0.5880 0.4223 -0.0942 0.1560  0.0560  104 ARG A CA  
39  C C   . ARG A 7  ? 0.2979 0.4723 0.3709 -0.0886 0.1653  0.0717  104 ARG A C   
40  O O   . ARG A 7  ? 0.3301 0.4905 0.4002 -0.0885 0.1659  0.0712  104 ARG A O   
41  C CB  . ARG A 7  ? 0.4419 0.6974 0.5068 -0.1189 0.1520  0.0591  104 ARG A CB  
42  C CG  . ARG A 7  ? 0.7137 0.9425 0.7559 -0.1319 0.1529  0.0653  104 ARG A CG  
43  C CD  . ARG A 7  ? 0.9375 1.1738 0.9532 -0.1582 0.1490  0.0619  104 ARG A CD  
44  N NE  . ARG A 7  ? 0.8464 1.1718 0.8799 -0.1735 0.1401  0.0384  104 ARG A NE  
45  C CZ  . ARG A 7  ? 0.7211 1.0906 0.7591 -0.1827 0.1342  0.0289  104 ARG A CZ  
46  N NH1 . ARG A 7  ? 1.0082 1.3338 1.0287 -0.1825 0.1368  0.0416  104 ARG A NH1 
47  N NH2 . ARG A 7  ? 0.7619 1.2214 0.8216 -0.1898 0.1250  0.0067  104 ARG A NH2 
48  N N   . VAL A 8  ? 0.3034 0.4379 0.3518 -0.0880 0.1574  0.0819  105 VAL A N   
49  C CA  . VAL A 8  ? 0.3052 0.3807 0.3378 -0.0757 0.1466  0.0945  105 VAL A CA  
50  C C   . VAL A 8  ? 0.2832 0.3782 0.3467 -0.0592 0.1507  0.0881  105 VAL A C   
51  O O   . VAL A 8  ? 0.2816 0.3712 0.3373 -0.0630 0.1450  0.0893  105 VAL A O   
52  C CB  . VAL A 8  ? 0.3175 0.3271 0.3380 -0.0580 0.1428  0.1044  105 VAL A CB  
53  C CG1 . VAL A 8  ? 0.3960 0.3615 0.4102 -0.0429 0.1328  0.1071  105 VAL A CG1 
54  C CG2 . VAL A 8  ? 0.3744 0.3691 0.3624 -0.0775 0.1344  0.1098  105 VAL A CG2 
55  N N   . TYR A 9  ? 0.2749 0.3954 0.3728 -0.0396 0.1612  0.0792  106 TYR A N   
56  C CA  . TYR A 9  ? 0.3011 0.4394 0.4253 -0.0248 0.1652  0.0674  106 TYR A CA  
57  C C   . TYR A 9  ? 0.2814 0.4745 0.4092 -0.0433 0.1601  0.0549  106 TYR A C   
58  O O   . TYR A 9  ? 0.2434 0.4291 0.3685 -0.0460 0.1569  0.0561  106 TYR A O   
59  C CB  . TYR A 9  ? 0.2747 0.4334 0.4227 0.0016  0.1700  0.0488  106 TYR A CB  
60  C CG  . TYR A 9  ? 0.3255 0.4873 0.4891 0.0196  0.1725  0.0301  106 TYR A CG  
61  C CD1 . TYR A 9  ? 0.4294 0.5265 0.5861 0.0319  0.1786  0.0348  106 TYR A CD1 
62  C CD2 . TYR A 9  ? 0.3180 0.5439 0.4995 0.0236  0.1708  0.0062  106 TYR A CD2 
63  C CE1 . TYR A 9  ? 0.7098 0.8025 0.8735 0.0441  0.1835  0.0158  106 TYR A CE1 
64  C CE2 . TYR A 9  ? 0.8385 1.0576 1.0261 0.0387  0.1761  -0.0120 106 TYR A CE2 
65  C CZ  . TYR A 9  ? 0.8540 1.0044 1.0308 0.0475  0.1826  -0.0076 106 TYR A CZ  
66  O OH  . TYR A 9  ? 0.8931 1.0294 1.0687 0.0575  0.1903  -0.0272 106 TYR A OH  
67  N N   . SER A 10 ? 0.2473 0.4822 0.3829 -0.0558 0.1638  0.0412  107 SER A N   
68  C CA  A SER A 10 ? 0.2541 0.5092 0.3975 -0.0605 0.1626  0.0399  107 SER A CA  
69  C CA  B SER A 10 ? 0.2570 0.5124 0.4004 -0.0606 0.1625  0.0399  107 SER A CA  
70  C C   . SER A 10 ? 0.2641 0.4742 0.3802 -0.0735 0.1646  0.0521  107 SER A C   
71  O O   . SER A 10 ? 0.2628 0.4792 0.3827 -0.0733 0.1637  0.0519  107 SER A O   
72  C CB  A SER A 10 ? 0.2552 0.5614 0.4002 -0.0685 0.1544  0.0304  107 SER A CB  
73  C CB  B SER A 10 ? 0.2556 0.5613 0.3999 -0.0688 0.1544  0.0307  107 SER A CB  
74  O OG  A SER A 10 ? 0.3685 0.7230 0.5374 -0.0529 0.1511  0.0090  107 SER A OG  
75  O OG  B SER A 10 ? 0.2734 0.5930 0.4087 -0.0813 0.1506  0.0296  107 SER A OG  
76  N N   . LYS A 11 ? 0.2834 0.4483 0.3641 -0.0834 0.1632  0.0601  108 LYS A N   
77  C CA  . LYS A 11 ? 0.3045 0.4284 0.3481 -0.0922 0.1598  0.0664  108 LYS A CA  
78  C C   . LYS A 11 ? 0.2918 0.4170 0.3322 -0.0897 0.1491  0.0736  108 LYS A C   
79  O O   . LYS A 11 ? 0.3524 0.4758 0.3886 -0.0902 0.1514  0.0757  108 LYS A O   
80  C CB  . LYS A 11 ? 0.3705 0.4518 0.3711 -0.1040 0.1526  0.0709  108 LYS A CB  
81  C CG  . LYS A 11 ? 0.7270 0.7794 0.6933 -0.1116 0.1521  0.0824  108 LYS A CG  
82  C CD  . LYS A 11 ? 1.0859 1.1533 1.0827 -0.0928 0.1737  0.0978  108 LYS A CD  
83  C CE  . LYS A 11 ? 1.1572 1.1971 1.1250 -0.0920 0.1794  0.1135  108 LYS A CE  
84  N NZ  . LYS A 11 ? 1.1615 1.2027 1.1351 -0.0796 0.1687  0.1427  108 LYS A NZ  
85  N N   . LEU A 12 ? 0.3278 0.4429 0.3804 -0.0742 0.1420  0.0835  109 LEU A N   
86  C CA  . LEU A 12 ? 0.2695 0.3678 0.3324 -0.0592 0.1388  0.0913  109 LEU A CA  
87  C C   . LEU A 12 ? 0.2580 0.4000 0.3433 -0.0632 0.1439  0.0783  109 LEU A C   
88  O O   . LEU A 12 ? 0.2603 0.4034 0.3447 -0.0639 0.1429  0.0821  109 LEU A O   
89  C CB  . LEU A 12 ? 0.2778 0.3389 0.3528 -0.0389 0.1399  0.0963  109 LEU A CB  
90  C CG  . LEU A 12 ? 0.3707 0.4061 0.4546 -0.0249 0.1398  0.1011  109 LEU A CG  
91  C CD1 . LEU A 12 ? 0.3719 0.3920 0.4387 -0.0243 0.1327  0.1117  109 LEU A CD1 
92  C CD2 . LEU A 12 ? 0.4890 0.4773 0.5767 -0.0067 0.1442  0.1012  109 LEU A CD2 
93  N N   . TYR A 13 ? 0.2839 0.4647 0.3909 -0.0649 0.1500  0.0604  110 TYR A N   
94  C CA  . TYR A 13 ? 0.2436 0.4564 0.3714 -0.0684 0.1560  0.0423  110 TYR A CA  
95  C C   . TYR A 13 ? 0.2553 0.4655 0.3798 -0.0735 0.1606  0.0494  110 TYR A C   
96  O O   . TYR A 13 ? 0.3076 0.5280 0.4385 -0.0738 0.1602  0.0522  110 TYR A O   
97  C CB  . TYR A 13 ? 0.2983 0.5313 0.4559 -0.0561 0.1643  0.0289  110 TYR A CB  
98  C CG  . TYR A 13 ? 0.3297 0.6004 0.5089 -0.0492 0.1663  0.0291  110 TYR A CG  
99  C CD1 . TYR A 13 ? 0.3392 0.6185 0.5253 -0.0401 0.1682  0.0240  110 TYR A CD1 
100 C CD2 . TYR A 13 ? 0.3692 0.6687 0.5409 -0.0602 0.1588  0.0252  110 TYR A CD2 
101 C CE1 . TYR A 13 ? 0.4729 0.7766 0.6609 -0.0469 0.1684  0.0047  110 TYR A CE1 
102 C CE2 . TYR A 13 ? 0.5689 0.8998 0.7441 -0.0644 0.1563  0.0114  110 TYR A CE2 
103 C CZ  . TYR A 13 ? 0.5029 0.8340 0.6863 -0.0590 0.1618  0.0000  110 TYR A CZ  
104 O OH  . TYR A 13 ? 0.6331 0.9907 0.8144 -0.0675 0.1618  -0.0183 110 TYR A OH  
105 N N   . LYS A 14 ? 0.3222 0.5291 0.4348 -0.0766 0.1616  0.0564  111 LYS A N   
106 C CA  . LYS A 14 ? 0.3024 0.5206 0.4036 -0.0809 0.1598  0.0656  111 LYS A CA  
107 C C   . LYS A 14 ? 0.4742 0.6667 0.5523 -0.0820 0.1581  0.0774  111 LYS A C   
108 O O   . LYS A 14 ? 0.2941 0.5088 0.3744 -0.0816 0.1556  0.0838  111 LYS A O   
109 C CB  . LYS A 14 ? 0.2924 0.5109 0.3789 -0.0866 0.1611  0.0696  111 LYS A CB  
110 C CG  . LYS A 14 ? 0.3940 0.6219 0.4619 -0.0933 0.1608  0.0772  111 LYS A CG  
111 C CD  . LYS A 14 ? 0.6165 0.8975 0.7002 -0.0969 0.1531  0.0674  111 LYS A CD  
112 C CE  . LYS A 14 ? 0.6170 0.9103 0.6799 -0.1051 0.1530  0.0743  111 LYS A CE  
113 N NZ  . LYS A 14 ? 0.6356 0.9779 0.7084 -0.1107 0.1456  0.0633  111 LYS A NZ  
114 N N   . GLU A 15 ? 0.4090 0.5658 0.4650 -0.0820 0.1540  0.0847  112 GLU A N   
115 C CA  . GLU A 15 ? 0.4591 0.6037 0.5022 -0.0739 0.1480  0.1064  112 GLU A CA  
116 C C   . GLU A 15 ? 0.4336 0.5987 0.4996 -0.0676 0.1454  0.1058  112 GLU A C   
117 O O   . GLU A 15 ? 0.4898 0.6708 0.5569 -0.0628 0.1441  0.1190  112 GLU A O   
118 C CB  . GLU A 15 ? 0.3690 0.4725 0.3950 -0.0656 0.1424  0.1212  112 GLU A CB  
119 C CG  . GLU A 15 ? 0.6548 0.7382 0.6510 -0.0772 0.1461  0.1224  112 GLU A CG  
120 C CD  . GLU A 15 ? 0.7385 0.8237 0.7150 -0.0805 0.1523  0.1322  112 GLU A CD  
121 O OE1 . GLU A 15 ? 0.7695 0.8623 0.7523 -0.0668 0.1499  0.1473  112 GLU A OE1 
122 O OE2 . GLU A 15 ? 0.7555 0.8337 0.7110 -0.0949 0.1619  0.1253  112 GLU A OE2 
123 N N   . ALA A 16 ? 0.3778 0.5470 0.4619 -0.0680 0.1455  0.0918  113 ALA A N   
124 C CA  . ALA A 16 ? 0.2885 0.4792 0.3945 -0.0670 0.1466  0.0882  113 ALA A CA  
125 C C   . ALA A 16 ? 0.4029 0.6340 0.5244 -0.0728 0.1502  0.0823  113 ALA A C   
126 O O   . ALA A 16 ? 0.3686 0.6227 0.4990 -0.0725 0.1480  0.0894  113 ALA A O   
127 C CB  . ALA A 16 ? 0.2745 0.4644 0.3951 -0.0672 0.1484  0.0740  113 ALA A CB  
128 N N   . GLU A 17 ? 0.2902 0.5366 0.4167 -0.0763 0.1526  0.0729  114 GLU A N   
129 C CA  . GLU A 17 ? 0.2738 0.5646 0.4079 -0.0809 0.1483  0.0723  114 GLU A CA  
130 C C   . GLU A 17 ? 0.2865 0.5882 0.4008 -0.0808 0.1432  0.0915  114 GLU A C   
131 O O   . GLU A 17 ? 0.3242 0.6645 0.4431 -0.0840 0.1374  0.0963  114 GLU A O   
132 C CB  . GLU A 17 ? 0.2708 0.5805 0.4073 -0.0844 0.1474  0.0604  114 GLU A CB  
133 C CG  . GLU A 17 ? 0.5893 0.9469 0.7257 -0.0939 0.1405  0.0525  114 GLU A CG  
134 C CD  . GLU A 17 ? 0.7806 1.1594 0.9152 -0.0987 0.1391  0.0368  114 GLU A CD  
135 O OE1 . GLU A 17 ? 0.6436 1.0060 0.7795 -0.0938 0.1422  0.0345  114 GLU A OE1 
136 O OE2 . GLU A 17 ? 0.9443 1.3595 1.0750 -0.1083 0.1347  0.0253  114 GLU A OE2 
137 N N   . LYS A 18 ? 0.3210 0.5910 0.4112 -0.0776 0.1455  0.1030  115 LYS A N   
138 C CA  . LYS A 18 ? 0.3841 0.6610 0.4539 -0.0744 0.1433  0.1231  115 LYS A CA  
139 C C   . LYS A 18 ? 0.3184 0.6055 0.3949 -0.0642 0.1387  0.1401  115 LYS A C   
140 O O   . LYS A 18 ? 0.3287 0.6531 0.4043 -0.0608 0.1340  0.1555  115 LYS A O   
141 C CB  . LYS A 18 ? 0.5084 0.7423 0.5472 -0.0738 0.1488  0.1317  115 LYS A CB  
142 C CG  . LYS A 18 ? 0.5392 0.7703 0.5696 -0.0843 0.1545  0.1199  115 LYS A CG  
143 C CD  . LYS A 18 ? 0.5895 0.7758 0.5849 -0.0865 0.1618  0.1300  115 LYS A CD  
144 C CE  . LYS A 18 ? 0.7019 0.8858 0.6901 -0.0966 0.1691  0.1205  115 LYS A CE  
145 N NZ  . LYS A 18 ? 0.8952 1.0273 0.8449 -0.1009 0.1799  0.1288  115 LYS A NZ  
146 N N   . ILE A 19 ? 0.4093 0.6688 0.4937 -0.0587 0.1394  0.1385  116 ILE A N   
147 C CA  . ILE A 19 ? 0.3909 0.6603 0.4850 -0.0474 0.1361  0.1558  116 ILE A CA  
148 C C   . ILE A 19 ? 0.3691 0.6917 0.4888 -0.0552 0.1330  0.1489  116 ILE A C   
149 O O   . ILE A 19 ? 0.4687 0.8324 0.5941 -0.0499 0.1278  0.1665  116 ILE A O   
150 C CB  . ILE A 19 ? 0.3670 0.5900 0.4604 -0.0394 0.1372  0.1560  116 ILE A CB  
151 C CG1 . ILE A 19 ? 0.4342 0.6161 0.5042 -0.0288 0.1378  0.1704  116 ILE A CG1 
152 C CG2 . ILE A 19 ? 0.4538 0.6914 0.5651 -0.0299 0.1359  0.1684  116 ILE A CG2 
153 C CD1 . ILE A 19 ? 0.4420 0.5792 0.5121 -0.0198 0.1375  0.1701  116 ILE A CD1 
154 N N   . LYS A 20 ? 0.2879 0.8666 0.5340 -0.0287 0.0514  0.0732  117 LYS A N   
155 C CA  . LYS A 20 ? 0.3308 0.8317 0.5547 -0.0299 0.0104  0.1018  117 LYS A CA  
156 C C   . LYS A 20 ? 0.3521 0.7899 0.5497 -0.0281 0.0117  0.0878  117 LYS A C   
157 O O   . LYS A 20 ? 0.4730 0.8748 0.6702 -0.0370 -0.0092 0.1105  117 LYS A O   
158 C CB  . LYS A 20 ? 0.3614 0.8402 0.5694 -0.0148 -0.0158 0.1023  117 LYS A CB  
159 C CG  . LYS A 20 ? 1.0134 1.4138 1.2164 -0.0158 -0.0608 0.1219  117 LYS A CG  
160 C CD  . LYS A 20 ? 1.1609 1.5352 1.3667 0.0012  -0.0892 0.1202  117 LYS A CD  
161 C CE  . LYS A 20 ? 0.9173 1.2134 1.1363 -0.0003 -0.1350 0.1285  117 LYS A CE  
162 N NZ  . LYS A 20 ? 1.2223 1.4874 1.4614 0.0183  -0.1647 0.1242  117 LYS A NZ  
163 N N   . LYS A 21 ? 0.4010 0.8347 0.5773 -0.0166 0.0360  0.0522  118 LYS A N   
164 C CA  . LYS A 21 ? 0.3754 0.7692 0.5264 -0.0146 0.0416  0.0457  118 LYS A CA  
165 C C   . LYS A 21 ? 0.4179 0.8164 0.5972 -0.0276 0.0564  0.0685  118 LYS A C   
166 O O   . LYS A 21 ? 0.4821 0.8476 0.6450 -0.0290 0.0410  0.0869  118 LYS A O   
167 C CB  . LYS A 21 ? 0.3921 0.7993 0.5268 -0.0042 0.0733  0.0092  118 LYS A CB  
168 C CG  . LYS A 21 ? 0.5222 0.9046 0.6288 -0.0017 0.0821  0.0090  118 LYS A CG  
169 C CD  . LYS A 21 ? 0.8737 1.2778 0.9677 0.0062  0.1143  -0.0249 118 LYS A CD  
170 C CE  . LYS A 21 ? 1.0091 1.4053 1.0755 0.0076  0.1257  -0.0166 118 LYS A CE  
171 N NZ  . LYS A 21 ? 1.0145 1.4386 1.0720 0.0122  0.1583  -0.0465 118 LYS A NZ  
172 N N   . TRP A 22 ? 0.3915 0.8388 0.6186 -0.0355 0.0847  0.0643  119 TRP A N   
173 C CA  . TRP A 22 ? 0.3197 0.7717 0.5863 -0.0452 0.0972  0.0824  119 TRP A CA  
174 C C   . TRP A 22 ? 0.3961 0.8328 0.6603 -0.0537 0.0611  0.1177  119 TRP A C   
175 O O   . TRP A 22 ? 0.4041 0.8174 0.6718 -0.0563 0.0545  0.1392  119 TRP A O   
176 C CB  . TRP A 22 ? 0.2659 0.7838 0.5970 -0.0509 0.1310  0.0596  119 TRP A CB  
177 C CG  . TRP A 22 ? 0.4861 0.9968 0.8705 -0.0559 0.1512  0.0646  119 TRP A CG  
178 C CD1 . TRP A 22 ? 0.8552 1.3397 1.2605 -0.0533 0.1780  0.0609  119 TRP A CD1 
179 C CD2 . TRP A 22 ? 0.6606 1.1746 1.0769 -0.0624 0.1409  0.0742  119 TRP A CD2 
180 N NE1 . TRP A 22 ? 1.0560 1.5283 1.5057 -0.0572 0.1821  0.0673  119 TRP A NE1 
181 C CE2 . TRP A 22 ? 0.9743 1.4675 1.4315 -0.0619 0.1608  0.0713  119 TRP A CE2 
182 C CE3 . TRP A 22 ? 0.7906 1.3263 1.2039 -0.0683 0.1163  0.0855  119 TRP A CE3 
183 C CZ2 . TRP A 22 ? 1.0667 1.5644 1.5618 -0.0646 0.1553  0.0751  119 TRP A CZ2 
184 C CZ3 . TRP A 22 ? 1.0167 1.5545 1.4649 -0.0721 0.1146  0.0860  119 TRP A CZ3 
185 C CH2 . TRP A 22 ? 1.0153 1.5376 1.5052 -0.0698 0.1338  0.0774  119 TRP A CH2 
186 N N   . LYS A 23 ? 0.3204 0.7747 0.5831 -0.0582 0.0373  0.1275  120 LYS A N   
187 C CA  . LYS A 23 ? 0.4525 0.8959 0.7219 -0.0701 0.0033  0.1621  120 LYS A CA  
188 C C   . LYS A 23 ? 0.3993 0.7781 0.6329 -0.0663 -0.0260 0.1702  120 LYS A C   
189 O O   . LYS A 23 ? 0.4968 0.8656 0.7380 -0.0726 -0.0374 0.1892  120 LYS A O   
190 C CB  . LYS A 23 ? 0.4021 0.8707 0.6788 -0.0755 -0.0178 0.1786  120 LYS A CB  
191 C CG  . LYS A 23 ? 0.8427 1.3994 1.1515 -0.0779 0.0089  0.1706  120 LYS A CG  
192 C CD  . LYS A 23 ? 0.9309 1.5367 1.2802 -0.0904 0.0201  0.1789  120 LYS A CD  
193 C CE  . LYS A 23 ? 0.9979 1.6340 1.3391 -0.0813 0.0411  0.1441  120 LYS A CE  
194 N NZ  . LYS A 23 ? 1.0625 1.6824 1.4062 -0.0687 0.0724  0.0947  120 LYS A NZ  
195 N N   . VAL A 24 ? 0.4666 0.8113 0.6638 -0.0545 -0.0400 0.1511  121 VAL A N   
196 C CA  . VAL A 24 ? 0.4753 0.7761 0.6398 -0.0480 -0.0677 0.1454  121 VAL A CA  
197 C C   . VAL A 24 ? 0.6451 0.9503 0.7985 -0.0454 -0.0502 0.1525  121 VAL A C   
198 O O   . VAL A 24 ? 0.7276 1.0247 0.8788 -0.0490 -0.0717 0.1691  121 VAL A O   
199 C CB  . VAL A 24 ? 0.5571 0.8369 0.6886 -0.0315 -0.0756 0.1108  121 VAL A CB  
200 C CG1 . VAL A 24 ? 0.5717 0.8285 0.6695 -0.0221 -0.0996 0.0928  121 VAL A CG1 
201 C CG2 . VAL A 24 ? 0.7270 0.9957 0.8802 -0.0323 -0.1005 0.1135  121 VAL A CG2 
202 N N   . SER A 25 ? 0.5714 0.8942 0.7256 -0.0394 -0.0104 0.1434  122 SER A N   
203 C CA  . SER A 25 ? 0.5975 0.9239 0.7493 -0.0355 0.0087  0.1596  122 SER A CA  
204 C C   . SER A 25 ? 0.5654 0.9006 0.7568 -0.0446 0.0052  0.1916  122 SER A C   
205 O O   . SER A 25 ? 0.5986 0.9296 0.7762 -0.0412 -0.0105 0.2136  122 SER A O   
206 C CB  . SER A 25 ? 0.5168 0.8588 0.6849 -0.0320 0.0541  0.1465  122 SER A CB  
207 O OG  . SER A 25 ? 0.8625 1.2066 1.0418 -0.0293 0.0748  0.1723  122 SER A OG  
208 N N   . THR A 26 ? 0.5429 0.9018 0.7844 -0.0547 0.0185  0.1921  123 THR A N   
209 C CA  . THR A 26 ? 0.3863 0.7625 0.6746 -0.0612 0.0204  0.2157  123 THR A CA  
210 C C   . THR A 26 ? 0.5498 0.9195 0.8265 -0.0690 -0.0206 0.2354  123 THR A C   
211 O O   . THR A 26 ? 0.4748 0.8476 0.7649 -0.0680 -0.0290 0.2583  123 THR A O   
212 C CB  . THR A 26 ? 0.3576 0.7790 0.7062 -0.0689 0.0455  0.2003  123 THR A CB  
213 O OG1 . THR A 26 ? 0.5545 0.9984 0.8938 -0.0775 0.0289  0.1929  123 THR A OG1 
214 C CG2 . THR A 26 ? 0.4143 0.8442 0.7853 -0.0625 0.0856  0.1741  123 THR A CG2 
215 N N   . GLU A 27 ? 0.5783 0.9402 0.8382 -0.0765 -0.0471 0.2285  124 GLU A N   
216 C CA  . GLU A 27 ? 0.6079 0.9590 0.8659 -0.0864 -0.0874 0.2444  124 GLU A CA  
217 C C   . GLU A 27 ? 0.5457 0.8743 0.7653 -0.0755 -0.1079 0.2429  124 GLU A C   
218 O O   . GLU A 27 ? 0.6441 0.9824 0.8723 -0.0783 -0.1253 0.2601  124 GLU A O   
219 C CB  . GLU A 27 ? 0.6152 0.9545 0.8743 -0.0962 -0.1119 0.2407  124 GLU A CB  
220 C CG  . GLU A 27 ? 0.8915 1.2765 1.1899 -0.1091 -0.0982 0.2535  124 GLU A CG  
221 C CD  . GLU A 27 ? 1.1637 1.5393 1.4690 -0.1179 -0.1232 0.2640  124 GLU A CD  
222 O OE1 . GLU A 27 ? 1.3303 1.6543 1.6154 -0.1118 -0.1497 0.2521  124 GLU A OE1 
223 O OE2 . GLU A 27 ? 1.1531 1.5795 1.4898 -0.1300 -0.1169 0.2848  124 GLU A OE2 
224 N N   . ALA A 28 ? 0.4878 0.7991 0.6650 -0.0617 -0.1057 0.2201  125 ALA A N   
225 C CA  . ALA A 28 ? 0.5336 0.8464 0.6711 -0.0493 -0.1239 0.2143  125 ALA A CA  
226 C C   . ALA A 28 ? 0.6638 1.0024 0.8065 -0.0428 -0.1079 0.2471  125 ALA A C   
227 O O   . ALA A 28 ? 0.6078 0.9646 0.7398 -0.0393 -0.1324 0.2579  125 ALA A O   
228 C CB  . ALA A 28 ? 0.6914 0.9992 0.7860 -0.0346 -0.1151 0.1839  125 ALA A CB  
229 N N   . GLU A 29 ? 0.5237 0.8677 0.6923 -0.0404 -0.0676 0.2628  126 GLU A N   
230 C CA  . GLU A 29 ? 0.5299 0.8926 0.7194 -0.0327 -0.0529 0.3000  126 GLU A CA  
231 C C   . GLU A 29 ? 0.6693 1.0443 0.8990 -0.0409 -0.0711 0.3188  126 GLU A C   
232 O O   . GLU A 29 ? 0.5941 0.9888 0.8256 -0.0323 -0.0815 0.3474  126 GLU A O   
233 C CB  . GLU A 29 ? 0.6701 1.0307 0.8996 -0.0299 -0.0066 0.3089  126 GLU A CB  
234 C CG  . GLU A 29 ? 0.9226 1.2961 1.1844 -0.0194 0.0083  0.3548  126 GLU A CG  
235 C CD  . GLU A 29 ? 1.1057 1.4710 1.4209 -0.0174 0.0541  0.3632  126 GLU A CD  
236 O OE1 . GLU A 29 ? 1.1755 1.5319 1.4986 -0.0244 0.0749  0.3271  126 GLU A OE1 
237 O OE2 . GLU A 29 ? 1.1552 1.5250 1.5101 -0.0083 0.0689  0.4066  126 GLU A OE2 
238 N N   . LEU A 30 ? 0.5417 0.9152 0.8046 -0.0570 -0.0750 0.3055  127 LEU A N   
239 C CA  . LEU A 30 ? 0.4730 0.8675 0.7738 -0.0670 -0.0935 0.3208  127 LEU A CA  
240 C C   . LEU A 30 ? 0.4938 0.8911 0.7640 -0.0683 -0.1360 0.3236  127 LEU A C   
241 O O   . LEU A 30 ? 0.5236 0.9448 0.8090 -0.0646 -0.1483 0.3446  127 LEU A O   
242 C CB  . LEU A 30 ? 0.5391 0.9470 0.8748 -0.0858 -0.0913 0.3083  127 LEU A CB  
243 C CG  . LEU A 30 ? 0.4322 0.8644 0.8168 -0.0851 -0.0516 0.2991  127 LEU A CG  
244 C CD1 . LEU A 30 ? 0.4420 0.9080 0.8488 -0.1021 -0.0515 0.2866  127 LEU A CD1 
245 C CD2 . LEU A 30 ? 0.4300 0.8867 0.8689 -0.0791 -0.0422 0.3162  127 LEU A CD2 
246 N N   . ARG A 31 ? 0.7412 1.1181 0.9762 -0.0725 -0.1597 0.2981  128 ARG A N   
247 C CA  . ARG A 31 ? 0.6384 1.0223 0.8565 -0.0743 -0.2016 0.2880  128 ARG A CA  
248 C C   . ARG A 31 ? 0.7347 1.1502 0.9178 -0.0533 -0.2046 0.2986  128 ARG A C   
249 O O   . ARG A 31 ? 0.7717 1.2183 0.9563 -0.0522 -0.2323 0.3028  128 ARG A O   
250 C CB  . ARG A 31 ? 0.9463 1.3005 1.1464 -0.0793 -0.2254 0.2512  128 ARG A CB  
251 C CG  . ARG A 31 ? 1.2991 1.6290 1.5391 -0.1010 -0.2321 0.2515  128 ARG A CG  
252 C CD  . ARG A 31 ? 1.5922 1.8863 1.8247 -0.1013 -0.2569 0.2177  128 ARG A CD  
253 N NE  . ARG A 31 ? 1.6679 1.9504 1.8611 -0.0831 -0.2338 0.1981  128 ARG A NE  
254 C CZ  . ARG A 31 ? 1.5747 1.8318 1.7550 -0.0751 -0.2502 0.1618  128 ARG A CZ  
255 N NH1 . ARG A 31 ? 1.6354 1.8698 1.8473 -0.0839 -0.2908 0.1403  128 ARG A NH1 
256 N NH2 . ARG A 31 ? 1.5272 1.7829 1.6719 -0.0587 -0.2263 0.1445  128 ARG A NH2 
257 N N   . GLN A 32 ? 0.7458 1.1636 0.9000 -0.0368 -0.1761 0.3058  129 GLN A N   
258 C CA  . GLN A 32 ? 0.9192 1.3814 1.0407 -0.0165 -0.1774 0.3277  129 GLN A CA  
259 C C   . GLN A 32 ? 0.8888 1.3741 1.0487 -0.0102 -0.1670 0.3766  129 GLN A C   
260 O O   . GLN A 32 ? 0.9329 1.4654 1.0793 0.0015  -0.1880 0.3954  129 GLN A O   
261 C CB  . GLN A 32 ? 1.0660 1.5310 1.1506 -0.0031 -0.1489 0.3284  129 GLN A CB  
262 C CG  . GLN A 32 ? 1.3252 1.7824 1.3696 -0.0035 -0.1669 0.2753  129 GLN A CG  
263 C CD  . GLN A 32 ? 1.5347 2.0337 1.5542 0.0015  -0.2119 0.2462  129 GLN A CD  
264 O OE1 . GLN A 32 ? 1.5992 2.0744 1.6392 -0.0115 -0.2434 0.2102  129 GLN A OE1 
265 N NE2 . GLN A 32 ? 1.5460 2.1147 1.5285 0.0200  -0.2153 0.2632  129 GLN A NE2 
266 N N   . LYS A 33 ? 0.7585 1.2185 0.9716 -0.0160 -0.1365 0.3936  130 LYS A N   
267 C CA  . LYS A 33 ? 0.6754 1.1543 0.9408 -0.0088 -0.1285 0.4335  130 LYS A CA  
268 C C   . LYS A 33 ? 0.7381 1.2413 1.0199 -0.0175 -0.1637 0.4291  130 LYS A C   
269 O O   . LYS A 33 ? 0.7558 1.2967 1.0470 -0.0041 -0.1768 0.4591  130 LYS A O   
270 C CB  . LYS A 33 ? 0.5810 1.0348 0.9134 -0.0141 -0.0910 0.4357  130 LYS A CB  
271 C CG  . LYS A 33 ? 0.6482 1.0826 0.9850 -0.0051 -0.0525 0.4460  130 LYS A CG  
272 C CD  . LYS A 33 ? 0.7477 1.1667 1.1662 -0.0104 -0.0181 0.4372  130 LYS A CD  
273 C CE  . LYS A 33 ? 0.7754 1.1737 1.2065 -0.0055 0.0204  0.4406  130 LYS A CE  
274 N NZ  . LYS A 33 ? 0.8967 1.3015 1.3390 0.0124  0.0309  0.4980  130 LYS A NZ  
275 N N   . GLU A 34 ? 0.6384 1.1254 0.9281 -0.0400 -0.1795 0.3960  131 GLU A N   
276 C CA  . GLU A 34 ? 0.6728 1.1840 0.9835 -0.0535 -0.2129 0.3909  131 GLU A CA  
277 C C   . GLU A 34 ? 0.7890 1.3332 1.0586 -0.0446 -0.2493 0.3836  131 GLU A C   
278 O O   . GLU A 34 ? 0.6927 1.2794 0.9780 -0.0401 -0.2694 0.3980  131 GLU A O   
279 C CB  . GLU A 34 ? 0.6315 1.1194 0.9591 -0.0813 -0.2217 0.3643  131 GLU A CB  
280 C CG  . GLU A 34 ? 1.0759 1.5886 1.4354 -0.1013 -0.2535 0.3620  131 GLU A CG  
281 C CD  . GLU A 34 ? 1.3035 1.8552 1.7155 -0.1009 -0.2429 0.3852  131 GLU A CD  
282 O OE1 . GLU A 34 ? 1.4091 1.9602 1.8479 -0.0924 -0.2087 0.3948  131 GLU A OE1 
283 O OE2 . GLU A 34 ? 1.1403 1.7268 1.5730 -0.1087 -0.2692 0.3888  131 GLU A OE2 
284 N N   . SER A 35 ? 0.9431 1.0888 1.0340 0.0740  -0.4574 0.3626  132 SER A N   
285 C CA  . SER A 35 ? 0.9049 1.0067 1.0582 0.0456  -0.4339 0.3728  132 SER A CA  
286 C C   . SER A 35 ? 0.8376 0.9229 0.9992 0.0342  -0.4123 0.3319  132 SER A C   
287 O O   . SER A 35 ? 0.9301 1.0093 1.0926 0.0190  -0.3817 0.3491  132 SER A O   
288 C CB  . SER A 35 ? 0.8725 0.9334 1.0970 0.0349  -0.4477 0.3617  132 SER A CB  
289 O OG  . SER A 35 ? 1.2380 1.2573 1.5237 0.0068  -0.4248 0.3665  132 SER A OG  
290 N N   . LYS A 36 ? 0.8541 0.9325 1.0208 0.0423  -0.4235 0.2741  133 LYS A N   
291 C CA  . LYS A 36 ? 0.9184 0.9764 1.0957 0.0316  -0.3988 0.2319  133 LYS A CA  
292 C C   . LYS A 36 ? 0.8815 0.9770 0.9935 0.0401  -0.3777 0.2318  133 LYS A C   
293 O O   . LYS A 36 ? 0.7513 0.8320 0.8700 0.0272  -0.3498 0.2191  133 LYS A O   
294 C CB  . LYS A 36 ? 0.9560 0.9929 1.1647 0.0371  -0.4147 0.1709  133 LYS A CB  
295 C CG  . LYS A 36 ? 1.1386 1.1297 1.4230 0.0233  -0.4282 0.1655  133 LYS A CG  
296 C CD  . LYS A 36 ? 1.1347 1.0838 1.4653 -0.0043 -0.3988 0.1732  133 LYS A CD  
297 C CE  . LYS A 36 ? 0.9933 0.8943 1.4024 -0.0203 -0.4076 0.1616  133 LYS A CE  
298 N NZ  . LYS A 36 ? 1.1028 1.0047 1.5363 -0.0221 -0.4272 0.2060  133 LYS A NZ  
299 N N   . LEU A 37 ? 0.8416 0.9857 0.8909 0.0618  -0.3900 0.2461  134 LEU A N   
300 C CA  . LEU A 37 ? 0.8568 1.0383 0.8451 0.0681  -0.3677 0.2550  134 LEU A CA  
301 C C   . LEU A 37 ? 0.8443 1.0199 0.8372 0.0504  -0.3395 0.3042  134 LEU A C   
302 O O   . LEU A 37 ? 0.8179 0.9928 0.8022 0.0415  -0.3117 0.2964  134 LEU A O   
303 C CB  . LEU A 37 ? 0.9567 1.1926 0.8764 0.0942  -0.3862 0.2665  134 LEU A CB  
304 C CG  . LEU A 37 ? 0.9435 1.2042 0.8371 0.1168  -0.4098 0.2150  134 LEU A CG  
305 C CD1 . LEU A 37 ? 1.0128 1.3259 0.8404 0.1402  -0.4285 0.2414  134 LEU A CD1 
306 C CD2 . LEU A 37 ? 1.0453 1.3153 0.9203 0.1173  -0.3872 0.1732  134 LEU A CD2 
307 N N   . GLN A 38 ? 0.8925 1.0642 0.9018 0.0452  -0.3464 0.3550  135 GLN A N   
308 C CA  . GLN A 38 ? 0.9031 1.0688 0.9249 0.0279  -0.3197 0.4017  135 GLN A CA  
309 C C   . GLN A 38 ? 0.8432 0.9654 0.9201 0.0041  -0.2981 0.3798  135 GLN A C   
310 O O   . GLN A 38 ? 0.7893 0.9148 0.8580 -0.0058 -0.2696 0.3882  135 GLN A O   
311 C CB  . GLN A 38 ? 0.8801 1.0408 0.9238 0.0252  -0.3294 0.4517  135 GLN A CB  
312 C CG  . GLN A 38 ? 1.2857 1.4406 1.3432 0.0082  -0.2930 0.4882  135 GLN A CG  
313 C CD  . GLN A 38 ? 1.4901 1.6398 1.5680 0.0059  -0.2923 0.5215  135 GLN A CD  
314 O OE1 . GLN A 38 ? 1.5391 1.6867 1.6204 0.0170  -0.3187 0.5202  135 GLN A OE1 
315 N NE2 . GLN A 38 ? 1.4037 1.5533 1.4978 -0.0079 -0.2625 0.5493  135 GLN A NE2 
316 N N   . GLU A 39 ? 0.7982 0.8803 0.9311 -0.0045 -0.3112 0.3500  136 GLU A N   
317 C CA  . GLU A 39 ? 0.7237 0.7656 0.9029 -0.0246 -0.2916 0.3222  136 GLU A CA  
318 C C   . GLU A 39 ? 0.9599 1.0134 1.1031 -0.0203 -0.2722 0.2870  136 GLU A C   
319 O O   . GLU A 39 ? 0.8335 0.8742 0.9880 -0.0348 -0.2462 0.2875  136 GLU A O   
320 C CB  . GLU A 39 ? 0.8560 0.8571 1.0919 -0.0303 -0.3098 0.2874  136 GLU A CB  
321 C CG  . GLU A 39 ? 1.2343 1.1911 1.5189 -0.0513 -0.2897 0.2593  136 GLU A CG  
322 C CD  . GLU A 39 ? 1.3422 1.2579 1.6848 -0.0577 -0.3054 0.2259  136 GLU A CD  
323 O OE1 . GLU A 39 ? 1.5068 1.4279 1.8553 -0.0459 -0.3332 0.2228  136 GLU A OE1 
324 O OE2 . GLU A 39 ? 1.2245 1.1026 1.6064 -0.0742 -0.2896 0.2023  136 GLU A OE2 
325 N N   . ASN A 40 ? 0.8229 0.9025 0.9242 0.0000  -0.2849 0.2558  137 ASN A N   
326 C CA  . ASN A 40 ? 0.6915 0.7824 0.7632 0.0050  -0.2674 0.2200  137 ASN A CA  
327 C C   . ASN A 40 ? 0.7187 0.8397 0.7496 0.0037  -0.2427 0.2509  137 ASN A C   
328 O O   . ASN A 40 ? 0.6805 0.7935 0.7127 -0.0046 -0.2192 0.2356  137 ASN A O   
329 C CB  . ASN A 40 ? 0.7262 0.8443 0.7628 0.0279  -0.2864 0.1813  137 ASN A CB  
330 C CG  . ASN A 40 ? 0.7459 0.8321 0.8272 0.0289  -0.3061 0.1385  137 ASN A CG  
331 O OD1 . ASN A 40 ? 0.8881 0.9301 1.0203 0.0126  -0.2966 0.1206  137 ASN A OD1 
332 N ND2 . ASN A 40 ? 0.8702 0.9802 0.9312 0.0490  -0.3324 0.1180  137 ASN A ND2 
333 N N   . ARG A 41 ? 0.8692 1.0258 0.8626 0.0126  -0.2474 0.2940  138 ARG A N   
334 C CA  . ARG A 41 ? 0.9525 1.1371 0.9108 0.0106  -0.2221 0.3249  138 ARG A CA  
335 C C   . ARG A 41 ? 0.8830 1.0370 0.8868 -0.0130 -0.1990 0.3445  138 ARG A C   
336 O O   . ARG A 41 ? 0.7999 0.9602 0.7926 -0.0187 -0.1744 0.3411  138 ARG A O   
337 C CB  . ARG A 41 ? 0.8155 1.0395 0.7306 0.0232  -0.2296 0.3725  138 ARG A CB  
338 C CG  . ARG A 41 ? 0.8667 1.1360 0.7164 0.0483  -0.2427 0.3550  138 ARG A CG  
339 C CD  . ARG A 41 ? 1.4796 1.7479 1.3327 0.0623  -0.2782 0.3369  138 ARG A CD  
340 N NE  . ARG A 41 ? 1.6040 1.9215 1.3912 0.0876  -0.2925 0.3282  138 ARG A NE  
341 C CZ  . ARG A 41 ? 1.3868 1.7201 1.1524 0.1010  -0.2993 0.2756  138 ARG A CZ  
342 N NH1 . ARG A 41 ? 1.4346 1.7364 1.2396 0.0917  -0.2922 0.2291  138 ARG A NH1 
343 N NH2 . ARG A 41 ? 1.2078 1.5889 0.9133 0.1239  -0.3127 0.2693  138 ARG A NH2 
344 N N   . LYS A 42 ? 0.8459 0.9669 0.9041 -0.0269 -0.2070 0.3622  139 LYS A N   
345 C CA  . LYS A 42 ? 0.6600 0.7519 0.7653 -0.0496 -0.1861 0.3762  139 LYS A CA  
346 C C   . LYS A 42 ? 0.7297 0.7966 0.8505 -0.0576 -0.1720 0.3308  139 LYS A C   
347 O O   . LYS A 42 ? 0.7025 0.7709 0.8228 -0.0666 -0.1483 0.3352  139 LYS A O   
348 C CB  . LYS A 42 ? 0.6771 0.7368 0.8426 -0.0628 -0.1988 0.3959  139 LYS A CB  
349 C CG  . LYS A 42 ? 0.9357 1.0166 1.0931 -0.0558 -0.2124 0.4455  139 LYS A CG  
350 C CD  . LYS A 42 ? 0.9867 1.0943 1.1265 -0.0592 -0.1833 0.4754  139 LYS A CD  
351 C CE  . LYS A 42 ? 1.0427 1.1638 1.1851 -0.0547 -0.1866 0.5056  139 LYS A CE  
352 N NZ  . LYS A 42 ? 1.0168 1.1670 1.1010 -0.0310 -0.2081 0.5155  139 LYS A NZ  
353 N N   . ILE A 43 ? 0.6370 0.6805 0.7730 -0.0541 -0.1860 0.2873  140 ILE A N   
354 C CA  . ILE A 43 ? 0.5575 0.5746 0.7094 -0.0610 -0.1721 0.2457  140 ILE A CA  
355 C C   . ILE A 43 ? 0.6535 0.7002 0.7577 -0.0516 -0.1548 0.2330  140 ILE A C   
356 O O   . ILE A 43 ? 0.6693 0.7043 0.7816 -0.0612 -0.1338 0.2250  140 ILE A O   
357 C CB  . ILE A 43 ? 0.6442 0.6346 0.8182 -0.0561 -0.1899 0.2014  140 ILE A CB  
358 C CG1 . ILE A 43 ? 0.6927 0.6490 0.9225 -0.0684 -0.2042 0.2115  140 ILE A CG1 
359 C CG2 . ILE A 43 ? 0.5960 0.5623 0.7796 -0.0602 -0.1744 0.1591  140 ILE A CG2 
360 C CD1 . ILE A 43 ? 0.7416 0.6768 0.9931 -0.0615 -0.2251 0.1718  140 ILE A CD1 
361 N N   . ILE A 44 ? 0.6496 0.7360 0.7034 -0.0321 -0.1636 0.2309  141 ILE A N   
362 C CA  . ILE A 44 ? 0.6061 0.7222 0.6162 -0.0220 -0.1482 0.2138  141 ILE A CA  
363 C C   . ILE A 44 ? 0.6673 0.8004 0.6655 -0.0305 -0.1244 0.2490  141 ILE A C   
364 O O   . ILE A 44 ? 0.6629 0.7959 0.6564 -0.0339 -0.1047 0.2335  141 ILE A O   
365 C CB  . ILE A 44 ? 0.7108 0.8683 0.6707 0.0008  -0.1643 0.2032  141 ILE A CB  
366 C CG1 . ILE A 44 ? 0.6458 0.7854 0.6232 0.0093  -0.1860 0.1588  141 ILE A CG1 
367 C CG2 . ILE A 44 ? 0.6613 0.8549 0.5750 0.0108  -0.1470 0.1912  141 ILE A CG2 
368 C CD1 . ILE A 44 ? 0.7126 0.8910 0.6483 0.0317  -0.2072 0.1478  141 ILE A CD1 
369 N N   . GLU A 45 ? 0.7108 0.8590 0.7059 -0.0336 -0.1253 0.2967  142 GLU A N   
370 C CA  . GLU A 45 ? 0.6525 0.8156 0.6439 -0.0426 -0.1015 0.3309  142 GLU A CA  
371 C C   . GLU A 45 ? 0.6318 0.7580 0.6734 -0.0628 -0.0867 0.3257  142 GLU A C   
372 O O   . GLU A 45 ? 0.6862 0.8194 0.7230 -0.0676 -0.0656 0.3247  142 GLU A O   
373 C CB  . GLU A 45 ? 0.8797 1.0612 0.8665 -0.0427 -0.1056 0.3841  142 GLU A CB  
374 C CG  . GLU A 45 ? 1.1304 1.3296 1.1165 -0.0513 -0.0806 0.4228  142 GLU A CG  
375 C CD  . GLU A 45 ? 1.1714 1.4110 1.1034 -0.0394 -0.0645 0.4183  142 GLU A CD  
376 O OE1 . GLU A 45 ? 1.2681 1.5319 1.1543 -0.0217 -0.0755 0.3973  142 GLU A OE1 
377 O OE2 . GLU A 45 ? 1.1522 1.4008 1.0896 -0.0479 -0.0410 0.4351  142 GLU A OE2 
378 N N   . ALA A 46 ? 0.7102 0.7972 0.8003 -0.0742 -0.0979 0.3205  143 ALA A N   
379 C CA  . ALA A 46 ? 0.7059 0.7564 0.8430 -0.0926 -0.0858 0.3099  143 ALA A CA  
380 C C   . ALA A 46 ? 0.7459 0.7890 0.8703 -0.0899 -0.0736 0.2693  143 ALA A C   
381 O O   . ALA A 46 ? 0.5426 0.5839 0.6742 -0.0984 -0.0546 0.2715  143 ALA A O   
382 C CB  . ALA A 46 ? 0.5987 0.6093 0.7848 -0.1023 -0.1019 0.3015  143 ALA A CB  
383 N N   . GLN A 47 ? 0.7008 0.7394 0.8089 -0.0779 -0.0845 0.2316  144 GLN A N   
384 C CA  A GLN A 47 ? 0.5672 0.5955 0.6678 -0.0746 -0.0732 0.1925  144 GLN A CA  
385 C CA  B GLN A 47 ? 0.5594 0.5871 0.6611 -0.0754 -0.0727 0.1934  144 GLN A CA  
386 C C   . GLN A 47 ? 0.5000 0.5653 0.5606 -0.0666 -0.0565 0.1968  144 GLN A C   
387 O O   . GLN A 47 ? 0.5476 0.6048 0.6115 -0.0704 -0.0405 0.1813  144 GLN A O   
388 C CB  A GLN A 47 ? 0.5563 0.5757 0.6507 -0.0620 -0.0882 0.1520  144 GLN A CB  
389 C CB  B GLN A 47 ? 0.5594 0.5734 0.6596 -0.0644 -0.0874 0.1522  144 GLN A CB  
390 C CG  A GLN A 47 ? 0.5614 0.5393 0.6997 -0.0698 -0.1026 0.1378  144 GLN A CG  
391 C CG  B GLN A 47 ? 0.5469 0.5240 0.6905 -0.0729 -0.1032 0.1480  144 GLN A CG  
392 C CD  A GLN A 47 ? 0.5654 0.5371 0.6992 -0.0562 -0.1155 0.0952  144 GLN A CD  
393 C CD  B GLN A 47 ? 0.6166 0.5800 0.7641 -0.0621 -0.1177 0.1065  144 GLN A CD  
394 O OE1 A GLN A 47 ? 0.4911 0.4944 0.5939 -0.0402 -0.1284 0.0907  144 GLN A OE1 
395 O OE1 B GLN A 47 ? 0.6656 0.5906 0.8530 -0.0701 -0.1243 0.0900  144 GLN A OE1 
396 N NE2 A GLN A 47 ? 0.6305 0.5621 0.7961 -0.0623 -0.1113 0.0631  144 GLN A NE2 
397 N NE2 B GLN A 47 ? 0.4805 0.4756 0.5891 -0.0440 -0.1221 0.0881  144 GLN A NE2 
398 N N   . ARG A 48 ? 0.5272 0.6338 0.5489 -0.0549 -0.0603 0.2167  145 ARG A N   
399 C CA  . ARG A 48 ? 0.5551 0.6993 0.5399 -0.0481 -0.0432 0.2239  145 ARG A CA  
400 C C   . ARG A 48 ? 0.5400 0.6795 0.5465 -0.0631 -0.0233 0.2491  145 ARG A C   
401 O O   . ARG A 48 ? 0.5003 0.6423 0.5032 -0.0640 -0.0073 0.2342  145 ARG A O   
402 C CB  . ARG A 48 ? 0.5779 0.7656 0.5203 -0.0353 -0.0496 0.2492  145 ARG A CB  
403 C CG  . ARG A 48 ? 0.8716 1.1000 0.7743 -0.0274 -0.0309 0.2535  145 ARG A CG  
404 C CD  . ARG A 48 ? 1.0146 1.2861 0.8743 -0.0164 -0.0335 0.2852  145 ARG A CD  
405 N NE  . ARG A 48 ? 1.0213 1.2906 0.8997 -0.0277 -0.0294 0.3351  145 ARG A NE  
406 C CZ  . ARG A 48 ? 1.1920 1.4709 1.0792 -0.0373 -0.0076 0.3633  145 ARG A CZ  
407 N NH1 . ARG A 48 ? 0.9949 1.2868 0.8718 -0.0370 0.0114  0.3472  145 ARG A NH1 
408 N NH2 . ARG A 48 ? 1.2193 1.4952 1.1288 -0.0472 -0.0046 0.4077  145 ARG A NH2 
409 N N   . LYS A 49 ? 0.5694 0.7034 0.6012 -0.0745 -0.0243 0.2870  146 LYS A N   
410 C CA  . LYS A 49 ? 0.6989 0.8301 0.7567 -0.0889 -0.0060 0.3094  146 LYS A CA  
411 C C   . LYS A 49 ? 0.5526 0.6475 0.6434 -0.0995 0.0000  0.2816  146 LYS A C   
412 O O   . LYS A 49 ? 0.5909 0.6906 0.6866 -0.1043 0.0167  0.2811  146 LYS A O   
413 C CB  . LYS A 49 ? 0.7603 0.8888 0.8476 -0.0996 -0.0086 0.3521  146 LYS A CB  
414 C CG  . LYS A 49 ? 1.1153 1.2821 1.1692 -0.0886 -0.0087 0.3830  146 LYS A CG  
415 C CD  . LYS A 49 ? 1.2422 1.4411 1.2705 -0.0829 0.0124  0.3851  146 LYS A CD  
416 C CE  . LYS A 49 ? 1.2570 1.4427 1.3267 -0.0911 0.0260  0.3798  146 LYS A CE  
417 N NZ  . LYS A 49 ? 1.2131 1.4270 1.2612 -0.0857 0.0445  0.3833  146 LYS A NZ  
418 N N   . ALA A 50 ? 0.4639 0.5231 0.5769 -0.1024 -0.0132 0.2573  147 ALA A N   
419 C CA  . ALA A 50 ? 0.3981 0.4218 0.5385 -0.1113 -0.0072 0.2304  147 ALA A CA  
420 C C   . ALA A 50 ? 0.5862 0.6190 0.6993 -0.1016 0.0043  0.2019  147 ALA A C   
421 O O   . ALA A 50 ? 0.4514 0.4780 0.5752 -0.1079 0.0181  0.1984  147 ALA A O   
422 C CB  . ALA A 50 ? 0.4041 0.3901 0.5688 -0.1142 -0.0225 0.2081  147 ALA A CB  
423 N N   . ILE A 51 ? 0.4379 0.4860 0.5179 -0.0858 -0.0018 0.1801  148 ILE A N   
424 C CA  . ILE A 51 ? 0.4052 0.4653 0.4610 -0.0753 0.0090  0.1529  148 ILE A CA  
425 C C   . ILE A 51 ? 0.4109 0.5033 0.4517 -0.0758 0.0259  0.1734  148 ILE A C   
426 O O   . ILE A 51 ? 0.3939 0.4837 0.4360 -0.0759 0.0387  0.1591  148 ILE A O   
427 C CB  . ILE A 51 ? 0.4280 0.5065 0.4528 -0.0578 -0.0014 0.1289  148 ILE A CB  
428 C CG1 . ILE A 51 ? 0.4184 0.4616 0.4648 -0.0575 -0.0164 0.1032  148 ILE A CG1 
429 C CG2 . ILE A 51 ? 0.6621 0.7573 0.6643 -0.0467 0.0107  0.1025  148 ILE A CG2 
430 C CD1 . ILE A 51 ? 0.4433 0.5053 0.4660 -0.0410 -0.0307 0.0818  148 ILE A CD1 
431 N N   . GLN A 52 ? 0.4363 0.5592 0.4640 -0.0758 0.0266  0.2077  149 GLN A N   
432 C CA  . GLN A 52 ? 0.6088 0.7626 0.6262 -0.0772 0.0441  0.2292  149 GLN A CA  
433 C C   . GLN A 52 ? 0.4127 0.5457 0.4679 -0.0921 0.0550  0.2358  149 GLN A C   
434 O O   . GLN A 52 ? 0.4069 0.5503 0.4594 -0.0912 0.0689  0.2284  149 GLN A O   
435 C CB  . GLN A 52 ? 0.5695 0.7540 0.5727 -0.0765 0.0438  0.2692  149 GLN A CB  
436 C CG  . GLN A 52 ? 0.9071 1.1267 0.8991 -0.0771 0.0641  0.2931  149 GLN A CG  
437 C CD  . GLN A 52 ? 1.0770 1.3226 1.0562 -0.0750 0.0649  0.3311  149 GLN A CD  
438 O OE1 . GLN A 52 ? 1.0570 1.2975 1.0358 -0.0747 0.0506  0.3478  149 GLN A OE1 
439 N NE2 . GLN A 52 ? 0.9473 1.2145 0.9182 -0.0710 0.0794  0.3359  149 GLN A NE2 
440 N N   . GLU A 53 ? 0.4297 0.5350 0.5223 -0.1056 0.0483  0.2497  150 GLU A N   
441 C CA  . GLU A 53 ? 0.4046 0.4835 0.5232 -0.1085 0.0514  0.2306  150 GLU A CA  
442 C C   . GLU A 53 ? 0.3663 0.4217 0.4882 -0.1090 0.0554  0.2001  150 GLU A C   
443 O O   . GLU A 53 ? 0.3477 0.3997 0.4717 -0.1078 0.0629  0.1873  150 GLU A O   
444 C CB  . GLU A 53 ? 0.5562 0.6083 0.6999 -0.1112 0.0393  0.2264  150 GLU A CB  
445 C CG  . GLU A 53 ? 0.7047 0.7770 0.8534 -0.1107 0.0366  0.2553  150 GLU A CG  
446 C CD  . GLU A 53 ? 0.9862 1.0352 1.1613 -0.1127 0.0254  0.2492  150 GLU A CD  
447 O OE1 . GLU A 53 ? 1.0304 1.0502 1.2130 -0.1131 0.0198  0.2217  150 GLU A OE1 
448 O OE2 . GLU A 53 ? 1.1887 1.2506 1.3752 -0.1127 0.0235  0.2704  150 GLU A OE2 
449 N N   . LEU A 54 ? 0.3640 0.4006 0.4885 -0.1110 0.0491  0.1878  151 LEU A N   
450 C CA  . LEU A 54 ? 0.3200 0.3318 0.4482 -0.1099 0.0535  0.1581  151 LEU A CA  
451 C C   . LEU A 54 ? 0.3962 0.4335 0.4986 -0.0991 0.0657  0.1471  151 LEU A C   
452 O O   . LEU A 54 ? 0.3704 0.3974 0.4811 -0.1007 0.0742  0.1361  151 LEU A O   
453 C CB  . LEU A 54 ? 0.3186 0.3033 0.4455 -0.1050 0.0424  0.1323  151 LEU A CB  
454 C CG  . LEU A 54 ? 0.3880 0.3392 0.5356 -0.1106 0.0304  0.1257  151 LEU A CG  
455 C CD1 . LEU A 54 ? 0.5093 0.4401 0.6636 -0.1086 0.0203  0.1080  151 LEU A CD1 
456 C CD2 . LEU A 54 ? 0.4498 0.3782 0.5849 -0.1059 0.0329  0.0972  151 LEU A CD2 
457 N N   . GLN A 55 ? 0.3480 0.4190 0.4188 -0.0871 0.0660  0.1481  152 GLN A N   
458 C CA  . GLN A 55 ? 0.3849 0.4816 0.4330 -0.0763 0.0777  0.1350  152 GLN A CA  
459 C C   . GLN A 55 ? 0.3497 0.4679 0.4062 -0.0826 0.0909  0.1571  152 GLN A C   
460 O O   . GLN A 55 ? 0.3648 0.4865 0.4216 -0.0794 0.1007  0.1444  152 GLN A O   
461 C CB  . GLN A 55 ? 0.4817 0.6108 0.4945 -0.0622 0.0744  0.1290  152 GLN A CB  
462 C CG  . GLN A 55 ? 0.6997 0.8086 0.7072 -0.0536 0.0626  0.0978  152 GLN A CG  
463 C CD  . GLN A 55 ? 0.9674 1.1096 0.9419 -0.0394 0.0564  0.0904  152 GLN A CD  
464 O OE1 . GLN A 55 ? 1.0615 1.2413 1.0136 -0.0365 0.0601  0.1123  152 GLN A OE1 
465 N NE2 . GLN A 55 ? 0.9717 1.1014 0.9434 -0.0300 0.0477  0.0582  152 GLN A NE2 
466 N N   . PHE A 56 ? 0.4048 0.5374 0.4714 -0.0912 0.0916  0.1903  153 PHE A N   
467 C CA  . PHE A 56 ? 0.5002 0.6406 0.5797 -0.0948 0.0997  0.2002  153 PHE A CA  
468 C C   . PHE A 56 ? 0.5194 0.6238 0.6210 -0.0987 0.0966  0.1779  153 PHE A C   
469 O O   . PHE A 56 ? 0.4853 0.5964 0.5890 -0.0969 0.1042  0.1699  153 PHE A O   
470 C CB  . PHE A 56 ? 0.4203 0.5638 0.5067 -0.0972 0.0939  0.2220  153 PHE A CB  
471 C CG  . PHE A 56 ? 0.8576 1.0040 0.9586 -0.0985 0.0994  0.2251  153 PHE A CG  
472 C CD1 . PHE A 56 ? 0.8089 0.9859 0.8968 -0.0938 0.1123  0.2309  153 PHE A CD1 
473 C CD2 . PHE A 56 ? 0.7566 0.8777 0.8836 -0.1038 0.0917  0.2211  153 PHE A CD2 
474 C CE1 . PHE A 56 ? 0.7618 0.9412 0.8669 -0.0962 0.1175  0.2345  153 PHE A CE1 
475 C CE2 . PHE A 56 ? 0.7055 0.8326 0.8471 -0.1053 0.0969  0.2244  153 PHE A CE2 
476 C CZ  . PHE A 56 ? 0.7494 0.9044 0.8819 -0.1022 0.1098  0.2320  153 PHE A CZ  
477 N N   . GLY A 57 ? 0.3363 0.4041 0.4508 -0.1030 0.0847  0.1660  154 GLY A N   
478 C CA  . GLY A 57 ? 0.3030 0.3410 0.4254 -0.1044 0.0808  0.1419  154 GLY A CA  
479 C C   . GLY A 57 ? 0.3003 0.3380 0.4167 -0.1009 0.0885  0.1274  154 GLY A C   
480 O O   . GLY A 57 ? 0.3100 0.3440 0.4284 -0.1002 0.0899  0.1172  154 GLY A O   
481 N N   . ASN A 58 ? 0.2899 0.3334 0.4011 -0.0978 0.0943  0.1268  155 ASN A N   
482 C CA  . ASN A 58 ? 0.2808 0.3192 0.3856 -0.0895 0.1024  0.1057  155 ASN A CA  
483 C C   . ASN A 58 ? 0.2857 0.3585 0.3817 -0.0834 0.1137  0.1090  155 ASN A C   
484 O O   . ASN A 58 ? 0.2756 0.3412 0.3744 -0.0791 0.1187  0.0947  155 ASN A O   
485 C CB  . ASN A 58 ? 0.2901 0.3219 0.3739 -0.0777 0.0978  0.0828  155 ASN A CB  
486 C CG  . ASN A 58 ? 0.4905 0.4824 0.5874 -0.0830 0.0877  0.0730  155 ASN A CG  
487 O OD1 . ASN A 58 ? 0.4138 0.3739 0.5311 -0.0915 0.0872  0.0705  155 ASN A OD1 
488 N ND2 . ASN A 58 ? 0.4385 0.4327 0.5245 -0.0776 0.0796  0.0663  155 ASN A ND2 
489 N N   . GLU A 59 ? 0.3027 0.4128 0.3887 -0.0826 0.1183  0.1282  156 GLU A N   
490 C CA  . GLU A 59 ? 0.3073 0.4503 0.3899 -0.0786 0.1306  0.1328  156 GLU A CA  
491 C C   . GLU A 59 ? 0.2979 0.4247 0.4013 -0.0853 0.1268  0.1320  156 GLU A C   
492 O O   . GLU A 59 ? 0.2907 0.4251 0.3983 -0.0815 0.1330  0.1228  156 GLU A O   
493 C CB  . GLU A 59 ? 0.3591 0.5422 0.4240 -0.0764 0.1363  0.1529  156 GLU A CB  
494 C CG  . GLU A 59 ? 0.3774 0.5732 0.4083 -0.0633 0.1331  0.1367  156 GLU A CG  
495 C CD  . GLU A 59 ? 0.6668 0.9046 0.6744 -0.0595 0.1391  0.1561  156 GLU A CD  
496 O OE1 . GLU A 59 ? 0.8084 1.0568 0.8265 -0.0671 0.1434  0.1824  156 GLU A OE1 
497 O OE2 . GLU A 59 ? 0.8299 1.0856 0.8079 -0.0475 0.1380  0.1408  156 GLU A OE2 
498 N N   . LYS A 60 ? 0.2991 0.4048 0.4140 -0.0932 0.1151  0.1378  157 LYS A N   
499 C CA  . LYS A 60 ? 0.2916 0.3853 0.4218 -0.0972 0.1099  0.1319  157 LYS A CA  
500 C C   . LYS A 60 ? 0.2725 0.3442 0.4049 -0.0960 0.1051  0.1129  157 LYS A C   
501 O O   . LYS A 60 ? 0.2662 0.3437 0.4071 -0.0947 0.1069  0.1080  157 LYS A O   
502 C CB  . LYS A 60 ? 0.3651 0.4428 0.5045 -0.1028 0.0994  0.1377  157 LYS A CB  
503 C CG  . LYS A 60 ? 0.4176 0.5188 0.5590 -0.1032 0.1045  0.1602  157 LYS A CG  
504 C CD  . LYS A 60 ? 0.5600 0.6470 0.7107 -0.1069 0.0949  0.1680  157 LYS A CD  
505 C CE  . LYS A 60 ? 0.6638 0.7386 0.8328 -0.1102 0.0895  0.1613  157 LYS A CE  
506 N NZ  . LYS A 60 ? 0.7891 0.8555 0.9677 -0.1122 0.0825  0.1700  157 LYS A NZ  
507 N N   . VAL A 61 ? 0.2923 0.3387 0.4179 -0.0954 0.0985  0.1027  158 VAL A N   
508 C CA  . VAL A 61 ? 0.2537 0.2774 0.3791 -0.0913 0.0937  0.0862  158 VAL A CA  
509 C C   . VAL A 61 ? 0.2472 0.2859 0.3740 -0.0832 0.1084  0.0818  158 VAL A C   
510 O O   . VAL A 61 ? 0.2494 0.2818 0.3816 -0.0795 0.1086  0.0740  158 VAL A O   
511 C CB  . VAL A 61 ? 0.2458 0.2394 0.3632 -0.0896 0.0852  0.0754  158 VAL A CB  
512 C CG1 . VAL A 61 ? 0.2429 0.2122 0.3575 -0.0816 0.0818  0.0584  158 VAL A CG1 
513 C CG2 . VAL A 61 ? 0.2756 0.2571 0.3893 -0.0957 0.0717  0.0769  158 VAL A CG2 
514 N N   . SER A 62 ? 0.3094 0.3706 0.4294 -0.0785 0.1227  0.0855  159 SER A N   
515 C CA  . SER A 62 ? 0.2600 0.3377 0.3730 -0.0667 0.1353  0.0736  159 SER A CA  
516 C C   . SER A 62 ? 0.2889 0.3921 0.4154 -0.0675 0.1400  0.0816  159 SER A C   
517 O O   . SER A 62 ? 0.2487 0.3484 0.3795 -0.0607 0.1433  0.0700  159 SER A O   
518 C CB  . SER A 62 ? 0.2825 0.3838 0.3717 -0.0574 0.1389  0.0679  159 SER A CB  
519 O OG  . SER A 62 ? 0.6406 0.7586 0.7207 -0.0448 0.1464  0.0520  159 SER A OG  
520 N N   . LEU A 63 ? 0.2638 0.3876 0.3935 -0.0747 0.1368  0.0970  160 LEU A N   
521 C CA  . LEU A 63 ? 0.2891 0.4319 0.4322 -0.0754 0.1391  0.0998  160 LEU A CA  
522 C C   . LEU A 63 ? 0.2514 0.3721 0.4105 -0.0780 0.1294  0.0928  160 LEU A C   
523 O O   . LEU A 63 ? 0.2465 0.3785 0.4178 -0.0735 0.1335  0.0881  160 LEU A O   
524 C CB  . LEU A 63 ? 0.4481 0.6065 0.5944 -0.0820 0.1390  0.1153  160 LEU A CB  
525 C CG  . LEU A 63 ? 0.6660 0.8520 0.7945 -0.0779 0.1493  0.1248  160 LEU A CG  
526 C CD1 . LEU A 63 ? 0.5320 0.7258 0.6653 -0.0840 0.1487  0.1429  160 LEU A CD1 
527 C CD2 . LEU A 63 ? 0.7880 1.0032 0.9100 -0.0681 0.1620  0.1161  160 LEU A CD2 
528 N N   . LYS A 64 ? 0.2467 0.3375 0.4054 -0.0841 0.1159  0.0912  161 LYS A N   
529 C CA  . LYS A 64 ? 0.2368 0.3089 0.4058 -0.0848 0.1066  0.0834  161 LYS A CA  
530 C C   . LYS A 64 ? 0.2859 0.3441 0.4532 -0.0758 0.1115  0.0713  161 LYS A C   
531 O O   . LYS A 64 ? 0.2240 0.2851 0.4045 -0.0728 0.1128  0.0670  161 LYS A O   
532 C CB  . LYS A 64 ? 0.2353 0.2799 0.3978 -0.0903 0.0919  0.0804  161 LYS A CB  
533 C CG  . LYS A 64 ? 0.3090 0.3625 0.4767 -0.0974 0.0892  0.0900  161 LYS A CG  
534 C CD  . LYS A 64 ? 0.3254 0.3988 0.5144 -0.0990 0.0923  0.0938  161 LYS A CD  
535 C CE  . LYS A 64 ? 0.5520 0.6340 0.7511 -0.1046 0.0922  0.1040  161 LYS A CE  
536 N NZ  . LYS A 64 ? 0.6636 0.7667 0.8865 -0.1058 0.0968  0.1076  161 LYS A NZ  
537 N N   . LEU A 65 ? 0.2292 0.2691 0.3816 -0.0711 0.1153  0.0640  162 LEU A N   
538 C CA  . LEU A 65 ? 0.2265 0.2477 0.3753 -0.0617 0.1237  0.0496  162 LEU A CA  
539 C C   . LEU A 65 ? 0.2294 0.2796 0.3817 -0.0520 0.1339  0.0460  162 LEU A C   
540 O O   . LEU A 65 ? 0.2290 0.2706 0.3821 -0.0440 0.1319  0.0367  162 LEU A O   
541 C CB  . LEU A 65 ? 0.2358 0.2343 0.3686 -0.0580 0.1283  0.0394  162 LEU A CB  
542 C CG  . LEU A 65 ? 0.3250 0.2886 0.4487 -0.0607 0.1129  0.0345  162 LEU A CG  
543 C CD1 . LEU A 65 ? 0.2447 0.1953 0.3588 -0.0588 0.1174  0.0269  162 LEU A CD1 
544 C CD2 . LEU A 65 ? 0.4080 0.3435 0.5268 -0.0540 0.1102  0.0223  162 LEU A CD2 
545 N N   . GLU A 66 ? 0.2357 0.3204 0.3858 -0.0505 0.1411  0.0521  163 GLU A N   
546 C CA  . GLU A 66 ? 0.2403 0.3540 0.3924 -0.0403 0.1477  0.0464  163 GLU A CA  
547 C C   . GLU A 66 ? 0.2340 0.3603 0.4115 -0.0437 0.1453  0.0523  163 GLU A C   
548 O O   . GLU A 66 ? 0.2349 0.3666 0.4161 -0.0336 0.1453  0.0421  163 GLU A O   
549 C CB  . GLU A 66 ? 0.2788 0.4289 0.4243 -0.0398 0.1570  0.0529  163 GLU A CB  
550 C CG  . GLU A 66 ? 0.3958 0.5385 0.5165 -0.0329 0.1586  0.0417  163 GLU A CG  
551 C CD  . GLU A 66 ? 0.9322 1.1122 1.0420 -0.0318 0.1671  0.0475  163 GLU A CD  
552 O OE1 . GLU A 66 ? 1.1544 1.3641 1.2763 -0.0375 0.1731  0.0630  163 GLU A OE1 
553 O OE2 . GLU A 66 ? 1.2599 1.4403 1.3497 -0.0252 0.1680  0.0364  163 GLU A OE2 
554 N N   . GLU A 67 ? 0.2293 0.3596 0.4247 -0.0571 0.1408  0.0667  164 GLU A N   
555 C CA  . GLU A 67 ? 0.2246 0.3654 0.4452 -0.0601 0.1357  0.0687  164 GLU A CA  
556 C C   . GLU A 67 ? 0.2178 0.3323 0.4425 -0.0556 0.1292  0.0574  164 GLU A C   
557 O O   . GLU A 67 ? 0.2182 0.3425 0.4534 -0.0481 0.1261  0.0502  164 GLU A O   
558 C CB  . GLU A 67 ? 0.3155 0.4559 0.5418 -0.0727 0.1255  0.0791  164 GLU A CB  
559 C CG  . GLU A 67 ? 0.2419 0.4077 0.4636 -0.0763 0.1323  0.0897  164 GLU A CG  
560 C CD  . GLU A 67 ? 0.4301 0.5930 0.6605 -0.0866 0.1255  0.0986  164 GLU A CD  
561 O OE1 . GLU A 67 ? 0.4440 0.5854 0.6802 -0.0909 0.1140  0.0954  164 GLU A OE1 
562 O OE2 . GLU A 67 ? 0.6712 0.8537 0.9025 -0.0891 0.1329  0.1080  164 GLU A OE2 
563 N N   . GLY A 68 ? 0.2549 0.3337 0.4656 -0.0588 0.1236  0.0542  165 GLY A N   
564 C CA  . GLY A 68 ? 0.3119 0.3610 0.5151 -0.0532 0.1154  0.0425  165 GLY A CA  
565 C C   . GLY A 68 ? 0.2255 0.2704 0.4102 -0.0354 0.1172  0.0295  165 GLY A C   
566 O O   . GLY A 68 ? 0.2289 0.2697 0.4160 -0.0275 0.1111  0.0230  165 GLY A O   
567 N N   . ILE A 69 ? 0.3183 0.3658 0.4864 -0.0282 0.1253  0.0253  166 ILE A N   
568 C CA  . ILE A 69 ? 0.3122 0.3590 0.4688 -0.0113 0.1284  0.0127  166 ILE A CA  
569 C C   . ILE A 69 ? 0.2991 0.3793 0.4741 -0.0054 0.1285  0.0126  166 ILE A C   
570 O O   . ILE A 69 ? 0.3692 0.4429 0.5434 0.0065  0.1243  0.0048  166 ILE A O   
571 C CB  . ILE A 69 ? 0.2434 0.2903 0.3837 -0.0054 0.1374  0.0057  166 ILE A CB  
572 C CG1 . ILE A 69 ? 0.4564 0.4610 0.5797 -0.0046 0.1362  -0.0009 166 ILE A CG1 
573 C CG2 . ILE A 69 ? 0.4045 0.4707 0.5455 0.0097  0.1433  -0.0048 166 ILE A CG2 
574 C CD1 . ILE A 69 ? 0.6605 0.6615 0.7716 0.0005  0.1432  -0.0102 166 ILE A CD1 
575 N N   . GLN A 70 ? 0.4205 0.5898 0.5249 -0.1057 0.1708  0.1223  167 GLN A N   
576 C CA  . GLN A 70 ? 0.3464 0.5261 0.4695 -0.1203 0.1798  0.1020  167 GLN A CA  
577 C C   . GLN A 70 ? 0.4098 0.5834 0.5599 -0.0978 0.1683  0.1107  167 GLN A C   
578 O O   . GLN A 70 ? 0.4967 0.6795 0.6834 -0.0940 0.1651  0.1028  167 GLN A O   
579 C CB  . GLN A 70 ? 0.4372 0.6177 0.5307 -0.1372 0.1902  0.0949  167 GLN A CB  
580 C CG  . GLN A 70 ? 1.0712 1.2572 1.1371 -0.1559 0.1955  0.0832  167 GLN A CG  
581 C CD  . GLN A 70 ? 1.0766 1.3060 1.1334 -0.1575 0.1855  0.1077  167 GLN A CD  
582 O OE1 . GLN A 70 ? 0.8925 1.1051 0.9482 -0.1534 0.1916  0.1085  167 GLN A OE1 
583 N NE2 . GLN A 70 ? 0.7800 1.0006 0.8884 -0.1119 0.2133  0.1525  167 GLN A NE2 
584 N N   . GLU A 71 ? 0.3221 0.4801 0.4551 -0.0819 0.1624  0.1276  168 GLU A N   
585 C CA  . GLU A 71 ? 0.3006 0.4533 0.4554 -0.0630 0.1535  0.1346  168 GLU A CA  
586 C C   . GLU A 71 ? 0.2696 0.4306 0.4572 -0.0463 0.1372  0.1425  168 GLU A C   
587 O O   . GLU A 71 ? 0.2546 0.4160 0.4712 -0.0403 0.1347  0.1375  168 GLU A O   
588 C CB  . GLU A 71 ? 0.3052 0.4466 0.4383 -0.0471 0.1469  0.1533  168 GLU A CB  
589 C CG  . GLU A 71 ? 0.4780 0.6061 0.5793 -0.0599 0.1611  0.1500  168 GLU A CG  
590 C CD  . GLU A 71 ? 0.8411 0.9661 0.9524 -0.0719 0.1734  0.1340  168 GLU A CD  
591 O OE1 . GLU A 71 ? 0.8147 0.9425 0.9562 -0.0626 0.1686  0.1303  168 GLU A OE1 
592 O OE2 . GLU A 71 ? 0.7787 0.9019 0.8685 -0.0897 0.1859  0.1277  168 GLU A OE2 
593 N N   . ASN A 72 ? 0.2614 0.4303 0.4442 -0.0381 0.1245  0.1568  169 ASN A N   
594 C CA  . ASN A 72 ? 0.2336 0.4115 0.4438 -0.0215 0.1061  0.1690  169 ASN A CA  
595 C C   . ASN A 72 ? 0.3621 0.5428 0.6028 -0.0327 0.1127  0.1513  169 ASN A C   
596 O O   . ASN A 72 ? 0.2889 0.4687 0.5591 -0.0215 0.1034  0.1550  169 ASN A O   
597 C CB  . ASN A 72 ? 0.2275 0.4190 0.4241 -0.0128 0.0906  0.1875  169 ASN A CB  
598 C CG  . ASN A 72 ? 0.2902 0.4934 0.5104 0.0062  0.0678  0.2055  169 ASN A CG  
599 O OD1 . ASN A 72 ? 0.4445 0.6406 0.6865 0.0141  0.0630  0.2074  169 ASN A OD1 
600 N ND2 . ASN A 72 ? 0.9864 1.2077 1.2000 0.0115  0.0539  0.2188  169 ASN A ND2 
601 N N   . LYS A 73 ? 0.2939 0.4794 0.5283 -0.0554 0.1289  0.1315  170 LYS A N   
602 C CA  . LYS A 73 ? 0.2924 0.4872 0.5580 -0.0651 0.1332  0.1153  170 LYS A CA  
603 C C   . LYS A 73 ? 0.3378 0.5320 0.6324 -0.0654 0.1400  0.1010  170 LYS A C   
604 O O   . LYS A 73 ? 0.3911 0.5864 0.7226 -0.0603 0.1367  0.0958  170 LYS A O   
605 C CB  . LYS A 73 ? 0.5060 0.7132 0.7531 -0.0900 0.1464  0.1006  170 LYS A CB  
606 C CG  . LYS A 73 ? 0.8853 1.1066 1.1625 -0.0992 0.1481  0.0878  170 LYS A CG  
607 C CD  . LYS A 73 ? 0.9517 1.1906 1.2037 -0.1246 0.1575  0.0785  170 LYS A CD  
608 C CE  . LYS A 73 ? 1.0427 1.3033 1.2915 -0.1404 0.1681  0.0730  170 LYS A CE  
609 N NZ  . LYS A 73 ? 1.0374 1.2932 1.2446 -0.1444 0.1718  0.0775  170 LYS A NZ  
610 N N   . ASP A 74 ? 0.3487 0.5383 0.6284 -0.0693 0.1487  0.0964  171 ASP A N   
611 C CA  . ASP A 74 ? 0.4052 0.5922 0.7139 -0.0653 0.1525  0.0864  171 ASP A CA  
612 C C   . ASP A 74 ? 0.4952 0.6745 0.8308 -0.0448 0.1373  0.0984  171 ASP A C   
613 O O   . ASP A 74 ? 0.5607 0.7390 0.9281 -0.0413 0.1384  0.0899  171 ASP A O   
614 C CB  . ASP A 74 ? 0.3041 0.4864 0.5918 -0.0713 0.1624  0.0826  171 ASP A CB  
615 C CG  . ASP A 74 ? 0.7446 0.9361 1.0125 -0.0911 0.1771  0.0727  171 ASP A CG  
616 O OD1 . ASP A 74 ? 0.9081 1.1097 1.1915 -0.0993 0.1825  0.0628  171 ASP A OD1 
617 O OD2 . ASP A 74 ? 0.9176 1.1048 1.1562 -0.0970 0.1831  0.0765  171 ASP A OD2 
618 N N   . LEU A 75 ? 0.2652 0.4398 0.5879 -0.0309 0.1223  0.1201  172 LEU A N   
619 C CA  . LEU A 75 ? 0.4825 0.6513 0.8224 -0.0128 0.1060  0.1367  172 LEU A CA  
620 C C   . LEU A 75 ? 0.5765 0.7453 0.9441 -0.0071 0.0954  0.1429  172 LEU A C   
621 O O   . LEU A 75 ? 0.4756 0.6380 0.8601 0.0034  0.0840  0.1552  172 LEU A O   
622 C CB  . LEU A 75 ? 0.2353 0.4007 0.5469 0.0006  0.0929  0.1609  172 LEU A CB  
623 C CG  . LEU A 75 ? 0.2461 0.4077 0.5314 -0.0014 0.1014  0.1590  172 LEU A CG  
624 C CD1 . LEU A 75 ? 0.2633 0.4261 0.5272 0.0152  0.0865  0.1830  172 LEU A CD1 
625 C CD2 . LEU A 75 ? 0.2695 0.4271 0.5680 -0.0043 0.1090  0.1471  172 LEU A CD2 
626 N N   . ILE A 76 ? 0.5511 0.7264 0.9211 -0.0160 0.0997  0.1356  173 ILE A N   
627 C CA  . ILE A 76 ? 0.4735 0.6475 0.8681 -0.0113 0.0902  0.1423  173 ILE A CA  
628 C C   . ILE A 76 ? 0.4283 0.6023 0.8617 -0.0183 0.1012  0.1207  173 ILE A C   
629 O O   . ILE A 76 ? 0.5777 0.7571 1.0115 -0.0306 0.1175  0.0994  173 ILE A O   
630 C CB  . ILE A 76 ? 0.5421 0.7243 0.9174 -0.0170 0.0876  0.1475  173 ILE A CB  
631 C CG1 . ILE A 76 ? 0.5140 0.6965 0.8531 -0.0063 0.0745  0.1721  173 ILE A CG1 
632 C CG2 . ILE A 76 ? 0.8173 0.9975 1.2197 -0.0136 0.0788  0.1535  173 ILE A CG2 
633 C CD1 . ILE A 76 ? 0.4645 0.6584 0.7795 -0.0136 0.0737  0.1756  173 ILE A CD1 
634 I I   . IOD B .  ? 1.0914 1.3585 1.1425 -0.0571 0.1052  0.4145  201 IOD A I   
635 I I   . IOD C .  ? 1.3977 1.3975 1.4974 0.0533  0.0524  -0.0255 202 IOD A I   
636 C C1  . PGE D .  ? 1.0218 1.0395 1.1491 -0.0247 0.0669  0.4105  203 PGE A C1  
637 O O1  . PGE D .  ? 1.1886 1.1900 1.2907 -0.0048 0.0715  0.3997  203 PGE A O1  
638 C C2  . PGE D .  ? 0.9083 0.9529 0.9948 -0.0314 0.0859  0.3900  203 PGE A C2  
639 O O2  . PGE D .  ? 0.9734 1.0390 1.0825 -0.0466 0.0826  0.4014  203 PGE A O2  
640 C C3  . PGE D .  ? 0.8201 0.9011 0.8968 -0.0494 0.0940  0.3851  203 PGE A C3  
641 C C4  . PGE D .  ? 0.7649 0.8734 0.8660 -0.0621 0.0908  0.3997  203 PGE A C4  
642 O O4  . PGE D .  ? 1.0631 1.1300 1.2842 -0.0695 0.0364  0.4634  203 PGE A O4  
643 C C6  . PGE D .  ? 0.9365 1.0388 1.1430 -0.0782 0.0492  0.4587  203 PGE A C6  
644 C C5  . PGE D .  ? 1.0503 1.1571 1.2302 -0.0741 0.0620  0.4433  203 PGE A C5  
645 O O3  . PGE D .  ? 0.7167 0.8278 0.8430 -0.0675 0.0814  0.4158  203 PGE A O3  
646 O O   . HOH E .  ? 0.7341 1.0489 1.0498 -0.0154 0.1094  0.2306  301 HOH A O   
647 O O   . HOH E .  ? 0.4428 0.8671 0.9043 -0.0254 0.0924  0.1325  302 HOH A O   
648 O O   . HOH E .  ? 0.3668 0.5582 0.8168 -0.1107 -0.0156 -0.0749 303 HOH A O   
649 O O   . HOH E .  ? 0.4248 0.6773 0.9919 -0.1338 0.0082  0.0591  304 HOH A O   
650 O O   . HOH E .  ? 0.3888 0.7084 0.9200 -0.0922 0.0444  0.1215  305 HOH A O   
651 O O   . HOH E .  ? 0.6481 1.0683 1.0587 0.0522  0.0801  0.0080  306 HOH A O   
652 O O   . HOH E .  ? 0.4687 0.8314 0.8713 0.0172  0.0817  0.0223  307 HOH A O   
653 O O   . HOH E .  ? 0.6631 0.8783 0.5950 -0.0414 0.1101  0.3505  308 HOH A O   
654 O O   . HOH E .  ? 0.4664 0.6686 0.9599 -0.0882 0.0146  0.1423  309 HOH A O   
655 O O   . HOH E .  ? 0.8753 0.9114 0.7288 -0.0076 0.1285  0.2310  310 HOH A O   
656 O O   . HOH E .  ? 0.7500 0.8448 0.6099 -0.0213 0.1262  0.2676  311 HOH A O   
657 O O   . HOH E .  ? 0.6054 0.5685 0.9947 -0.0343 -0.0418 0.1028  312 HOH A O   
658 O O   . HOH E .  ? 0.7193 1.0851 1.1672 -0.0361 0.0831  0.1328  313 HOH A O   
659 O O   . HOH E .  ? 0.6403 0.9098 0.9863 0.0338  0.0488  -0.0473 314 HOH A O   
660 O O   . HOH E .  ? 0.7149 0.7153 0.9038 -0.0238 0.0640  0.3669  315 HOH A O   
661 O O   . HOH E .  ? 0.6425 0.6840 1.0942 -0.0690 -0.0334 0.0973  316 HOH A O   
662 O O   . HOH E .  ? 0.7897 0.7136 0.9423 0.0351  0.0312  0.2728  317 HOH A O   
663 O O   . HOH E .  ? 0.5256 0.7933 1.0717 -0.1085 0.0129  0.1901  318 HOH A O   
664 O O   . HOH E .  ? 0.8028 1.0066 0.6726 -0.0443 0.1124  0.3308  319 HOH A O   
665 O O   . HOH E .  ? 0.6220 0.7479 0.6892 0.0753  0.1073  -0.0067 320 HOH A O   
666 O O   . HOH E .  ? 0.5653 0.7743 0.9510 -0.0429 0.0215  -0.0546 321 HOH A O   
667 O O   . HOH E .  ? 0.6428 0.6085 0.9579 -0.0045 -0.0178 0.0103  322 HOH A O   
668 O O   . HOH E .  ? 0.9087 0.9476 0.7701 0.0102  0.1220  0.2471  323 HOH A O   
669 O O   . HOH E .  ? 0.5054 0.7142 1.1743 -0.1766 -0.0706 0.2364  324 HOH A O   
670 O O   . HOH E .  ? 0.7161 0.9655 0.8163 -0.0605 0.1248  0.3981  325 HOH A O   
671 O O   . HOH E .  ? 0.5072 0.8381 1.1842 -0.1741 -0.0306 0.2812  326 HOH A O   
672 O O   . HOH E .  ? 0.6750 0.6329 0.9015 0.0269  0.0106  0.0124  327 HOH A O   
673 O O   . HOH E .  ? 0.5454 0.7974 0.8056 0.0715  0.0687  -0.0492 328 HOH A O   
674 O O   . HOH E .  ? 0.7056 0.9850 1.0224 0.0407  0.0754  -0.0210 329 HOH A O   
675 O O   . HOH E .  ? 0.7334 1.1062 0.7679 -0.0688 0.0985  0.4400  330 HOH A O   
676 O O   . HOH E .  ? 0.5120 0.7457 0.7967 0.0514  0.0545  -0.0565 331 HOH A O   
677 O O   . HOH E .  ? 0.6863 0.5948 0.9030 0.0638  -0.0335 -0.0408 332 HOH A O   
# 
